data_1ZWN
# 
_entry.id   1ZWN 
# 
_audit_conform.dict_name       mmcif_pdbx.dic 
_audit_conform.dict_version    5.397 
_audit_conform.dict_location   http://mmcif.pdb.org/dictionaries/ascii/mmcif_pdbx.dic 
# 
loop_
_database_2.database_id 
_database_2.database_code 
_database_2.pdbx_database_accession 
_database_2.pdbx_DOI 
PDB   1ZWN         pdb_00001zwn 10.2210/pdb1zwn/pdb 
RCSB  RCSB033203   ?            ?                   
WWPDB D_1000033203 ?            ?                   
# 
loop_
_pdbx_audit_revision_history.ordinal 
_pdbx_audit_revision_history.data_content_type 
_pdbx_audit_revision_history.major_revision 
_pdbx_audit_revision_history.minor_revision 
_pdbx_audit_revision_history.revision_date 
1 'Structure model' 1 0 2006-10-17 
2 'Structure model' 1 1 2008-04-30 
3 'Structure model' 1 2 2011-07-13 
4 'Structure model' 1 3 2012-02-29 
5 'Structure model' 1 4 2023-10-25 
6 'Structure model' 1 5 2024-10-16 
# 
_pdbx_audit_revision_details.ordinal             1 
_pdbx_audit_revision_details.revision_ordinal    1 
_pdbx_audit_revision_details.data_content_type   'Structure model' 
_pdbx_audit_revision_details.provider            repository 
_pdbx_audit_revision_details.type                'Initial release' 
_pdbx_audit_revision_details.description         ? 
_pdbx_audit_revision_details.details             ? 
# 
loop_
_pdbx_audit_revision_group.ordinal 
_pdbx_audit_revision_group.revision_ordinal 
_pdbx_audit_revision_group.data_content_type 
_pdbx_audit_revision_group.group 
1 2 'Structure model' 'Version format compliance' 
2 3 'Structure model' 'Version format compliance' 
3 4 'Structure model' Other                       
4 5 'Structure model' Advisory                    
5 5 'Structure model' 'Data collection'           
6 5 'Structure model' 'Database references'       
7 5 'Structure model' 'Derived calculations'      
8 5 'Structure model' 'Refinement description'    
9 6 'Structure model' 'Structure summary'         
# 
loop_
_pdbx_audit_revision_category.ordinal 
_pdbx_audit_revision_category.revision_ordinal 
_pdbx_audit_revision_category.data_content_type 
_pdbx_audit_revision_category.category 
1  5 'Structure model' chem_comp_atom                
2  5 'Structure model' chem_comp_bond                
3  5 'Structure model' database_2                    
4  5 'Structure model' pdbx_initial_refinement_model 
5  5 'Structure model' pdbx_unobs_or_zero_occ_atoms  
6  5 'Structure model' struct_conn                   
7  5 'Structure model' struct_ref_seq_dif            
8  5 'Structure model' struct_site                   
9  6 'Structure model' pdbx_entry_details            
10 6 'Structure model' pdbx_modification_feature     
# 
loop_
_pdbx_audit_revision_item.ordinal 
_pdbx_audit_revision_item.revision_ordinal 
_pdbx_audit_revision_item.data_content_type 
_pdbx_audit_revision_item.item 
1 5 'Structure model' '_database_2.pdbx_DOI'                
2 5 'Structure model' '_database_2.pdbx_database_accession' 
3 5 'Structure model' '_struct_conn.pdbx_leaving_atom_flag' 
4 5 'Structure model' '_struct_ref_seq_dif.details'         
5 5 'Structure model' '_struct_site.pdbx_auth_asym_id'      
6 5 'Structure model' '_struct_site.pdbx_auth_comp_id'      
7 5 'Structure model' '_struct_site.pdbx_auth_seq_id'       
# 
_pdbx_database_status.status_code                     REL 
_pdbx_database_status.entry_id                        1ZWN 
_pdbx_database_status.recvd_initial_deposition_date   2005-06-03 
_pdbx_database_status.deposit_site                    RCSB 
_pdbx_database_status.process_site                    PDBJ 
_pdbx_database_status.status_code_sf                  REL 
_pdbx_database_status.status_code_mr                  ? 
_pdbx_database_status.SG_entry                        ? 
_pdbx_database_status.status_code_cs                  ? 
_pdbx_database_status.methods_development_category    ? 
_pdbx_database_status.pdb_format_compatible           Y 
_pdbx_database_status.status_code_nmr_data            ? 
# 
loop_
_pdbx_database_related.db_name 
_pdbx_database_related.db_id 
_pdbx_database_related.details 
_pdbx_database_related.content_type 
PDB 2CUU 'The same protein and site, 4-methyl substituted R1A.' unspecified 
PDB 1ZUR .                                                      unspecified 
# 
loop_
_audit_author.name 
_audit_author.pdbx_ordinal 
'Fleissner, M.R.' 1 
'Cascio, D.'      2 
'Sawaya, M.R.'    3 
'Hideg, K.'       4 
'Hubbell, W.L.'   5 
# 
loop_
_citation.id 
_citation.title 
_citation.journal_abbrev 
_citation.journal_volume 
_citation.page_first 
_citation.page_last 
_citation.year 
_citation.journal_id_ASTM 
_citation.country 
_citation.journal_id_ISSN 
_citation.journal_id_CSD 
_citation.book_publisher 
_citation.pdbx_database_id_PubMed 
_citation.pdbx_database_id_DOI 
primary 'Crystal structure of spin labeled T4 Lysozyme (V131R1B)' 'To be Published' ?  ?    ?    ?    ?      ?  ?         0353 ? ? 
?                 
1       
'Crystal structures of spin labeled T4 lysozyme mutants: implications for the interpretation of EPR spectra in terms of structure' 
Biochemistry      39 8396 8405 2000 BICHAW US 0006-2960 0033 ? 10913245 10.1021/bi000604f 
# 
loop_
_citation_author.citation_id 
_citation_author.name 
_citation_author.ordinal 
_citation_author.identifier_ORCID 
primary 'Fleissner, M.R.' 1 ? 
primary 'Cascio, D.'      2 ? 
primary 'Sawaya, M.R.'    3 ? 
primary 'Hideg, K.'       4 ? 
primary 'Hubbell, W.L.'   5 ? 
1       'Langen, R.'      6 ? 
1       'Oh, K.J.'        7 ? 
1       'Cascio, D.'      8 ? 
1       'Hubbell, W.L.'   9 ? 
# 
loop_
_entity.id 
_entity.type 
_entity.src_method 
_entity.pdbx_description 
_entity.formula_weight 
_entity.pdbx_number_of_molecules 
_entity.pdbx_ec 
_entity.pdbx_mutation 
_entity.pdbx_fragment 
_entity.details 
1 polymer     man Lysozyme                                                                                    18632.375 1   
3.2.1.17 'C54T, C97A, V131C' ? ? 
2 non-polymer syn 'S-[(1-oxyl-2,2,4,5,5-pentamethyl-2,5-dihydro-1H-pyrrol-3-yl)methyl] methanesulfonothioate' 278.411   1   ? ? ? 
? 
3 non-polymer syn 'AZIDE ION'                                                                                 42.020    2   ? ? ? 
? 
4 non-polymer syn 'CHLORIDE ION'                                                                              35.453    3   ? ? ? 
? 
5 non-polymer syn '2-HYDROXYETHYL DISULFIDE'                                                                  154.251   1   ? ? ? 
? 
6 water       nat water                                                                                       18.015    214 ? ? ? 
? 
# 
_entity_name_com.entity_id   1 
_entity_name_com.name        'Lysis protein, Muramidase, Endolysin' 
# 
_entity_poly.entity_id                      1 
_entity_poly.type                           'polypeptide(L)' 
_entity_poly.nstd_linkage                   no 
_entity_poly.nstd_monomer                   no 
_entity_poly.pdbx_seq_one_letter_code       
;MNIFEMLRIDEGLRLKIYKDTEGYYTIGIGHLLTKSPSLNAAKSELDKAIGRNTNGVITKDEAEKLFNQDVDAAVRGILR
NAKLKPVYDSLDAVRRAALINMVFQMGETGVAGFTNSLRMLQQKRWDEAACNLAKSRWYNQTPNRAKRVITTFRTGTWDA
YKNL
;
_entity_poly.pdbx_seq_one_letter_code_can   
;MNIFEMLRIDEGLRLKIYKDTEGYYTIGIGHLLTKSPSLNAAKSELDKAIGRNTNGVITKDEAEKLFNQDVDAAVRGILR
NAKLKPVYDSLDAVRRAALINMVFQMGETGVAGFTNSLRMLQQKRWDEAACNLAKSRWYNQTPNRAKRVITTFRTGTWDA
YKNL
;
_entity_poly.pdbx_strand_id                 A 
_entity_poly.pdbx_target_identifier         ? 
# 
loop_
_pdbx_entity_nonpoly.entity_id 
_pdbx_entity_nonpoly.name 
_pdbx_entity_nonpoly.comp_id 
2 'S-[(1-oxyl-2,2,4,5,5-pentamethyl-2,5-dihydro-1H-pyrrol-3-yl)methyl] methanesulfonothioate' R1B 
3 'AZIDE ION'                                                                                 AZI 
4 'CHLORIDE ION'                                                                              CL  
5 '2-HYDROXYETHYL DISULFIDE'                                                                  HED 
6 water                                                                                       HOH 
# 
loop_
_entity_poly_seq.entity_id 
_entity_poly_seq.num 
_entity_poly_seq.mon_id 
_entity_poly_seq.hetero 
1 1   MET n 
1 2   ASN n 
1 3   ILE n 
1 4   PHE n 
1 5   GLU n 
1 6   MET n 
1 7   LEU n 
1 8   ARG n 
1 9   ILE n 
1 10  ASP n 
1 11  GLU n 
1 12  GLY n 
1 13  LEU n 
1 14  ARG n 
1 15  LEU n 
1 16  LYS n 
1 17  ILE n 
1 18  TYR n 
1 19  LYS n 
1 20  ASP n 
1 21  THR n 
1 22  GLU n 
1 23  GLY n 
1 24  TYR n 
1 25  TYR n 
1 26  THR n 
1 27  ILE n 
1 28  GLY n 
1 29  ILE n 
1 30  GLY n 
1 31  HIS n 
1 32  LEU n 
1 33  LEU n 
1 34  THR n 
1 35  LYS n 
1 36  SER n 
1 37  PRO n 
1 38  SER n 
1 39  LEU n 
1 40  ASN n 
1 41  ALA n 
1 42  ALA n 
1 43  LYS n 
1 44  SER n 
1 45  GLU n 
1 46  LEU n 
1 47  ASP n 
1 48  LYS n 
1 49  ALA n 
1 50  ILE n 
1 51  GLY n 
1 52  ARG n 
1 53  ASN n 
1 54  THR n 
1 55  ASN n 
1 56  GLY n 
1 57  VAL n 
1 58  ILE n 
1 59  THR n 
1 60  LYS n 
1 61  ASP n 
1 62  GLU n 
1 63  ALA n 
1 64  GLU n 
1 65  LYS n 
1 66  LEU n 
1 67  PHE n 
1 68  ASN n 
1 69  GLN n 
1 70  ASP n 
1 71  VAL n 
1 72  ASP n 
1 73  ALA n 
1 74  ALA n 
1 75  VAL n 
1 76  ARG n 
1 77  GLY n 
1 78  ILE n 
1 79  LEU n 
1 80  ARG n 
1 81  ASN n 
1 82  ALA n 
1 83  LYS n 
1 84  LEU n 
1 85  LYS n 
1 86  PRO n 
1 87  VAL n 
1 88  TYR n 
1 89  ASP n 
1 90  SER n 
1 91  LEU n 
1 92  ASP n 
1 93  ALA n 
1 94  VAL n 
1 95  ARG n 
1 96  ARG n 
1 97  ALA n 
1 98  ALA n 
1 99  LEU n 
1 100 ILE n 
1 101 ASN n 
1 102 MET n 
1 103 VAL n 
1 104 PHE n 
1 105 GLN n 
1 106 MET n 
1 107 GLY n 
1 108 GLU n 
1 109 THR n 
1 110 GLY n 
1 111 VAL n 
1 112 ALA n 
1 113 GLY n 
1 114 PHE n 
1 115 THR n 
1 116 ASN n 
1 117 SER n 
1 118 LEU n 
1 119 ARG n 
1 120 MET n 
1 121 LEU n 
1 122 GLN n 
1 123 GLN n 
1 124 LYS n 
1 125 ARG n 
1 126 TRP n 
1 127 ASP n 
1 128 GLU n 
1 129 ALA n 
1 130 ALA n 
1 131 CYS n 
1 132 ASN n 
1 133 LEU n 
1 134 ALA n 
1 135 LYS n 
1 136 SER n 
1 137 ARG n 
1 138 TRP n 
1 139 TYR n 
1 140 ASN n 
1 141 GLN n 
1 142 THR n 
1 143 PRO n 
1 144 ASN n 
1 145 ARG n 
1 146 ALA n 
1 147 LYS n 
1 148 ARG n 
1 149 VAL n 
1 150 ILE n 
1 151 THR n 
1 152 THR n 
1 153 PHE n 
1 154 ARG n 
1 155 THR n 
1 156 GLY n 
1 157 THR n 
1 158 TRP n 
1 159 ASP n 
1 160 ALA n 
1 161 TYR n 
1 162 LYS n 
1 163 ASN n 
1 164 LEU n 
# 
_entity_src_gen.entity_id                          1 
_entity_src_gen.pdbx_src_id                        1 
_entity_src_gen.pdbx_alt_source_flag               sample 
_entity_src_gen.pdbx_seq_type                      ? 
_entity_src_gen.pdbx_beg_seq_num                   ? 
_entity_src_gen.pdbx_end_seq_num                   ? 
_entity_src_gen.gene_src_common_name               ? 
_entity_src_gen.gene_src_genus                     'T4-like viruses' 
_entity_src_gen.pdbx_gene_src_gene                 ? 
_entity_src_gen.gene_src_species                   'Enterobacteria phage T4 sensu lato' 
_entity_src_gen.gene_src_strain                    ? 
_entity_src_gen.gene_src_tissue                    ? 
_entity_src_gen.gene_src_tissue_fraction           ? 
_entity_src_gen.gene_src_details                   ? 
_entity_src_gen.pdbx_gene_src_fragment             ? 
_entity_src_gen.pdbx_gene_src_scientific_name      'Enterobacteria phage T4' 
_entity_src_gen.pdbx_gene_src_ncbi_taxonomy_id     10665 
_entity_src_gen.pdbx_gene_src_variant              ? 
_entity_src_gen.pdbx_gene_src_cell_line            ? 
_entity_src_gen.pdbx_gene_src_atcc                 ? 
_entity_src_gen.pdbx_gene_src_organ                ? 
_entity_src_gen.pdbx_gene_src_organelle            ? 
_entity_src_gen.pdbx_gene_src_cell                 ? 
_entity_src_gen.pdbx_gene_src_cellular_location    ? 
_entity_src_gen.host_org_common_name               ? 
_entity_src_gen.pdbx_host_org_scientific_name      'Escherichia coli BL21' 
_entity_src_gen.pdbx_host_org_ncbi_taxonomy_id     511693 
_entity_src_gen.host_org_genus                     Escherichia 
_entity_src_gen.pdbx_host_org_gene                 ? 
_entity_src_gen.pdbx_host_org_organ                ? 
_entity_src_gen.host_org_species                   'Escherichia coli' 
_entity_src_gen.pdbx_host_org_tissue               ? 
_entity_src_gen.pdbx_host_org_tissue_fraction      ? 
_entity_src_gen.pdbx_host_org_strain               BL21 
_entity_src_gen.pdbx_host_org_variant              ? 
_entity_src_gen.pdbx_host_org_cell_line            ? 
_entity_src_gen.pdbx_host_org_atcc                 ? 
_entity_src_gen.pdbx_host_org_culture_collection   ? 
_entity_src_gen.pdbx_host_org_cell                 ? 
_entity_src_gen.pdbx_host_org_organelle            ? 
_entity_src_gen.pdbx_host_org_cellular_location    ? 
_entity_src_gen.pdbx_host_org_vector_type          PLASMID 
_entity_src_gen.pdbx_host_org_vector               ? 
_entity_src_gen.host_org_details                   ? 
_entity_src_gen.expression_system_id               ? 
_entity_src_gen.plasmid_name                       ? 
_entity_src_gen.plasmid_details                    ? 
_entity_src_gen.pdbx_description                   ? 
# 
loop_
_chem_comp.id 
_chem_comp.type 
_chem_comp.mon_nstd_flag 
_chem_comp.name 
_chem_comp.pdbx_synonyms 
_chem_comp.formula 
_chem_comp.formula_weight 
ALA 'L-peptide linking' y ALANINE                                                                                     ? 
'C3 H7 N O2'      89.093  
ARG 'L-peptide linking' y ARGININE                                                                                    ? 
'C6 H15 N4 O2 1'  175.209 
ASN 'L-peptide linking' y ASPARAGINE                                                                                  ? 
'C4 H8 N2 O3'     132.118 
ASP 'L-peptide linking' y 'ASPARTIC ACID'                                                                             ? 
'C4 H7 N O4'      133.103 
AZI non-polymer         . 'AZIDE ION'                                                                                 ? 'N3 -1' 
42.020  
CL  non-polymer         . 'CHLORIDE ION'                                                                              ? 'Cl -1' 
35.453  
CYS 'L-peptide linking' y CYSTEINE                                                                                    ? 
'C3 H7 N O2 S'    121.158 
GLN 'L-peptide linking' y GLUTAMINE                                                                                   ? 
'C5 H10 N2 O3'    146.144 
GLU 'L-peptide linking' y 'GLUTAMIC ACID'                                                                             ? 
'C5 H9 N O4'      147.129 
GLY 'peptide linking'   y GLYCINE                                                                                     ? 
'C2 H5 N O2'      75.067  
HED non-polymer         . '2-HYDROXYETHYL DISULFIDE'                                                                  ? 
'C4 H10 O2 S2'    154.251 
HIS 'L-peptide linking' y HISTIDINE                                                                                   ? 
'C6 H10 N3 O2 1'  156.162 
HOH non-polymer         . WATER                                                                                       ? 'H2 O' 
18.015  
ILE 'L-peptide linking' y ISOLEUCINE                                                                                  ? 
'C6 H13 N O2'     131.173 
LEU 'L-peptide linking' y LEUCINE                                                                                     ? 
'C6 H13 N O2'     131.173 
LYS 'L-peptide linking' y LYSINE                                                                                      ? 
'C6 H15 N2 O2 1'  147.195 
MET 'L-peptide linking' y METHIONINE                                                                                  ? 
'C5 H11 N O2 S'   149.211 
PHE 'L-peptide linking' y PHENYLALANINE                                                                               ? 
'C9 H11 N O2'     165.189 
PRO 'L-peptide linking' y PROLINE                                                                                     ? 
'C5 H9 N O2'      115.130 
R1B non-polymer         . 'S-[(1-oxyl-2,2,4,5,5-pentamethyl-2,5-dihydro-1H-pyrrol-3-yl)methyl] methanesulfonothioate' ? 
'C11 H20 N O3 S2' 278.411 
SER 'L-peptide linking' y SERINE                                                                                      ? 
'C3 H7 N O3'      105.093 
THR 'L-peptide linking' y THREONINE                                                                                   ? 
'C4 H9 N O3'      119.119 
TRP 'L-peptide linking' y TRYPTOPHAN                                                                                  ? 
'C11 H12 N2 O2'   204.225 
TYR 'L-peptide linking' y TYROSINE                                                                                    ? 
'C9 H11 N O3'     181.189 
VAL 'L-peptide linking' y VALINE                                                                                      ? 
'C5 H11 N O2'     117.146 
# 
loop_
_pdbx_poly_seq_scheme.asym_id 
_pdbx_poly_seq_scheme.entity_id 
_pdbx_poly_seq_scheme.seq_id 
_pdbx_poly_seq_scheme.mon_id 
_pdbx_poly_seq_scheme.ndb_seq_num 
_pdbx_poly_seq_scheme.pdb_seq_num 
_pdbx_poly_seq_scheme.auth_seq_num 
_pdbx_poly_seq_scheme.pdb_mon_id 
_pdbx_poly_seq_scheme.auth_mon_id 
_pdbx_poly_seq_scheme.pdb_strand_id 
_pdbx_poly_seq_scheme.pdb_ins_code 
_pdbx_poly_seq_scheme.hetero 
A 1 1   MET 1   1   1   MET MET A . n 
A 1 2   ASN 2   2   2   ASN ASN A . n 
A 1 3   ILE 3   3   3   ILE ILE A . n 
A 1 4   PHE 4   4   4   PHE PHE A . n 
A 1 5   GLU 5   5   5   GLU GLU A . n 
A 1 6   MET 6   6   6   MET MET A . n 
A 1 7   LEU 7   7   7   LEU LEU A . n 
A 1 8   ARG 8   8   8   ARG ARG A . n 
A 1 9   ILE 9   9   9   ILE ILE A . n 
A 1 10  ASP 10  10  10  ASP ASP A . n 
A 1 11  GLU 11  11  11  GLU GLU A . n 
A 1 12  GLY 12  12  12  GLY GLY A . n 
A 1 13  LEU 13  13  13  LEU LEU A . n 
A 1 14  ARG 14  14  14  ARG ARG A . n 
A 1 15  LEU 15  15  15  LEU LEU A . n 
A 1 16  LYS 16  16  16  LYS LYS A . n 
A 1 17  ILE 17  17  17  ILE ILE A . n 
A 1 18  TYR 18  18  18  TYR TYR A . n 
A 1 19  LYS 19  19  19  LYS LYS A . n 
A 1 20  ASP 20  20  20  ASP ASP A . n 
A 1 21  THR 21  21  21  THR THR A . n 
A 1 22  GLU 22  22  22  GLU GLU A . n 
A 1 23  GLY 23  23  23  GLY GLY A . n 
A 1 24  TYR 24  24  24  TYR TYR A . n 
A 1 25  TYR 25  25  25  TYR TYR A . n 
A 1 26  THR 26  26  26  THR THR A . n 
A 1 27  ILE 27  27  27  ILE ILE A . n 
A 1 28  GLY 28  28  28  GLY GLY A . n 
A 1 29  ILE 29  29  29  ILE ILE A . n 
A 1 30  GLY 30  30  30  GLY GLY A . n 
A 1 31  HIS 31  31  31  HIS HIS A . n 
A 1 32  LEU 32  32  32  LEU LEU A . n 
A 1 33  LEU 33  33  33  LEU LEU A . n 
A 1 34  THR 34  34  34  THR THR A . n 
A 1 35  LYS 35  35  35  LYS LYS A . n 
A 1 36  SER 36  36  36  SER SER A . n 
A 1 37  PRO 37  37  37  PRO PRO A . n 
A 1 38  SER 38  38  38  SER SER A . n 
A 1 39  LEU 39  39  39  LEU LEU A . n 
A 1 40  ASN 40  40  40  ASN ASN A . n 
A 1 41  ALA 41  41  41  ALA ALA A . n 
A 1 42  ALA 42  42  42  ALA ALA A . n 
A 1 43  LYS 43  43  43  LYS LYS A . n 
A 1 44  SER 44  44  44  SER SER A . n 
A 1 45  GLU 45  45  45  GLU GLU A . n 
A 1 46  LEU 46  46  46  LEU LEU A . n 
A 1 47  ASP 47  47  47  ASP ASP A . n 
A 1 48  LYS 48  48  48  LYS LYS A . n 
A 1 49  ALA 49  49  49  ALA ALA A . n 
A 1 50  ILE 50  50  50  ILE ILE A . n 
A 1 51  GLY 51  51  51  GLY GLY A . n 
A 1 52  ARG 52  52  52  ARG ARG A . n 
A 1 53  ASN 53  53  53  ASN ASN A . n 
A 1 54  THR 54  54  54  THR THR A . n 
A 1 55  ASN 55  55  55  ASN ASN A . n 
A 1 56  GLY 56  56  56  GLY GLY A . n 
A 1 57  VAL 57  57  57  VAL VAL A . n 
A 1 58  ILE 58  58  58  ILE ILE A . n 
A 1 59  THR 59  59  59  THR THR A . n 
A 1 60  LYS 60  60  60  LYS LYS A . n 
A 1 61  ASP 61  61  61  ASP ASP A . n 
A 1 62  GLU 62  62  62  GLU GLU A . n 
A 1 63  ALA 63  63  63  ALA ALA A . n 
A 1 64  GLU 64  64  64  GLU GLU A . n 
A 1 65  LYS 65  65  65  LYS LYS A . n 
A 1 66  LEU 66  66  66  LEU LEU A . n 
A 1 67  PHE 67  67  67  PHE PHE A . n 
A 1 68  ASN 68  68  68  ASN ASN A . n 
A 1 69  GLN 69  69  69  GLN GLN A . n 
A 1 70  ASP 70  70  70  ASP ASP A . n 
A 1 71  VAL 71  71  71  VAL VAL A . n 
A 1 72  ASP 72  72  72  ASP ASP A . n 
A 1 73  ALA 73  73  73  ALA ALA A . n 
A 1 74  ALA 74  74  74  ALA ALA A . n 
A 1 75  VAL 75  75  75  VAL VAL A . n 
A 1 76  ARG 76  76  76  ARG ARG A . n 
A 1 77  GLY 77  77  77  GLY GLY A . n 
A 1 78  ILE 78  78  78  ILE ILE A . n 
A 1 79  LEU 79  79  79  LEU LEU A . n 
A 1 80  ARG 80  80  80  ARG ARG A . n 
A 1 81  ASN 81  81  81  ASN ASN A . n 
A 1 82  ALA 82  82  82  ALA ALA A . n 
A 1 83  LYS 83  83  83  LYS LYS A . n 
A 1 84  LEU 84  84  84  LEU LEU A . n 
A 1 85  LYS 85  85  85  LYS LYS A . n 
A 1 86  PRO 86  86  86  PRO PRO A . n 
A 1 87  VAL 87  87  87  VAL VAL A . n 
A 1 88  TYR 88  88  88  TYR TYR A . n 
A 1 89  ASP 89  89  89  ASP ASP A . n 
A 1 90  SER 90  90  90  SER SER A . n 
A 1 91  LEU 91  91  91  LEU LEU A . n 
A 1 92  ASP 92  92  92  ASP ASP A . n 
A 1 93  ALA 93  93  93  ALA ALA A . n 
A 1 94  VAL 94  94  94  VAL VAL A . n 
A 1 95  ARG 95  95  95  ARG ARG A . n 
A 1 96  ARG 96  96  96  ARG ARG A . n 
A 1 97  ALA 97  97  97  ALA ALA A . n 
A 1 98  ALA 98  98  98  ALA ALA A . n 
A 1 99  LEU 99  99  99  LEU LEU A . n 
A 1 100 ILE 100 100 100 ILE ILE A . n 
A 1 101 ASN 101 101 101 ASN ASN A . n 
A 1 102 MET 102 102 102 MET MET A . n 
A 1 103 VAL 103 103 103 VAL VAL A . n 
A 1 104 PHE 104 104 104 PHE PHE A . n 
A 1 105 GLN 105 105 105 GLN GLN A . n 
A 1 106 MET 106 106 106 MET MET A . n 
A 1 107 GLY 107 107 107 GLY GLY A . n 
A 1 108 GLU 108 108 108 GLU GLU A . n 
A 1 109 THR 109 109 109 THR THR A . n 
A 1 110 GLY 110 110 110 GLY GLY A . n 
A 1 111 VAL 111 111 111 VAL VAL A . n 
A 1 112 ALA 112 112 112 ALA ALA A . n 
A 1 113 GLY 113 113 113 GLY GLY A . n 
A 1 114 PHE 114 114 114 PHE PHE A . n 
A 1 115 THR 115 115 115 THR THR A . n 
A 1 116 ASN 116 116 116 ASN ASN A . n 
A 1 117 SER 117 117 117 SER SER A . n 
A 1 118 LEU 118 118 118 LEU LEU A . n 
A 1 119 ARG 119 119 119 ARG ARG A . n 
A 1 120 MET 120 120 120 MET MET A . n 
A 1 121 LEU 121 121 121 LEU LEU A . n 
A 1 122 GLN 122 122 122 GLN GLN A . n 
A 1 123 GLN 123 123 123 GLN GLN A . n 
A 1 124 LYS 124 124 124 LYS LYS A . n 
A 1 125 ARG 125 125 125 ARG ARG A . n 
A 1 126 TRP 126 126 126 TRP TRP A . n 
A 1 127 ASP 127 127 127 ASP ASP A . n 
A 1 128 GLU 128 128 128 GLU GLU A . n 
A 1 129 ALA 129 129 129 ALA ALA A . n 
A 1 130 ALA 130 130 130 ALA ALA A . n 
A 1 131 CYS 131 131 131 CYS R1B A . n 
A 1 132 ASN 132 132 132 ASN ASN A . n 
A 1 133 LEU 133 133 133 LEU LEU A . n 
A 1 134 ALA 134 134 134 ALA ALA A . n 
A 1 135 LYS 135 135 135 LYS LYS A . n 
A 1 136 SER 136 136 136 SER SER A . n 
A 1 137 ARG 137 137 137 ARG ARG A . n 
A 1 138 TRP 138 138 138 TRP TRP A . n 
A 1 139 TYR 139 139 139 TYR TYR A . n 
A 1 140 ASN 140 140 140 ASN ASN A . n 
A 1 141 GLN 141 141 141 GLN GLN A . n 
A 1 142 THR 142 142 142 THR THR A . n 
A 1 143 PRO 143 143 143 PRO PRO A . n 
A 1 144 ASN 144 144 144 ASN ASN A . n 
A 1 145 ARG 145 145 145 ARG ARG A . n 
A 1 146 ALA 146 146 146 ALA ALA A . n 
A 1 147 LYS 147 147 147 LYS LYS A . n 
A 1 148 ARG 148 148 148 ARG ARG A . n 
A 1 149 VAL 149 149 149 VAL VAL A . n 
A 1 150 ILE 150 150 150 ILE ILE A . n 
A 1 151 THR 151 151 151 THR THR A . n 
A 1 152 THR 152 152 152 THR THR A . n 
A 1 153 PHE 153 153 153 PHE PHE A . n 
A 1 154 ARG 154 154 154 ARG ARG A . n 
A 1 155 THR 155 155 155 THR THR A . n 
A 1 156 GLY 156 156 156 GLY GLY A . n 
A 1 157 THR 157 157 157 THR THR A . n 
A 1 158 TRP 158 158 158 TRP TRP A . n 
A 1 159 ASP 159 159 159 ASP ASP A . n 
A 1 160 ALA 160 160 160 ALA ALA A . n 
A 1 161 TYR 161 161 161 TYR TYR A . n 
A 1 162 LYS 162 162 162 LYS LYS A . n 
A 1 163 ASN 163 163 163 ASN ASN A . n 
A 1 164 LEU 164 164 164 LEU LEU A . n 
# 
loop_
_pdbx_nonpoly_scheme.asym_id 
_pdbx_nonpoly_scheme.entity_id 
_pdbx_nonpoly_scheme.mon_id 
_pdbx_nonpoly_scheme.ndb_seq_num 
_pdbx_nonpoly_scheme.pdb_seq_num 
_pdbx_nonpoly_scheme.auth_seq_num 
_pdbx_nonpoly_scheme.pdb_mon_id 
_pdbx_nonpoly_scheme.auth_mon_id 
_pdbx_nonpoly_scheme.pdb_strand_id 
_pdbx_nonpoly_scheme.pdb_ins_code 
B 2 R1B 1   1131 131 R1B R1B A . 
C 3 AZI 1   181  181 AZI AZI A . 
D 3 AZI 1   182  182 AZI AZI A . 
E 4 CL  1   200  200 CL  CL  A . 
F 4 CL  1   201  201 CL  CL  A . 
G 4 CL  1   202  202 CL  CL  A . 
H 5 HED 1   180  180 HED HED A . 
I 6 HOH 1   203  203 HOH HOH A . 
I 6 HOH 2   204  204 HOH HOH A . 
I 6 HOH 3   205  205 HOH HOH A . 
I 6 HOH 4   206  206 HOH HOH A . 
I 6 HOH 5   207  207 HOH HOH A . 
I 6 HOH 6   208  208 HOH HOH A . 
I 6 HOH 7   209  209 HOH HOH A . 
I 6 HOH 8   210  210 HOH HOH A . 
I 6 HOH 9   211  211 HOH HOH A . 
I 6 HOH 10  212  212 HOH HOH A . 
I 6 HOH 11  213  213 HOH HOH A . 
I 6 HOH 12  214  214 HOH HOH A . 
I 6 HOH 13  215  215 HOH HOH A . 
I 6 HOH 14  217  217 HOH HOH A . 
I 6 HOH 15  218  218 HOH HOH A . 
I 6 HOH 16  219  219 HOH HOH A . 
I 6 HOH 17  220  220 HOH HOH A . 
I 6 HOH 18  221  221 HOH HOH A . 
I 6 HOH 19  222  222 HOH HOH A . 
I 6 HOH 20  223  223 HOH HOH A . 
I 6 HOH 21  224  224 HOH HOH A . 
I 6 HOH 22  225  225 HOH HOH A . 
I 6 HOH 23  226  226 HOH HOH A . 
I 6 HOH 24  227  227 HOH HOH A . 
I 6 HOH 25  228  228 HOH HOH A . 
I 6 HOH 26  229  229 HOH HOH A . 
I 6 HOH 27  230  230 HOH HOH A . 
I 6 HOH 28  231  231 HOH HOH A . 
I 6 HOH 29  232  232 HOH HOH A . 
I 6 HOH 30  233  233 HOH HOH A . 
I 6 HOH 31  234  234 HOH HOH A . 
I 6 HOH 32  235  235 HOH HOH A . 
I 6 HOH 33  236  236 HOH HOH A . 
I 6 HOH 34  237  237 HOH HOH A . 
I 6 HOH 35  238  238 HOH HOH A . 
I 6 HOH 36  239  239 HOH HOH A . 
I 6 HOH 37  240  240 HOH HOH A . 
I 6 HOH 38  241  241 HOH HOH A . 
I 6 HOH 39  242  242 HOH HOH A . 
I 6 HOH 40  243  243 HOH HOH A . 
I 6 HOH 41  244  244 HOH HOH A . 
I 6 HOH 42  246  246 HOH HOH A . 
I 6 HOH 43  247  247 HOH HOH A . 
I 6 HOH 44  248  248 HOH HOH A . 
I 6 HOH 45  249  249 HOH HOH A . 
I 6 HOH 46  250  250 HOH HOH A . 
I 6 HOH 47  251  251 HOH HOH A . 
I 6 HOH 48  252  252 HOH HOH A . 
I 6 HOH 49  253  253 HOH HOH A . 
I 6 HOH 50  254  254 HOH HOH A . 
I 6 HOH 51  255  255 HOH HOH A . 
I 6 HOH 52  256  256 HOH HOH A . 
I 6 HOH 53  257  257 HOH HOH A . 
I 6 HOH 54  258  258 HOH HOH A . 
I 6 HOH 55  259  259 HOH HOH A . 
I 6 HOH 56  260  260 HOH HOH A . 
I 6 HOH 57  261  261 HOH HOH A . 
I 6 HOH 58  262  262 HOH HOH A . 
I 6 HOH 59  263  263 HOH HOH A . 
I 6 HOH 60  264  264 HOH HOH A . 
I 6 HOH 61  265  265 HOH HOH A . 
I 6 HOH 62  266  266 HOH HOH A . 
I 6 HOH 63  267  267 HOH HOH A . 
I 6 HOH 64  268  268 HOH HOH A . 
I 6 HOH 65  269  269 HOH HOH A . 
I 6 HOH 66  270  270 HOH HOH A . 
I 6 HOH 67  271  271 HOH HOH A . 
I 6 HOH 68  272  272 HOH HOH A . 
I 6 HOH 69  273  273 HOH HOH A . 
I 6 HOH 70  274  274 HOH HOH A . 
I 6 HOH 71  275  275 HOH HOH A . 
I 6 HOH 72  276  276 HOH HOH A . 
I 6 HOH 73  277  277 HOH HOH A . 
I 6 HOH 74  278  278 HOH HOH A . 
I 6 HOH 75  279  279 HOH HOH A . 
I 6 HOH 76  280  280 HOH HOH A . 
I 6 HOH 77  281  281 HOH HOH A . 
I 6 HOH 78  282  282 HOH HOH A . 
I 6 HOH 79  283  283 HOH HOH A . 
I 6 HOH 80  284  284 HOH HOH A . 
I 6 HOH 81  285  285 HOH HOH A . 
I 6 HOH 82  287  287 HOH HOH A . 
I 6 HOH 83  288  288 HOH HOH A . 
I 6 HOH 84  290  290 HOH HOH A . 
I 6 HOH 85  291  291 HOH HOH A . 
I 6 HOH 86  292  292 HOH HOH A . 
I 6 HOH 87  293  293 HOH HOH A . 
I 6 HOH 88  294  294 HOH HOH A . 
I 6 HOH 89  295  295 HOH HOH A . 
I 6 HOH 90  296  296 HOH HOH A . 
I 6 HOH 91  297  297 HOH HOH A . 
I 6 HOH 92  298  298 HOH HOH A . 
I 6 HOH 93  299  299 HOH HOH A . 
I 6 HOH 94  300  300 HOH HOH A . 
I 6 HOH 95  301  301 HOH HOH A . 
I 6 HOH 96  302  302 HOH HOH A . 
I 6 HOH 97  303  303 HOH HOH A . 
I 6 HOH 98  304  304 HOH HOH A . 
I 6 HOH 99  305  305 HOH HOH A . 
I 6 HOH 100 306  306 HOH HOH A . 
I 6 HOH 101 307  307 HOH HOH A . 
I 6 HOH 102 308  308 HOH HOH A . 
I 6 HOH 103 309  309 HOH HOH A . 
I 6 HOH 104 310  310 HOH HOH A . 
I 6 HOH 105 311  311 HOH HOH A . 
I 6 HOH 106 312  312 HOH HOH A . 
I 6 HOH 107 313  313 HOH HOH A . 
I 6 HOH 108 314  314 HOH HOH A . 
I 6 HOH 109 315  315 HOH HOH A . 
I 6 HOH 110 316  316 HOH HOH A . 
I 6 HOH 111 317  317 HOH HOH A . 
I 6 HOH 112 318  318 HOH HOH A . 
I 6 HOH 113 319  319 HOH HOH A . 
I 6 HOH 114 320  320 HOH HOH A . 
I 6 HOH 115 321  321 HOH HOH A . 
I 6 HOH 116 322  322 HOH HOH A . 
I 6 HOH 117 323  323 HOH HOH A . 
I 6 HOH 118 324  324 HOH HOH A . 
I 6 HOH 119 325  325 HOH HOH A . 
I 6 HOH 120 326  326 HOH HOH A . 
I 6 HOH 121 327  327 HOH HOH A . 
I 6 HOH 122 328  328 HOH HOH A . 
I 6 HOH 123 329  329 HOH HOH A . 
I 6 HOH 124 330  330 HOH HOH A . 
I 6 HOH 125 331  331 HOH HOH A . 
I 6 HOH 126 332  332 HOH HOH A . 
I 6 HOH 127 333  333 HOH HOH A . 
I 6 HOH 128 334  334 HOH HOH A . 
I 6 HOH 129 335  335 HOH HOH A . 
I 6 HOH 130 336  336 HOH HOH A . 
I 6 HOH 131 337  337 HOH HOH A . 
I 6 HOH 132 338  338 HOH HOH A . 
I 6 HOH 133 339  339 HOH HOH A . 
I 6 HOH 134 340  340 HOH HOH A . 
I 6 HOH 135 341  341 HOH HOH A . 
I 6 HOH 136 342  342 HOH HOH A . 
I 6 HOH 137 343  343 HOH HOH A . 
I 6 HOH 138 344  344 HOH HOH A . 
I 6 HOH 139 345  345 HOH HOH A . 
I 6 HOH 140 346  346 HOH HOH A . 
I 6 HOH 141 347  347 HOH HOH A . 
I 6 HOH 142 348  348 HOH HOH A . 
I 6 HOH 143 349  349 HOH HOH A . 
I 6 HOH 144 351  351 HOH HOH A . 
I 6 HOH 145 353  353 HOH HOH A . 
I 6 HOH 146 354  354 HOH HOH A . 
I 6 HOH 147 355  355 HOH HOH A . 
I 6 HOH 148 356  356 HOH HOH A . 
I 6 HOH 149 357  357 HOH HOH A . 
I 6 HOH 150 358  358 HOH HOH A . 
I 6 HOH 151 359  359 HOH HOH A . 
I 6 HOH 152 360  360 HOH HOH A . 
I 6 HOH 153 361  361 HOH HOH A . 
I 6 HOH 154 362  362 HOH HOH A . 
I 6 HOH 155 363  363 HOH HOH A . 
I 6 HOH 156 364  364 HOH HOH A . 
I 6 HOH 157 365  365 HOH HOH A . 
I 6 HOH 158 366  366 HOH HOH A . 
I 6 HOH 159 367  367 HOH HOH A . 
I 6 HOH 160 368  368 HOH HOH A . 
I 6 HOH 161 369  369 HOH HOH A . 
I 6 HOH 162 371  371 HOH HOH A . 
I 6 HOH 163 372  372 HOH HOH A . 
I 6 HOH 164 373  373 HOH HOH A . 
I 6 HOH 165 374  374 HOH HOH A . 
I 6 HOH 166 375  375 HOH HOH A . 
I 6 HOH 167 376  376 HOH HOH A . 
I 6 HOH 168 377  377 HOH HOH A . 
I 6 HOH 169 379  379 HOH HOH A . 
I 6 HOH 170 380  380 HOH HOH A . 
I 6 HOH 171 381  381 HOH HOH A . 
I 6 HOH 172 382  382 HOH HOH A . 
I 6 HOH 173 383  383 HOH HOH A . 
I 6 HOH 174 384  384 HOH HOH A . 
I 6 HOH 175 385  385 HOH HOH A . 
I 6 HOH 176 386  386 HOH HOH A . 
I 6 HOH 177 387  387 HOH HOH A . 
I 6 HOH 178 388  388 HOH HOH A . 
I 6 HOH 179 390  390 HOH HOH A . 
I 6 HOH 180 391  391 HOH HOH A . 
I 6 HOH 181 392  392 HOH HOH A . 
I 6 HOH 182 393  393 HOH HOH A . 
I 6 HOH 183 394  394 HOH HOH A . 
I 6 HOH 184 395  395 HOH HOH A . 
I 6 HOH 185 396  396 HOH HOH A . 
I 6 HOH 186 399  399 HOH HOH A . 
I 6 HOH 187 400  400 HOH HOH A . 
I 6 HOH 188 401  401 HOH HOH A . 
I 6 HOH 189 402  402 HOH HOH A . 
I 6 HOH 190 403  403 HOH HOH A . 
I 6 HOH 191 404  404 HOH HOH A . 
I 6 HOH 192 405  405 HOH HOH A . 
I 6 HOH 193 406  406 HOH HOH A . 
I 6 HOH 194 407  407 HOH HOH A . 
I 6 HOH 195 409  409 HOH HOH A . 
I 6 HOH 196 410  410 HOH HOH A . 
I 6 HOH 197 411  411 HOH HOH A . 
I 6 HOH 198 412  412 HOH HOH A . 
I 6 HOH 199 413  413 HOH HOH A . 
I 6 HOH 200 414  414 HOH HOH A . 
I 6 HOH 201 415  415 HOH HOH A . 
I 6 HOH 202 416  416 HOH HOH A . 
I 6 HOH 203 417  417 HOH HOH A . 
I 6 HOH 204 418  418 HOH HOH A . 
I 6 HOH 205 419  419 HOH HOH A . 
I 6 HOH 206 420  420 HOH HOH A . 
I 6 HOH 207 421  421 HOH HOH A . 
I 6 HOH 208 422  422 HOH HOH A . 
I 6 HOH 209 423  423 HOH HOH A . 
I 6 HOH 210 424  424 HOH HOH A . 
I 6 HOH 211 425  425 HOH HOH A . 
I 6 HOH 212 426  426 HOH HOH A . 
I 6 HOH 213 428  428 HOH HOH A . 
I 6 HOH 214 429  429 HOH HOH A . 
# 
loop_
_software.name 
_software.classification 
_software.version 
_software.citation_id 
_software.pdbx_ordinal 
REFMAC    refinement       5.2.0005 ? 1 
DENZO     'data reduction' .        ? 2 
SCALEPACK 'data scaling'   .        ? 3 
PHASER    phasing          .        ? 4 
# 
_cell.entry_id           1ZWN 
_cell.length_a           59.793 
_cell.length_b           59.793 
_cell.length_c           95.442 
_cell.angle_alpha        90.00 
_cell.angle_beta         90.00 
_cell.angle_gamma        120.00 
_cell.Z_PDB              6 
_cell.pdbx_unique_axis   ? 
_cell.length_a_esd       ? 
_cell.length_b_esd       ? 
_cell.length_c_esd       ? 
_cell.angle_alpha_esd    ? 
_cell.angle_beta_esd     ? 
_cell.angle_gamma_esd    ? 
# 
_symmetry.entry_id                         1ZWN 
_symmetry.space_group_name_H-M             'P 32 2 1' 
_symmetry.pdbx_full_space_group_name_H-M   ? 
_symmetry.cell_setting                     ? 
_symmetry.Int_Tables_number                154 
_symmetry.space_group_name_Hall            ? 
# 
_exptl.entry_id          1ZWN 
_exptl.method            'X-RAY DIFFRACTION' 
_exptl.crystals_number   ? 
# 
_exptl_crystal.id                    1 
_exptl_crystal.density_meas          ? 
_exptl_crystal.density_Matthews      2.64 
_exptl_crystal.density_percent_sol   53.47 
_exptl_crystal.description           ? 
_exptl_crystal.F_000                 ? 
_exptl_crystal.preparation           ? 
# 
_exptl_crystal_grow.crystal_id      1 
_exptl_crystal_grow.method          'VAPOR DIFFUSION, HANGING DROP' 
_exptl_crystal_grow.temp            278 
_exptl_crystal_grow.temp_details    ? 
_exptl_crystal_grow.pH              6.6 
_exptl_crystal_grow.pdbx_details    
;potassium phosphate, sodium phospahte, sodium choloride, sodium azide, oxidized beta-mercaptoehtanol, pH 6.6, VAPOR DIFFUSION, HANGING DROP, temperature 278K
;
_exptl_crystal_grow.pdbx_pH_range   . 
# 
_diffrn.id                     1 
_diffrn.ambient_temp           100 
_diffrn.ambient_temp_details   ? 
_diffrn.crystal_id             1 
# 
_diffrn_detector.diffrn_id              1 
_diffrn_detector.detector               'IMAGE PLATE' 
_diffrn_detector.type                   'RIGAKU RAXIS IV++' 
_diffrn_detector.pdbx_collection_date   2002-08-01 
_diffrn_detector.details                ? 
# 
_diffrn_radiation.diffrn_id                        1 
_diffrn_radiation.wavelength_id                    1 
_diffrn_radiation.pdbx_monochromatic_or_laue_m_l   M 
_diffrn_radiation.monochromator                    ? 
_diffrn_radiation.pdbx_diffrn_protocol             'SINGLE WAVELENGTH' 
_diffrn_radiation.pdbx_scattering_type             x-ray 
# 
_diffrn_radiation_wavelength.id           1 
_diffrn_radiation_wavelength.wavelength   1.5418 
_diffrn_radiation_wavelength.wt           1.0 
# 
_diffrn_source.diffrn_id                   1 
_diffrn_source.source                      'ROTATING ANODE' 
_diffrn_source.type                        'RIGAKU FR-D' 
_diffrn_source.pdbx_synchrotron_site       ? 
_diffrn_source.pdbx_synchrotron_beamline   ? 
_diffrn_source.pdbx_wavelength             ? 
_diffrn_source.pdbx_wavelength_list        1.5418 
# 
_reflns.entry_id                     1ZWN 
_reflns.observed_criterion_sigma_F   0 
_reflns.observed_criterion_sigma_I   0 
_reflns.d_resolution_high            1.80 
_reflns.d_resolution_low             80.00 
_reflns.number_all                   18924 
_reflns.number_obs                   17382 
_reflns.percent_possible_obs         91.9 
_reflns.pdbx_Rmerge_I_obs            ? 
_reflns.pdbx_Rsym_value              0.085 
_reflns.pdbx_netI_over_sigmaI        34.9 
_reflns.B_iso_Wilson_estimate        27.6 
_reflns.pdbx_redundancy              17.26 
_reflns.R_free_details               ? 
_reflns.limit_h_max                  ? 
_reflns.limit_h_min                  ? 
_reflns.limit_k_max                  ? 
_reflns.limit_k_min                  ? 
_reflns.limit_l_max                  ? 
_reflns.limit_l_min                  ? 
_reflns.observed_criterion_F_max     ? 
_reflns.observed_criterion_F_min     ? 
_reflns.pdbx_chi_squared             ? 
_reflns.pdbx_scaling_rejects         ? 
_reflns.pdbx_ordinal                 1 
_reflns.pdbx_diffrn_id               1 
# 
_reflns_shell.d_res_high             1.80 
_reflns_shell.d_res_low              1.86 
_reflns_shell.percent_possible_all   58.5 
_reflns_shell.Rmerge_I_obs           ? 
_reflns_shell.pdbx_Rsym_value        0.423 
_reflns_shell.meanI_over_sigI_obs    34.9 
_reflns_shell.pdbx_redundancy        ? 
_reflns_shell.percent_possible_obs   ? 
_reflns_shell.number_unique_all      1084 
_reflns_shell.number_measured_all    ? 
_reflns_shell.number_measured_obs    ? 
_reflns_shell.number_unique_obs      ? 
_reflns_shell.pdbx_chi_squared       ? 
_reflns_shell.pdbx_ordinal           1 
_reflns_shell.pdbx_diffrn_id         1 
# 
_refine.entry_id                                 1ZWN 
_refine.ls_number_reflns_obs                     16493 
_refine.ls_number_reflns_all                     16493 
_refine.pdbx_ls_sigma_I                          ? 
_refine.pdbx_ls_sigma_F                          0 
_refine.pdbx_data_cutoff_high_absF               ? 
_refine.pdbx_data_cutoff_low_absF                ? 
_refine.pdbx_data_cutoff_high_rms_absF           ? 
_refine.ls_d_res_low                             51.99 
_refine.ls_d_res_high                            1.80 
_refine.ls_percent_reflns_obs                    91.85 
_refine.ls_R_factor_obs                          0.18615 
_refine.ls_R_factor_all                          0.18615 
_refine.ls_R_factor_R_work                       0.18431 
_refine.ls_R_factor_R_free                       0.22212 
_refine.ls_R_factor_R_free_error                 ? 
_refine.ls_R_factor_R_free_error_details         ? 
_refine.ls_percent_reflns_R_free                 5.1 
_refine.ls_number_reflns_R_free                  889 
_refine.ls_number_parameters                     ? 
_refine.ls_number_restraints                     ? 
_refine.occupancy_min                            ? 
_refine.occupancy_max                            ? 
_refine.correlation_coeff_Fo_to_Fc               0.944 
_refine.correlation_coeff_Fo_to_Fc_free          0.922 
_refine.B_iso_mean                               14.932 
_refine.aniso_B[1][1]                            0.09 
_refine.aniso_B[2][2]                            0.09 
_refine.aniso_B[3][3]                            -0.14 
_refine.aniso_B[1][2]                            0.05 
_refine.aniso_B[1][3]                            0.00 
_refine.aniso_B[2][3]                            0.00 
_refine.solvent_model_details                    MASK 
_refine.solvent_model_param_ksol                 ? 
_refine.solvent_model_param_bsol                 ? 
_refine.pdbx_solvent_vdw_probe_radii             1.20 
_refine.pdbx_solvent_ion_probe_radii             0.80 
_refine.pdbx_solvent_shrinkage_radii             0.80 
_refine.pdbx_ls_cross_valid_method               THROUGHOUT 
_refine.details                                  'HYDROGENS HAVE BEEN ADDED IN THE RIDING POSITIONS' 
_refine.pdbx_starting_model                      1C6T 
_refine.pdbx_method_to_determine_struct          'MOLECULAR REPLACEMENT' 
_refine.pdbx_isotropic_thermal_model             ? 
_refine.pdbx_stereochemistry_target_values       'MAXIMUM LIKELIHOOD' 
_refine.pdbx_stereochem_target_val_spec_case     ? 
_refine.pdbx_R_Free_selection_details            RANDOM 
_refine.pdbx_overall_ESU_R                       0.138 
_refine.pdbx_overall_ESU_R_Free                  0.130 
_refine.overall_SU_ML                            0.070 
_refine.overall_SU_B                             2.166 
_refine.ls_redundancy_reflns_obs                 ? 
_refine.B_iso_min                                ? 
_refine.B_iso_max                                ? 
_refine.overall_SU_R_Cruickshank_DPI             ? 
_refine.overall_SU_R_free                        ? 
_refine.ls_wR_factor_R_free                      ? 
_refine.ls_wR_factor_R_work                      ? 
_refine.overall_FOM_free_R_set                   ? 
_refine.overall_FOM_work_R_set                   ? 
_refine.pdbx_refine_id                           'X-RAY DIFFRACTION' 
_refine.pdbx_diffrn_id                           1 
_refine.pdbx_overall_phase_error                 ? 
_refine.pdbx_TLS_residual_ADP_flag               ? 
_refine.pdbx_overall_SU_R_free_Cruickshank_DPI   ? 
_refine.pdbx_overall_SU_R_Blow_DPI               ? 
_refine.pdbx_overall_SU_R_free_Blow_DPI          ? 
# 
_refine_analyze.entry_id                        1ZWN 
_refine_analyze.Luzzati_coordinate_error_obs    0.138 
_refine_analyze.Luzzati_sigma_a_obs             ? 
_refine_analyze.Luzzati_d_res_low_obs           51.99 
_refine_analyze.Luzzati_coordinate_error_free   0.130 
_refine_analyze.Luzzati_sigma_a_free            ? 
_refine_analyze.Luzzati_d_res_low_free          ? 
_refine_analyze.number_disordered_residues      ? 
_refine_analyze.occupancy_sum_non_hydrogen      ? 
_refine_analyze.occupancy_sum_hydrogen          ? 
_refine_analyze.pdbx_Luzzati_d_res_high_obs     ? 
_refine_analyze.pdbx_refine_id                  'X-RAY DIFFRACTION' 
# 
_refine_hist.pdbx_refine_id                   'X-RAY DIFFRACTION' 
_refine_hist.cycle_id                         LAST 
_refine_hist.pdbx_number_atoms_protein        1308 
_refine_hist.pdbx_number_atoms_nucleic_acid   0 
_refine_hist.pdbx_number_atoms_ligand         30 
_refine_hist.number_atoms_solvent             214 
_refine_hist.number_atoms_total               1552 
_refine_hist.d_res_high                       1.80 
_refine_hist.d_res_low                        51.99 
# 
loop_
_refine_ls_restr.type 
_refine_ls_restr.dev_ideal 
_refine_ls_restr.dev_ideal_target 
_refine_ls_restr.weight 
_refine_ls_restr.number 
_refine_ls_restr.pdbx_refine_id 
_refine_ls_restr.pdbx_restraint_function 
r_bond_refined_d             0.011  0.022  ? 1401 'X-RAY DIFFRACTION' ? 
r_bond_other_d               ?      ?      ? ?    'X-RAY DIFFRACTION' ? 
r_angle_refined_deg          1.740  1.992  ? 1883 'X-RAY DIFFRACTION' ? 
r_angle_other_deg            ?      ?      ? ?    'X-RAY DIFFRACTION' ? 
r_dihedral_angle_1_deg       3.432  5.000  ? 163  'X-RAY DIFFRACTION' ? 
r_dihedral_angle_2_deg       31.297 23.284 ? 67   'X-RAY DIFFRACTION' ? 
r_dihedral_angle_3_deg       10.412 15.000 ? 270  'X-RAY DIFFRACTION' ? 
r_dihedral_angle_4_deg       10.698 15.000 ? 15   'X-RAY DIFFRACTION' ? 
r_chiral_restr               0.081  0.200  ? 203  'X-RAY DIFFRACTION' ? 
r_gen_planes_refined         0.003  0.020  ? 1034 'X-RAY DIFFRACTION' ? 
r_gen_planes_other           ?      ?      ? ?    'X-RAY DIFFRACTION' ? 
r_nbd_refined                0.185  0.200  ? 681  'X-RAY DIFFRACTION' ? 
r_nbd_other                  ?      ?      ? ?    'X-RAY DIFFRACTION' ? 
r_nbtor_refined              0.284  0.200  ? 967  'X-RAY DIFFRACTION' ? 
r_nbtor_other                ?      ?      ? ?    'X-RAY DIFFRACTION' ? 
r_xyhbond_nbd_refined        0.111  0.200  ? 167  'X-RAY DIFFRACTION' ? 
r_xyhbond_nbd_other          ?      ?      ? ?    'X-RAY DIFFRACTION' ? 
r_metal_ion_refined          ?      ?      ? ?    'X-RAY DIFFRACTION' ? 
r_metal_ion_other            ?      ?      ? ?    'X-RAY DIFFRACTION' ? 
r_symmetry_vdw_refined       0.169  0.200  ? 67   'X-RAY DIFFRACTION' ? 
r_symmetry_vdw_other         ?      ?      ? ?    'X-RAY DIFFRACTION' ? 
r_symmetry_hbond_refined     0.086  0.200  ? 34   'X-RAY DIFFRACTION' ? 
r_symmetry_hbond_other       ?      ?      ? ?    'X-RAY DIFFRACTION' ? 
r_symmetry_metal_ion_refined ?      ?      ? ?    'X-RAY DIFFRACTION' ? 
r_symmetry_metal_ion_other   ?      ?      ? ?    'X-RAY DIFFRACTION' ? 
r_mcbond_it                  0.402  1.500  ? 853  'X-RAY DIFFRACTION' ? 
r_mcbond_other               ?      ?      ? ?    'X-RAY DIFFRACTION' ? 
r_mcangle_it                 0.641  2.000  ? 1309 'X-RAY DIFFRACTION' ? 
r_scbond_it                  1.209  3.000  ? 640  'X-RAY DIFFRACTION' ? 
r_scangle_it                 1.752  4.500  ? 574  'X-RAY DIFFRACTION' ? 
r_rigid_bond_restr           ?      ?      ? ?    'X-RAY DIFFRACTION' ? 
r_sphericity_free            ?      ?      ? ?    'X-RAY DIFFRACTION' ? 
r_sphericity_bonded          ?      ?      ? ?    'X-RAY DIFFRACTION' ? 
# 
_refine_ls_shell.pdbx_total_number_of_bins_used   20 
_refine_ls_shell.d_res_high                       1.80 
_refine_ls_shell.d_res_low                        1.845 
_refine_ls_shell.number_reflns_R_work             711 
_refine_ls_shell.R_factor_R_work                  0.335 
_refine_ls_shell.percent_reflns_obs               55.99 
_refine_ls_shell.R_factor_R_free                  0.414 
_refine_ls_shell.R_factor_R_free_error            ? 
_refine_ls_shell.percent_reflns_R_free            ? 
_refine_ls_shell.number_reflns_R_free             55 
_refine_ls_shell.number_reflns_obs                ? 
_refine_ls_shell.redundancy_reflns_obs            ? 
_refine_ls_shell.number_reflns_all                ? 
_refine_ls_shell.R_factor_all                     ? 
_refine_ls_shell.pdbx_refine_id                   'X-RAY DIFFRACTION' 
# 
_struct.entry_id                  1ZWN 
_struct.title                     'Crystal structure of spin labeled T4 Lysozyme (V131R1B)' 
_struct.pdbx_model_details        ? 
_struct.pdbx_CASP_flag            ? 
_struct.pdbx_model_type_details   ? 
# 
_struct_keywords.entry_id        1ZWN 
_struct_keywords.pdbx_keywords   HYDROLASE 
_struct_keywords.text            'Nitroxide spin label, EPR, modified cysteine, Hydrolase' 
# 
loop_
_struct_asym.id 
_struct_asym.pdbx_blank_PDB_chainid_flag 
_struct_asym.pdbx_modified 
_struct_asym.entity_id 
_struct_asym.details 
A N N 1 ? 
B N N 2 ? 
C N N 3 ? 
D N N 3 ? 
E N N 4 ? 
F N N 4 ? 
G N N 4 ? 
H N N 5 ? 
I N N 6 ? 
# 
_struct_ref.id                         1 
_struct_ref.db_name                    UNP 
_struct_ref.db_code                    LYS_BPT4 
_struct_ref.pdbx_db_accession          P00720 
_struct_ref.entity_id                  1 
_struct_ref.pdbx_align_begin           1 
_struct_ref.pdbx_seq_one_letter_code   ? 
_struct_ref.pdbx_db_isoform            ? 
# 
_struct_ref_seq.align_id                      1 
_struct_ref_seq.ref_id                        1 
_struct_ref_seq.pdbx_PDB_id_code              1ZWN 
_struct_ref_seq.pdbx_strand_id                A 
_struct_ref_seq.seq_align_beg                 1 
_struct_ref_seq.pdbx_seq_align_beg_ins_code   ? 
_struct_ref_seq.seq_align_end                 164 
_struct_ref_seq.pdbx_seq_align_end_ins_code   ? 
_struct_ref_seq.pdbx_db_accession             P00720 
_struct_ref_seq.db_align_beg                  1 
_struct_ref_seq.pdbx_db_align_beg_ins_code    ? 
_struct_ref_seq.db_align_end                  164 
_struct_ref_seq.pdbx_db_align_end_ins_code    ? 
_struct_ref_seq.pdbx_auth_seq_align_beg       1 
_struct_ref_seq.pdbx_auth_seq_align_end       164 
# 
loop_
_struct_ref_seq_dif.align_id 
_struct_ref_seq_dif.pdbx_pdb_id_code 
_struct_ref_seq_dif.mon_id 
_struct_ref_seq_dif.pdbx_pdb_strand_id 
_struct_ref_seq_dif.seq_num 
_struct_ref_seq_dif.pdbx_pdb_ins_code 
_struct_ref_seq_dif.pdbx_seq_db_name 
_struct_ref_seq_dif.pdbx_seq_db_accession_code 
_struct_ref_seq_dif.db_mon_id 
_struct_ref_seq_dif.pdbx_seq_db_seq_num 
_struct_ref_seq_dif.details 
_struct_ref_seq_dif.pdbx_auth_seq_num 
_struct_ref_seq_dif.pdbx_ordinal 
1 1ZWN THR A 54  ? UNP P00720 CYS 54  'engineered mutation' 54  1 
1 1ZWN ALA A 97  ? UNP P00720 CYS 97  'engineered mutation' 97  2 
1 1ZWN CYS A 131 ? UNP P00720 VAL 131 'engineered mutation' 131 3 
# 
_pdbx_struct_assembly.id                   1 
_pdbx_struct_assembly.details              author_defined_assembly 
_pdbx_struct_assembly.method_details       ? 
_pdbx_struct_assembly.oligomeric_details   monomeric 
_pdbx_struct_assembly.oligomeric_count     1 
# 
_pdbx_struct_assembly_gen.assembly_id       1 
_pdbx_struct_assembly_gen.oper_expression   1 
_pdbx_struct_assembly_gen.asym_id_list      A,B,C,D,E,F,G,H,I 
# 
_pdbx_struct_oper_list.id                   1 
_pdbx_struct_oper_list.type                 'identity operation' 
_pdbx_struct_oper_list.name                 1_555 
_pdbx_struct_oper_list.symmetry_operation   x,y,z 
_pdbx_struct_oper_list.matrix[1][1]         1.0000000000 
_pdbx_struct_oper_list.matrix[1][2]         0.0000000000 
_pdbx_struct_oper_list.matrix[1][3]         0.0000000000 
_pdbx_struct_oper_list.vector[1]            0.0000000000 
_pdbx_struct_oper_list.matrix[2][1]         0.0000000000 
_pdbx_struct_oper_list.matrix[2][2]         1.0000000000 
_pdbx_struct_oper_list.matrix[2][3]         0.0000000000 
_pdbx_struct_oper_list.vector[2]            0.0000000000 
_pdbx_struct_oper_list.matrix[3][1]         0.0000000000 
_pdbx_struct_oper_list.matrix[3][2]         0.0000000000 
_pdbx_struct_oper_list.matrix[3][3]         1.0000000000 
_pdbx_struct_oper_list.vector[3]            0.0000000000 
# 
_struct_biol.id                    1 
_struct_biol.pdbx_parent_biol_id   ? 
_struct_biol.details               ? 
# 
loop_
_struct_conf.conf_type_id 
_struct_conf.id 
_struct_conf.pdbx_PDB_helix_id 
_struct_conf.beg_label_comp_id 
_struct_conf.beg_label_asym_id 
_struct_conf.beg_label_seq_id 
_struct_conf.pdbx_beg_PDB_ins_code 
_struct_conf.end_label_comp_id 
_struct_conf.end_label_asym_id 
_struct_conf.end_label_seq_id 
_struct_conf.pdbx_end_PDB_ins_code 
_struct_conf.beg_auth_comp_id 
_struct_conf.beg_auth_asym_id 
_struct_conf.beg_auth_seq_id 
_struct_conf.end_auth_comp_id 
_struct_conf.end_auth_asym_id 
_struct_conf.end_auth_seq_id 
_struct_conf.pdbx_PDB_helix_class 
_struct_conf.details 
_struct_conf.pdbx_PDB_helix_length 
HELX_P HELX_P1  1  ASN A 2   ? GLY A 12  ? ASN A 2   GLY A 12  1 ? 11 
HELX_P HELX_P2  2  SER A 38  ? GLY A 51  ? SER A 38  GLY A 51  1 ? 14 
HELX_P HELX_P3  3  THR A 59  ? ASN A 81  ? THR A 59  ASN A 81  1 ? 23 
HELX_P HELX_P4  4  LYS A 83  ? LEU A 91  ? LYS A 83  LEU A 91  1 ? 9  
HELX_P HELX_P5  5  ASP A 92  ? GLY A 113 ? ASP A 92  GLY A 113 1 ? 22 
HELX_P HELX_P6  6  PHE A 114 ? GLN A 123 ? PHE A 114 GLN A 123 1 ? 10 
HELX_P HELX_P7  7  ARG A 125 ? ALA A 134 ? ARG A 125 ALA A 134 1 ? 10 
HELX_P HELX_P8  8  SER A 136 ? THR A 142 ? SER A 136 THR A 142 1 ? 7  
HELX_P HELX_P9  9  THR A 142 ? GLY A 156 ? THR A 142 GLY A 156 1 ? 15 
HELX_P HELX_P10 10 TRP A 158 ? LYS A 162 ? TRP A 158 LYS A 162 5 ? 5  
# 
_struct_conf_type.id          HELX_P 
_struct_conf_type.criteria    ? 
_struct_conf_type.reference   ? 
# 
loop_
_struct_conn.id 
_struct_conn.conn_type_id 
_struct_conn.pdbx_leaving_atom_flag 
_struct_conn.pdbx_PDB_id 
_struct_conn.ptnr1_label_asym_id 
_struct_conn.ptnr1_label_comp_id 
_struct_conn.ptnr1_label_seq_id 
_struct_conn.ptnr1_label_atom_id 
_struct_conn.pdbx_ptnr1_label_alt_id 
_struct_conn.pdbx_ptnr1_PDB_ins_code 
_struct_conn.pdbx_ptnr1_standard_comp_id 
_struct_conn.ptnr1_symmetry 
_struct_conn.ptnr2_label_asym_id 
_struct_conn.ptnr2_label_comp_id 
_struct_conn.ptnr2_label_seq_id 
_struct_conn.ptnr2_label_atom_id 
_struct_conn.pdbx_ptnr2_label_alt_id 
_struct_conn.pdbx_ptnr2_PDB_ins_code 
_struct_conn.ptnr1_auth_asym_id 
_struct_conn.ptnr1_auth_comp_id 
_struct_conn.ptnr1_auth_seq_id 
_struct_conn.ptnr2_auth_asym_id 
_struct_conn.ptnr2_auth_comp_id 
_struct_conn.ptnr2_auth_seq_id 
_struct_conn.ptnr2_symmetry 
_struct_conn.pdbx_ptnr3_label_atom_id 
_struct_conn.pdbx_ptnr3_label_seq_id 
_struct_conn.pdbx_ptnr3_label_comp_id 
_struct_conn.pdbx_ptnr3_label_asym_id 
_struct_conn.pdbx_ptnr3_label_alt_id 
_struct_conn.pdbx_ptnr3_PDB_ins_code 
_struct_conn.details 
_struct_conn.pdbx_dist_value 
_struct_conn.pdbx_value_order 
_struct_conn.pdbx_role 
covale1 covale one ? A CYS 131 SG A ? ? 1_555 B R1B . SD A ? A CYS 131 A R1B 1131 1_555 ? ? ? ? ? ? ? 1.997 ? ? 
covale2 covale one ? A CYS 131 SG B ? ? 1_555 B R1B . SD B ? A CYS 131 A R1B 1131 1_555 ? ? ? ? ? ? ? 1.990 ? ? 
# 
_struct_conn_type.id          covale 
_struct_conn_type.criteria    ? 
_struct_conn_type.reference   ? 
# 
loop_
_pdbx_modification_feature.ordinal 
_pdbx_modification_feature.label_comp_id 
_pdbx_modification_feature.label_asym_id 
_pdbx_modification_feature.label_seq_id 
_pdbx_modification_feature.label_alt_id 
_pdbx_modification_feature.modified_residue_label_comp_id 
_pdbx_modification_feature.modified_residue_label_asym_id 
_pdbx_modification_feature.modified_residue_label_seq_id 
_pdbx_modification_feature.modified_residue_label_alt_id 
_pdbx_modification_feature.auth_comp_id 
_pdbx_modification_feature.auth_asym_id 
_pdbx_modification_feature.auth_seq_id 
_pdbx_modification_feature.PDB_ins_code 
_pdbx_modification_feature.symmetry 
_pdbx_modification_feature.modified_residue_auth_comp_id 
_pdbx_modification_feature.modified_residue_auth_asym_id 
_pdbx_modification_feature.modified_residue_auth_seq_id 
_pdbx_modification_feature.modified_residue_PDB_ins_code 
_pdbx_modification_feature.modified_residue_symmetry 
_pdbx_modification_feature.comp_id_linking_atom 
_pdbx_modification_feature.modified_residue_id_linking_atom 
_pdbx_modification_feature.modified_residue_id 
_pdbx_modification_feature.ref_pcm_id 
_pdbx_modification_feature.ref_comp_id 
_pdbx_modification_feature.type 
_pdbx_modification_feature.category 
1 R1B B . A CYS A 131 A R1B A 1131 ? 1_555 CYS A 131 ? 1_555 SD SG CYS 1 R1B None 'Covalent chemical modification' 
2 R1B B . B CYS A 131 B R1B A 1131 ? 1_555 CYS A 131 ? 1_555 SD SG CYS 1 R1B None 'Covalent chemical modification' 
# 
_struct_sheet.id               A 
_struct_sheet.type             ? 
_struct_sheet.number_strands   3 
_struct_sheet.details          ? 
# 
loop_
_struct_sheet_order.sheet_id 
_struct_sheet_order.range_id_1 
_struct_sheet_order.range_id_2 
_struct_sheet_order.offset 
_struct_sheet_order.sense 
A 1 2 ? anti-parallel 
A 2 3 ? anti-parallel 
# 
loop_
_struct_sheet_range.sheet_id 
_struct_sheet_range.id 
_struct_sheet_range.beg_label_comp_id 
_struct_sheet_range.beg_label_asym_id 
_struct_sheet_range.beg_label_seq_id 
_struct_sheet_range.pdbx_beg_PDB_ins_code 
_struct_sheet_range.end_label_comp_id 
_struct_sheet_range.end_label_asym_id 
_struct_sheet_range.end_label_seq_id 
_struct_sheet_range.pdbx_end_PDB_ins_code 
_struct_sheet_range.beg_auth_comp_id 
_struct_sheet_range.beg_auth_asym_id 
_struct_sheet_range.beg_auth_seq_id 
_struct_sheet_range.end_auth_comp_id 
_struct_sheet_range.end_auth_asym_id 
_struct_sheet_range.end_auth_seq_id 
A 1 ARG A 14 ? LYS A 19 ? ARG A 14 LYS A 19 
A 2 TYR A 25 ? GLY A 28 ? TYR A 25 GLY A 28 
A 3 HIS A 31 ? LEU A 32 ? HIS A 31 LEU A 32 
# 
loop_
_pdbx_struct_sheet_hbond.sheet_id 
_pdbx_struct_sheet_hbond.range_id_1 
_pdbx_struct_sheet_hbond.range_id_2 
_pdbx_struct_sheet_hbond.range_1_label_atom_id 
_pdbx_struct_sheet_hbond.range_1_label_comp_id 
_pdbx_struct_sheet_hbond.range_1_label_asym_id 
_pdbx_struct_sheet_hbond.range_1_label_seq_id 
_pdbx_struct_sheet_hbond.range_1_PDB_ins_code 
_pdbx_struct_sheet_hbond.range_1_auth_atom_id 
_pdbx_struct_sheet_hbond.range_1_auth_comp_id 
_pdbx_struct_sheet_hbond.range_1_auth_asym_id 
_pdbx_struct_sheet_hbond.range_1_auth_seq_id 
_pdbx_struct_sheet_hbond.range_2_label_atom_id 
_pdbx_struct_sheet_hbond.range_2_label_comp_id 
_pdbx_struct_sheet_hbond.range_2_label_asym_id 
_pdbx_struct_sheet_hbond.range_2_label_seq_id 
_pdbx_struct_sheet_hbond.range_2_PDB_ins_code 
_pdbx_struct_sheet_hbond.range_2_auth_atom_id 
_pdbx_struct_sheet_hbond.range_2_auth_comp_id 
_pdbx_struct_sheet_hbond.range_2_auth_asym_id 
_pdbx_struct_sheet_hbond.range_2_auth_seq_id 
A 1 2 N TYR A 18 ? N TYR A 18 O THR A 26 ? O THR A 26 
A 2 3 N ILE A 27 ? N ILE A 27 O HIS A 31 ? O HIS A 31 
# 
loop_
_struct_site.id 
_struct_site.pdbx_evidence_code 
_struct_site.pdbx_auth_asym_id 
_struct_site.pdbx_auth_comp_id 
_struct_site.pdbx_auth_seq_id 
_struct_site.pdbx_auth_ins_code 
_struct_site.pdbx_num_residues 
_struct_site.details 
AC1 Software A R1B 1131 ? 5 'BINDING SITE FOR RESIDUE R1B A 1131' 
AC2 Software A AZI 181  ? 8 'BINDING SITE FOR RESIDUE AZI A 181'  
AC3 Software A AZI 182  ? 8 'BINDING SITE FOR RESIDUE AZI A 182'  
AC4 Software A CL  200  ? 3 'BINDING SITE FOR RESIDUE CL A 200'   
AC5 Software A CL  201  ? 6 'BINDING SITE FOR RESIDUE CL A 201'   
AC6 Software A CL  202  ? 5 'BINDING SITE FOR RESIDUE CL A 202'   
AC7 Software A HED 180  ? 8 'BINDING SITE FOR RESIDUE HED A 180'  
# 
loop_
_struct_site_gen.id 
_struct_site_gen.site_id 
_struct_site_gen.pdbx_num_res 
_struct_site_gen.label_comp_id 
_struct_site_gen.label_asym_id 
_struct_site_gen.label_seq_id 
_struct_site_gen.pdbx_auth_ins_code 
_struct_site_gen.auth_comp_id 
_struct_site_gen.auth_asym_id 
_struct_site_gen.auth_seq_id 
_struct_site_gen.label_atom_id 
_struct_site_gen.label_alt_id 
_struct_site_gen.symmetry 
_struct_site_gen.details 
1  AC1 5 ARG A 80  ? ARG A 80  . ? 3_665 ? 
2  AC1 5 GLU A 108 ? GLU A 108 . ? 3_665 ? 
3  AC1 5 CYS A 131 ? CYS A 131 . ? 1_555 ? 
4  AC1 5 HOH I .   ? HOH A 287 . ? 1_555 ? 
5  AC1 5 HOH I .   ? HOH A 353 . ? 1_555 ? 
6  AC2 8 LYS A 19  ? LYS A 19  . ? 4_656 ? 
7  AC2 8 ARG A 125 ? ARG A 125 . ? 1_555 ? 
8  AC2 8 TRP A 126 ? TRP A 126 . ? 1_555 ? 
9  AC2 8 ASP A 127 ? ASP A 127 . ? 1_555 ? 
10 AC2 8 GLU A 128 ? GLU A 128 . ? 1_555 ? 
11 AC2 8 HOH I .   ? HOH A 285 . ? 4_656 ? 
12 AC2 8 HOH I .   ? HOH A 304 . ? 4_656 ? 
13 AC2 8 HOH I .   ? HOH A 429 . ? 4_656 ? 
14 AC3 8 SER A 44  ? SER A 44  . ? 1_555 ? 
15 AC3 8 GLU A 45  ? GLU A 45  . ? 1_555 ? 
16 AC3 8 LYS A 48  ? LYS A 48  . ? 1_555 ? 
17 AC3 8 PHE A 114 ? PHE A 114 . ? 2_654 ? 
18 AC3 8 THR A 115 ? THR A 115 . ? 2_654 ? 
19 AC3 8 ASN A 116 ? ASN A 116 . ? 2_654 ? 
20 AC3 8 SER A 117 ? SER A 117 . ? 2_654 ? 
21 AC3 8 ASN A 132 ? ASN A 132 . ? 2_654 ? 
22 AC4 3 HIS A 31  ? HIS A 31  . ? 1_555 ? 
23 AC4 3 LYS A 135 ? LYS A 135 . ? 2_654 ? 
24 AC4 3 HOH I .   ? HOH A 327 . ? 1_555 ? 
25 AC5 6 LYS A 124 ? LYS A 124 . ? 4_546 ? 
26 AC5 6 THR A 142 ? THR A 142 . ? 1_555 ? 
27 AC5 6 ASN A 144 ? ASN A 144 . ? 1_555 ? 
28 AC5 6 ARG A 145 ? ARG A 145 . ? 1_555 ? 
29 AC5 6 HOH I .   ? HOH A 247 . ? 1_555 ? 
30 AC5 6 HOH I .   ? HOH A 318 . ? 1_555 ? 
31 AC6 5 GLU A 11  ? GLU A 11  . ? 1_555 ? 
32 AC6 5 TYR A 18  ? TYR A 18  . ? 1_555 ? 
33 AC6 5 HOH I .   ? HOH A 219 . ? 1_555 ? 
34 AC6 5 HOH I .   ? HOH A 332 . ? 1_555 ? 
35 AC6 5 HOH I .   ? HOH A 356 . ? 1_555 ? 
36 AC7 8 PHE A 4   ? PHE A 4   . ? 6_765 ? 
37 AC7 8 ASN A 68  ? ASN A 68  . ? 6_765 ? 
38 AC7 8 ASP A 72  ? ASP A 72  . ? 6_765 ? 
39 AC7 8 VAL A 75  ? VAL A 75  . ? 6_765 ? 
40 AC7 8 TYR A 88  ? TYR A 88  . ? 1_555 ? 
41 AC7 8 ALA A 93  ? ALA A 93  . ? 1_555 ? 
42 AC7 8 ILE A 100 ? ILE A 100 . ? 1_555 ? 
43 AC7 8 HOH I .   ? HOH A 303 . ? 6_765 ? 
# 
_pdbx_entry_details.entry_id                   1ZWN 
_pdbx_entry_details.compound_details           ? 
_pdbx_entry_details.source_details             ? 
_pdbx_entry_details.nonpolymer_details         ? 
_pdbx_entry_details.sequence_details           ? 
_pdbx_entry_details.has_ligand_of_interest     ? 
_pdbx_entry_details.has_protein_modification   Y 
# 
_pdbx_validate_rmsd_angle.id                         1 
_pdbx_validate_rmsd_angle.PDB_model_num              1 
_pdbx_validate_rmsd_angle.auth_atom_id_1             CB 
_pdbx_validate_rmsd_angle.auth_asym_id_1             A 
_pdbx_validate_rmsd_angle.auth_comp_id_1             ASP 
_pdbx_validate_rmsd_angle.auth_seq_id_1              20 
_pdbx_validate_rmsd_angle.PDB_ins_code_1             ? 
_pdbx_validate_rmsd_angle.label_alt_id_1             ? 
_pdbx_validate_rmsd_angle.auth_atom_id_2             CG 
_pdbx_validate_rmsd_angle.auth_asym_id_2             A 
_pdbx_validate_rmsd_angle.auth_comp_id_2             ASP 
_pdbx_validate_rmsd_angle.auth_seq_id_2              20 
_pdbx_validate_rmsd_angle.PDB_ins_code_2             ? 
_pdbx_validate_rmsd_angle.label_alt_id_2             ? 
_pdbx_validate_rmsd_angle.auth_atom_id_3             OD1 
_pdbx_validate_rmsd_angle.auth_asym_id_3             A 
_pdbx_validate_rmsd_angle.auth_comp_id_3             ASP 
_pdbx_validate_rmsd_angle.auth_seq_id_3              20 
_pdbx_validate_rmsd_angle.PDB_ins_code_3             ? 
_pdbx_validate_rmsd_angle.label_alt_id_3             ? 
_pdbx_validate_rmsd_angle.angle_value                124.07 
_pdbx_validate_rmsd_angle.angle_target_value         118.30 
_pdbx_validate_rmsd_angle.angle_deviation            5.77 
_pdbx_validate_rmsd_angle.angle_standard_deviation   0.90 
_pdbx_validate_rmsd_angle.linker_flag                N 
# 
_pdbx_validate_torsion.id              1 
_pdbx_validate_torsion.PDB_model_num   1 
_pdbx_validate_torsion.auth_comp_id    ILE 
_pdbx_validate_torsion.auth_asym_id    A 
_pdbx_validate_torsion.auth_seq_id     29 
_pdbx_validate_torsion.PDB_ins_code    ? 
_pdbx_validate_torsion.label_alt_id    ? 
_pdbx_validate_torsion.phi             -101.24 
_pdbx_validate_torsion.psi             74.96 
# 
loop_
_chem_comp_atom.comp_id 
_chem_comp_atom.atom_id 
_chem_comp_atom.type_symbol 
_chem_comp_atom.pdbx_aromatic_flag 
_chem_comp_atom.pdbx_stereo_config 
_chem_comp_atom.pdbx_ordinal 
ALA N    N  N N 1   
ALA CA   C  N S 2   
ALA C    C  N N 3   
ALA O    O  N N 4   
ALA CB   C  N N 5   
ALA OXT  O  N N 6   
ALA H    H  N N 7   
ALA H2   H  N N 8   
ALA HA   H  N N 9   
ALA HB1  H  N N 10  
ALA HB2  H  N N 11  
ALA HB3  H  N N 12  
ALA HXT  H  N N 13  
ARG N    N  N N 14  
ARG CA   C  N S 15  
ARG C    C  N N 16  
ARG O    O  N N 17  
ARG CB   C  N N 18  
ARG CG   C  N N 19  
ARG CD   C  N N 20  
ARG NE   N  N N 21  
ARG CZ   C  N N 22  
ARG NH1  N  N N 23  
ARG NH2  N  N N 24  
ARG OXT  O  N N 25  
ARG H    H  N N 26  
ARG H2   H  N N 27  
ARG HA   H  N N 28  
ARG HB2  H  N N 29  
ARG HB3  H  N N 30  
ARG HG2  H  N N 31  
ARG HG3  H  N N 32  
ARG HD2  H  N N 33  
ARG HD3  H  N N 34  
ARG HE   H  N N 35  
ARG HH11 H  N N 36  
ARG HH12 H  N N 37  
ARG HH21 H  N N 38  
ARG HH22 H  N N 39  
ARG HXT  H  N N 40  
ASN N    N  N N 41  
ASN CA   C  N S 42  
ASN C    C  N N 43  
ASN O    O  N N 44  
ASN CB   C  N N 45  
ASN CG   C  N N 46  
ASN OD1  O  N N 47  
ASN ND2  N  N N 48  
ASN OXT  O  N N 49  
ASN H    H  N N 50  
ASN H2   H  N N 51  
ASN HA   H  N N 52  
ASN HB2  H  N N 53  
ASN HB3  H  N N 54  
ASN HD21 H  N N 55  
ASN HD22 H  N N 56  
ASN HXT  H  N N 57  
ASP N    N  N N 58  
ASP CA   C  N S 59  
ASP C    C  N N 60  
ASP O    O  N N 61  
ASP CB   C  N N 62  
ASP CG   C  N N 63  
ASP OD1  O  N N 64  
ASP OD2  O  N N 65  
ASP OXT  O  N N 66  
ASP H    H  N N 67  
ASP H2   H  N N 68  
ASP HA   H  N N 69  
ASP HB2  H  N N 70  
ASP HB3  H  N N 71  
ASP HD2  H  N N 72  
ASP HXT  H  N N 73  
AZI N1   N  N N 74  
AZI N2   N  N N 75  
AZI N3   N  N N 76  
CL  CL   CL N N 77  
CYS N    N  N N 78  
CYS CA   C  N R 79  
CYS C    C  N N 80  
CYS O    O  N N 81  
CYS CB   C  N N 82  
CYS SG   S  N N 83  
CYS OXT  O  N N 84  
CYS H    H  N N 85  
CYS H2   H  N N 86  
CYS HA   H  N N 87  
CYS HB2  H  N N 88  
CYS HB3  H  N N 89  
CYS HG   H  N N 90  
CYS HXT  H  N N 91  
GLN N    N  N N 92  
GLN CA   C  N S 93  
GLN C    C  N N 94  
GLN O    O  N N 95  
GLN CB   C  N N 96  
GLN CG   C  N N 97  
GLN CD   C  N N 98  
GLN OE1  O  N N 99  
GLN NE2  N  N N 100 
GLN OXT  O  N N 101 
GLN H    H  N N 102 
GLN H2   H  N N 103 
GLN HA   H  N N 104 
GLN HB2  H  N N 105 
GLN HB3  H  N N 106 
GLN HG2  H  N N 107 
GLN HG3  H  N N 108 
GLN HE21 H  N N 109 
GLN HE22 H  N N 110 
GLN HXT  H  N N 111 
GLU N    N  N N 112 
GLU CA   C  N S 113 
GLU C    C  N N 114 
GLU O    O  N N 115 
GLU CB   C  N N 116 
GLU CG   C  N N 117 
GLU CD   C  N N 118 
GLU OE1  O  N N 119 
GLU OE2  O  N N 120 
GLU OXT  O  N N 121 
GLU H    H  N N 122 
GLU H2   H  N N 123 
GLU HA   H  N N 124 
GLU HB2  H  N N 125 
GLU HB3  H  N N 126 
GLU HG2  H  N N 127 
GLU HG3  H  N N 128 
GLU HE2  H  N N 129 
GLU HXT  H  N N 130 
GLY N    N  N N 131 
GLY CA   C  N N 132 
GLY C    C  N N 133 
GLY O    O  N N 134 
GLY OXT  O  N N 135 
GLY H    H  N N 136 
GLY H2   H  N N 137 
GLY HA2  H  N N 138 
GLY HA3  H  N N 139 
GLY HXT  H  N N 140 
HED C1   C  N N 141 
HED O1   O  N N 142 
HED C2   C  N N 143 
HED S3   S  N N 144 
HED S4   S  N N 145 
HED C5   C  N N 146 
HED C6   C  N N 147 
HED O6   O  N N 148 
HED H11  H  N N 149 
HED H12  H  N N 150 
HED HO1  H  N N 151 
HED H21  H  N N 152 
HED H22  H  N N 153 
HED H51  H  N N 154 
HED H52  H  N N 155 
HED H61  H  N N 156 
HED H62  H  N N 157 
HED HO6  H  N N 158 
HIS N    N  N N 159 
HIS CA   C  N S 160 
HIS C    C  N N 161 
HIS O    O  N N 162 
HIS CB   C  N N 163 
HIS CG   C  Y N 164 
HIS ND1  N  Y N 165 
HIS CD2  C  Y N 166 
HIS CE1  C  Y N 167 
HIS NE2  N  Y N 168 
HIS OXT  O  N N 169 
HIS H    H  N N 170 
HIS H2   H  N N 171 
HIS HA   H  N N 172 
HIS HB2  H  N N 173 
HIS HB3  H  N N 174 
HIS HD1  H  N N 175 
HIS HD2  H  N N 176 
HIS HE1  H  N N 177 
HIS HE2  H  N N 178 
HIS HXT  H  N N 179 
HOH O    O  N N 180 
HOH H1   H  N N 181 
HOH H2   H  N N 182 
ILE N    N  N N 183 
ILE CA   C  N S 184 
ILE C    C  N N 185 
ILE O    O  N N 186 
ILE CB   C  N S 187 
ILE CG1  C  N N 188 
ILE CG2  C  N N 189 
ILE CD1  C  N N 190 
ILE OXT  O  N N 191 
ILE H    H  N N 192 
ILE H2   H  N N 193 
ILE HA   H  N N 194 
ILE HB   H  N N 195 
ILE HG12 H  N N 196 
ILE HG13 H  N N 197 
ILE HG21 H  N N 198 
ILE HG22 H  N N 199 
ILE HG23 H  N N 200 
ILE HD11 H  N N 201 
ILE HD12 H  N N 202 
ILE HD13 H  N N 203 
ILE HXT  H  N N 204 
LEU N    N  N N 205 
LEU CA   C  N S 206 
LEU C    C  N N 207 
LEU O    O  N N 208 
LEU CB   C  N N 209 
LEU CG   C  N N 210 
LEU CD1  C  N N 211 
LEU CD2  C  N N 212 
LEU OXT  O  N N 213 
LEU H    H  N N 214 
LEU H2   H  N N 215 
LEU HA   H  N N 216 
LEU HB2  H  N N 217 
LEU HB3  H  N N 218 
LEU HG   H  N N 219 
LEU HD11 H  N N 220 
LEU HD12 H  N N 221 
LEU HD13 H  N N 222 
LEU HD21 H  N N 223 
LEU HD22 H  N N 224 
LEU HD23 H  N N 225 
LEU HXT  H  N N 226 
LYS N    N  N N 227 
LYS CA   C  N S 228 
LYS C    C  N N 229 
LYS O    O  N N 230 
LYS CB   C  N N 231 
LYS CG   C  N N 232 
LYS CD   C  N N 233 
LYS CE   C  N N 234 
LYS NZ   N  N N 235 
LYS OXT  O  N N 236 
LYS H    H  N N 237 
LYS H2   H  N N 238 
LYS HA   H  N N 239 
LYS HB2  H  N N 240 
LYS HB3  H  N N 241 
LYS HG2  H  N N 242 
LYS HG3  H  N N 243 
LYS HD2  H  N N 244 
LYS HD3  H  N N 245 
LYS HE2  H  N N 246 
LYS HE3  H  N N 247 
LYS HZ1  H  N N 248 
LYS HZ2  H  N N 249 
LYS HZ3  H  N N 250 
LYS HXT  H  N N 251 
MET N    N  N N 252 
MET CA   C  N S 253 
MET C    C  N N 254 
MET O    O  N N 255 
MET CB   C  N N 256 
MET CG   C  N N 257 
MET SD   S  N N 258 
MET CE   C  N N 259 
MET OXT  O  N N 260 
MET H    H  N N 261 
MET H2   H  N N 262 
MET HA   H  N N 263 
MET HB2  H  N N 264 
MET HB3  H  N N 265 
MET HG2  H  N N 266 
MET HG3  H  N N 267 
MET HE1  H  N N 268 
MET HE2  H  N N 269 
MET HE3  H  N N 270 
MET HXT  H  N N 271 
PHE N    N  N N 272 
PHE CA   C  N S 273 
PHE C    C  N N 274 
PHE O    O  N N 275 
PHE CB   C  N N 276 
PHE CG   C  Y N 277 
PHE CD1  C  Y N 278 
PHE CD2  C  Y N 279 
PHE CE1  C  Y N 280 
PHE CE2  C  Y N 281 
PHE CZ   C  Y N 282 
PHE OXT  O  N N 283 
PHE H    H  N N 284 
PHE H2   H  N N 285 
PHE HA   H  N N 286 
PHE HB2  H  N N 287 
PHE HB3  H  N N 288 
PHE HD1  H  N N 289 
PHE HD2  H  N N 290 
PHE HE1  H  N N 291 
PHE HE2  H  N N 292 
PHE HZ   H  N N 293 
PHE HXT  H  N N 294 
PRO N    N  N N 295 
PRO CA   C  N S 296 
PRO C    C  N N 297 
PRO O    O  N N 298 
PRO CB   C  N N 299 
PRO CG   C  N N 300 
PRO CD   C  N N 301 
PRO OXT  O  N N 302 
PRO H    H  N N 303 
PRO HA   H  N N 304 
PRO HB2  H  N N 305 
PRO HB3  H  N N 306 
PRO HG2  H  N N 307 
PRO HG3  H  N N 308 
PRO HD2  H  N N 309 
PRO HD3  H  N N 310 
PRO HXT  H  N N 311 
R1B O1   O  N N 312 
R1B N1   N  N N 313 
R1B C2   C  N N 314 
R1B C8   C  N N 315 
R1B C9   C  N N 316 
R1B C5   C  N N 317 
R1B C7   C  N N 318 
R1B C6   C  N N 319 
R1B C4   C  N N 320 
R1B C10  C  N N 321 
R1B C3   C  N N 322 
R1B CE   C  N N 323 
R1B SD   S  N N 324 
R1B H2   H  N N 325 
R1B H3   H  N N 326 
R1B H4   H  N N 327 
R1B H5   H  N N 328 
R1B H6   H  N N 329 
R1B H7   H  N N 330 
R1B H8   H  N N 331 
R1B H9   H  N N 332 
R1B H10  H  N N 333 
R1B H11  H  N N 334 
R1B H12  H  N N 335 
R1B H13  H  N N 336 
R1B H14  H  N N 337 
R1B H15  H  N N 338 
R1B H16  H  N N 339 
R1B H17  H  N N 340 
R1B H18  H  N N 341 
R1B S1   S  N N 342 
R1B C11  C  N N 343 
R1B O2   O  N N 344 
R1B O3   O  N N 345 
R1B H19  H  N N 346 
R1B H20  H  N N 347 
R1B H21  H  N N 348 
SER N    N  N N 349 
SER CA   C  N S 350 
SER C    C  N N 351 
SER O    O  N N 352 
SER CB   C  N N 353 
SER OG   O  N N 354 
SER OXT  O  N N 355 
SER H    H  N N 356 
SER H2   H  N N 357 
SER HA   H  N N 358 
SER HB2  H  N N 359 
SER HB3  H  N N 360 
SER HG   H  N N 361 
SER HXT  H  N N 362 
THR N    N  N N 363 
THR CA   C  N S 364 
THR C    C  N N 365 
THR O    O  N N 366 
THR CB   C  N R 367 
THR OG1  O  N N 368 
THR CG2  C  N N 369 
THR OXT  O  N N 370 
THR H    H  N N 371 
THR H2   H  N N 372 
THR HA   H  N N 373 
THR HB   H  N N 374 
THR HG1  H  N N 375 
THR HG21 H  N N 376 
THR HG22 H  N N 377 
THR HG23 H  N N 378 
THR HXT  H  N N 379 
TRP N    N  N N 380 
TRP CA   C  N S 381 
TRP C    C  N N 382 
TRP O    O  N N 383 
TRP CB   C  N N 384 
TRP CG   C  Y N 385 
TRP CD1  C  Y N 386 
TRP CD2  C  Y N 387 
TRP NE1  N  Y N 388 
TRP CE2  C  Y N 389 
TRP CE3  C  Y N 390 
TRP CZ2  C  Y N 391 
TRP CZ3  C  Y N 392 
TRP CH2  C  Y N 393 
TRP OXT  O  N N 394 
TRP H    H  N N 395 
TRP H2   H  N N 396 
TRP HA   H  N N 397 
TRP HB2  H  N N 398 
TRP HB3  H  N N 399 
TRP HD1  H  N N 400 
TRP HE1  H  N N 401 
TRP HE3  H  N N 402 
TRP HZ2  H  N N 403 
TRP HZ3  H  N N 404 
TRP HH2  H  N N 405 
TRP HXT  H  N N 406 
TYR N    N  N N 407 
TYR CA   C  N S 408 
TYR C    C  N N 409 
TYR O    O  N N 410 
TYR CB   C  N N 411 
TYR CG   C  Y N 412 
TYR CD1  C  Y N 413 
TYR CD2  C  Y N 414 
TYR CE1  C  Y N 415 
TYR CE2  C  Y N 416 
TYR CZ   C  Y N 417 
TYR OH   O  N N 418 
TYR OXT  O  N N 419 
TYR H    H  N N 420 
TYR H2   H  N N 421 
TYR HA   H  N N 422 
TYR HB2  H  N N 423 
TYR HB3  H  N N 424 
TYR HD1  H  N N 425 
TYR HD2  H  N N 426 
TYR HE1  H  N N 427 
TYR HE2  H  N N 428 
TYR HH   H  N N 429 
TYR HXT  H  N N 430 
VAL N    N  N N 431 
VAL CA   C  N S 432 
VAL C    C  N N 433 
VAL O    O  N N 434 
VAL CB   C  N N 435 
VAL CG1  C  N N 436 
VAL CG2  C  N N 437 
VAL OXT  O  N N 438 
VAL H    H  N N 439 
VAL H2   H  N N 440 
VAL HA   H  N N 441 
VAL HB   H  N N 442 
VAL HG11 H  N N 443 
VAL HG12 H  N N 444 
VAL HG13 H  N N 445 
VAL HG21 H  N N 446 
VAL HG22 H  N N 447 
VAL HG23 H  N N 448 
VAL HXT  H  N N 449 
# 
loop_
_chem_comp_bond.comp_id 
_chem_comp_bond.atom_id_1 
_chem_comp_bond.atom_id_2 
_chem_comp_bond.value_order 
_chem_comp_bond.pdbx_aromatic_flag 
_chem_comp_bond.pdbx_stereo_config 
_chem_comp_bond.pdbx_ordinal 
ALA N   CA   sing N N 1   
ALA N   H    sing N N 2   
ALA N   H2   sing N N 3   
ALA CA  C    sing N N 4   
ALA CA  CB   sing N N 5   
ALA CA  HA   sing N N 6   
ALA C   O    doub N N 7   
ALA C   OXT  sing N N 8   
ALA CB  HB1  sing N N 9   
ALA CB  HB2  sing N N 10  
ALA CB  HB3  sing N N 11  
ALA OXT HXT  sing N N 12  
ARG N   CA   sing N N 13  
ARG N   H    sing N N 14  
ARG N   H2   sing N N 15  
ARG CA  C    sing N N 16  
ARG CA  CB   sing N N 17  
ARG CA  HA   sing N N 18  
ARG C   O    doub N N 19  
ARG C   OXT  sing N N 20  
ARG CB  CG   sing N N 21  
ARG CB  HB2  sing N N 22  
ARG CB  HB3  sing N N 23  
ARG CG  CD   sing N N 24  
ARG CG  HG2  sing N N 25  
ARG CG  HG3  sing N N 26  
ARG CD  NE   sing N N 27  
ARG CD  HD2  sing N N 28  
ARG CD  HD3  sing N N 29  
ARG NE  CZ   sing N N 30  
ARG NE  HE   sing N N 31  
ARG CZ  NH1  sing N N 32  
ARG CZ  NH2  doub N N 33  
ARG NH1 HH11 sing N N 34  
ARG NH1 HH12 sing N N 35  
ARG NH2 HH21 sing N N 36  
ARG NH2 HH22 sing N N 37  
ARG OXT HXT  sing N N 38  
ASN N   CA   sing N N 39  
ASN N   H    sing N N 40  
ASN N   H2   sing N N 41  
ASN CA  C    sing N N 42  
ASN CA  CB   sing N N 43  
ASN CA  HA   sing N N 44  
ASN C   O    doub N N 45  
ASN C   OXT  sing N N 46  
ASN CB  CG   sing N N 47  
ASN CB  HB2  sing N N 48  
ASN CB  HB3  sing N N 49  
ASN CG  OD1  doub N N 50  
ASN CG  ND2  sing N N 51  
ASN ND2 HD21 sing N N 52  
ASN ND2 HD22 sing N N 53  
ASN OXT HXT  sing N N 54  
ASP N   CA   sing N N 55  
ASP N   H    sing N N 56  
ASP N   H2   sing N N 57  
ASP CA  C    sing N N 58  
ASP CA  CB   sing N N 59  
ASP CA  HA   sing N N 60  
ASP C   O    doub N N 61  
ASP C   OXT  sing N N 62  
ASP CB  CG   sing N N 63  
ASP CB  HB2  sing N N 64  
ASP CB  HB3  sing N N 65  
ASP CG  OD1  doub N N 66  
ASP CG  OD2  sing N N 67  
ASP OD2 HD2  sing N N 68  
ASP OXT HXT  sing N N 69  
AZI N1  N2   doub N N 70  
AZI N2  N3   doub N N 71  
CYS N   CA   sing N N 72  
CYS N   H    sing N N 73  
CYS N   H2   sing N N 74  
CYS CA  C    sing N N 75  
CYS CA  CB   sing N N 76  
CYS CA  HA   sing N N 77  
CYS C   O    doub N N 78  
CYS C   OXT  sing N N 79  
CYS CB  SG   sing N N 80  
CYS CB  HB2  sing N N 81  
CYS CB  HB3  sing N N 82  
CYS SG  HG   sing N N 83  
CYS OXT HXT  sing N N 84  
GLN N   CA   sing N N 85  
GLN N   H    sing N N 86  
GLN N   H2   sing N N 87  
GLN CA  C    sing N N 88  
GLN CA  CB   sing N N 89  
GLN CA  HA   sing N N 90  
GLN C   O    doub N N 91  
GLN C   OXT  sing N N 92  
GLN CB  CG   sing N N 93  
GLN CB  HB2  sing N N 94  
GLN CB  HB3  sing N N 95  
GLN CG  CD   sing N N 96  
GLN CG  HG2  sing N N 97  
GLN CG  HG3  sing N N 98  
GLN CD  OE1  doub N N 99  
GLN CD  NE2  sing N N 100 
GLN NE2 HE21 sing N N 101 
GLN NE2 HE22 sing N N 102 
GLN OXT HXT  sing N N 103 
GLU N   CA   sing N N 104 
GLU N   H    sing N N 105 
GLU N   H2   sing N N 106 
GLU CA  C    sing N N 107 
GLU CA  CB   sing N N 108 
GLU CA  HA   sing N N 109 
GLU C   O    doub N N 110 
GLU C   OXT  sing N N 111 
GLU CB  CG   sing N N 112 
GLU CB  HB2  sing N N 113 
GLU CB  HB3  sing N N 114 
GLU CG  CD   sing N N 115 
GLU CG  HG2  sing N N 116 
GLU CG  HG3  sing N N 117 
GLU CD  OE1  doub N N 118 
GLU CD  OE2  sing N N 119 
GLU OE2 HE2  sing N N 120 
GLU OXT HXT  sing N N 121 
GLY N   CA   sing N N 122 
GLY N   H    sing N N 123 
GLY N   H2   sing N N 124 
GLY CA  C    sing N N 125 
GLY CA  HA2  sing N N 126 
GLY CA  HA3  sing N N 127 
GLY C   O    doub N N 128 
GLY C   OXT  sing N N 129 
GLY OXT HXT  sing N N 130 
HED C1  O1   sing N N 131 
HED C1  C2   sing N N 132 
HED C1  H11  sing N N 133 
HED C1  H12  sing N N 134 
HED O1  HO1  sing N N 135 
HED C2  S3   sing N N 136 
HED C2  H21  sing N N 137 
HED C2  H22  sing N N 138 
HED S3  S4   sing N N 139 
HED S4  C5   sing N N 140 
HED C5  C6   sing N N 141 
HED C5  H51  sing N N 142 
HED C5  H52  sing N N 143 
HED C6  O6   sing N N 144 
HED C6  H61  sing N N 145 
HED C6  H62  sing N N 146 
HED O6  HO6  sing N N 147 
HIS N   CA   sing N N 148 
HIS N   H    sing N N 149 
HIS N   H2   sing N N 150 
HIS CA  C    sing N N 151 
HIS CA  CB   sing N N 152 
HIS CA  HA   sing N N 153 
HIS C   O    doub N N 154 
HIS C   OXT  sing N N 155 
HIS CB  CG   sing N N 156 
HIS CB  HB2  sing N N 157 
HIS CB  HB3  sing N N 158 
HIS CG  ND1  sing Y N 159 
HIS CG  CD2  doub Y N 160 
HIS ND1 CE1  doub Y N 161 
HIS ND1 HD1  sing N N 162 
HIS CD2 NE2  sing Y N 163 
HIS CD2 HD2  sing N N 164 
HIS CE1 NE2  sing Y N 165 
HIS CE1 HE1  sing N N 166 
HIS NE2 HE2  sing N N 167 
HIS OXT HXT  sing N N 168 
HOH O   H1   sing N N 169 
HOH O   H2   sing N N 170 
ILE N   CA   sing N N 171 
ILE N   H    sing N N 172 
ILE N   H2   sing N N 173 
ILE CA  C    sing N N 174 
ILE CA  CB   sing N N 175 
ILE CA  HA   sing N N 176 
ILE C   O    doub N N 177 
ILE C   OXT  sing N N 178 
ILE CB  CG1  sing N N 179 
ILE CB  CG2  sing N N 180 
ILE CB  HB   sing N N 181 
ILE CG1 CD1  sing N N 182 
ILE CG1 HG12 sing N N 183 
ILE CG1 HG13 sing N N 184 
ILE CG2 HG21 sing N N 185 
ILE CG2 HG22 sing N N 186 
ILE CG2 HG23 sing N N 187 
ILE CD1 HD11 sing N N 188 
ILE CD1 HD12 sing N N 189 
ILE CD1 HD13 sing N N 190 
ILE OXT HXT  sing N N 191 
LEU N   CA   sing N N 192 
LEU N   H    sing N N 193 
LEU N   H2   sing N N 194 
LEU CA  C    sing N N 195 
LEU CA  CB   sing N N 196 
LEU CA  HA   sing N N 197 
LEU C   O    doub N N 198 
LEU C   OXT  sing N N 199 
LEU CB  CG   sing N N 200 
LEU CB  HB2  sing N N 201 
LEU CB  HB3  sing N N 202 
LEU CG  CD1  sing N N 203 
LEU CG  CD2  sing N N 204 
LEU CG  HG   sing N N 205 
LEU CD1 HD11 sing N N 206 
LEU CD1 HD12 sing N N 207 
LEU CD1 HD13 sing N N 208 
LEU CD2 HD21 sing N N 209 
LEU CD2 HD22 sing N N 210 
LEU CD2 HD23 sing N N 211 
LEU OXT HXT  sing N N 212 
LYS N   CA   sing N N 213 
LYS N   H    sing N N 214 
LYS N   H2   sing N N 215 
LYS CA  C    sing N N 216 
LYS CA  CB   sing N N 217 
LYS CA  HA   sing N N 218 
LYS C   O    doub N N 219 
LYS C   OXT  sing N N 220 
LYS CB  CG   sing N N 221 
LYS CB  HB2  sing N N 222 
LYS CB  HB3  sing N N 223 
LYS CG  CD   sing N N 224 
LYS CG  HG2  sing N N 225 
LYS CG  HG3  sing N N 226 
LYS CD  CE   sing N N 227 
LYS CD  HD2  sing N N 228 
LYS CD  HD3  sing N N 229 
LYS CE  NZ   sing N N 230 
LYS CE  HE2  sing N N 231 
LYS CE  HE3  sing N N 232 
LYS NZ  HZ1  sing N N 233 
LYS NZ  HZ2  sing N N 234 
LYS NZ  HZ3  sing N N 235 
LYS OXT HXT  sing N N 236 
MET N   CA   sing N N 237 
MET N   H    sing N N 238 
MET N   H2   sing N N 239 
MET CA  C    sing N N 240 
MET CA  CB   sing N N 241 
MET CA  HA   sing N N 242 
MET C   O    doub N N 243 
MET C   OXT  sing N N 244 
MET CB  CG   sing N N 245 
MET CB  HB2  sing N N 246 
MET CB  HB3  sing N N 247 
MET CG  SD   sing N N 248 
MET CG  HG2  sing N N 249 
MET CG  HG3  sing N N 250 
MET SD  CE   sing N N 251 
MET CE  HE1  sing N N 252 
MET CE  HE2  sing N N 253 
MET CE  HE3  sing N N 254 
MET OXT HXT  sing N N 255 
PHE N   CA   sing N N 256 
PHE N   H    sing N N 257 
PHE N   H2   sing N N 258 
PHE CA  C    sing N N 259 
PHE CA  CB   sing N N 260 
PHE CA  HA   sing N N 261 
PHE C   O    doub N N 262 
PHE C   OXT  sing N N 263 
PHE CB  CG   sing N N 264 
PHE CB  HB2  sing N N 265 
PHE CB  HB3  sing N N 266 
PHE CG  CD1  doub Y N 267 
PHE CG  CD2  sing Y N 268 
PHE CD1 CE1  sing Y N 269 
PHE CD1 HD1  sing N N 270 
PHE CD2 CE2  doub Y N 271 
PHE CD2 HD2  sing N N 272 
PHE CE1 CZ   doub Y N 273 
PHE CE1 HE1  sing N N 274 
PHE CE2 CZ   sing Y N 275 
PHE CE2 HE2  sing N N 276 
PHE CZ  HZ   sing N N 277 
PHE OXT HXT  sing N N 278 
PRO N   CA   sing N N 279 
PRO N   CD   sing N N 280 
PRO N   H    sing N N 281 
PRO CA  C    sing N N 282 
PRO CA  CB   sing N N 283 
PRO CA  HA   sing N N 284 
PRO C   O    doub N N 285 
PRO C   OXT  sing N N 286 
PRO CB  CG   sing N N 287 
PRO CB  HB2  sing N N 288 
PRO CB  HB3  sing N N 289 
PRO CG  CD   sing N N 290 
PRO CG  HG2  sing N N 291 
PRO CG  HG3  sing N N 292 
PRO CD  HD2  sing N N 293 
PRO CD  HD3  sing N N 294 
PRO OXT HXT  sing N N 295 
R1B SD  CE   sing N N 296 
R1B CE  C3   sing N N 297 
R1B C3  C2   sing N N 298 
R1B C3  C4   doub N N 299 
R1B C9  C2   sing N N 300 
R1B C8  C2   sing N N 301 
R1B C2  N1   sing N N 302 
R1B C10 C4   sing N N 303 
R1B C4  C5   sing N N 304 
R1B N1  C5   sing N N 305 
R1B N1  O1   sing N N 306 
R1B C5  C7   sing N N 307 
R1B C5  C6   sing N N 308 
R1B C8  H2   sing N N 309 
R1B C8  H3   sing N N 310 
R1B C8  H4   sing N N 311 
R1B C9  H5   sing N N 312 
R1B C9  H6   sing N N 313 
R1B C9  H7   sing N N 314 
R1B C7  H8   sing N N 315 
R1B C7  H9   sing N N 316 
R1B C7  H10  sing N N 317 
R1B C6  H11  sing N N 318 
R1B C6  H12  sing N N 319 
R1B C6  H13  sing N N 320 
R1B C10 H14  sing N N 321 
R1B C10 H15  sing N N 322 
R1B C10 H16  sing N N 323 
R1B CE  H17  sing N N 324 
R1B CE  H18  sing N N 325 
R1B SD  S1   sing N N 326 
R1B S1  C11  sing N N 327 
R1B S1  O2   doub N N 328 
R1B S1  O3   doub N N 329 
R1B C11 H19  sing N N 330 
R1B C11 H20  sing N N 331 
R1B C11 H21  sing N N 332 
SER N   CA   sing N N 333 
SER N   H    sing N N 334 
SER N   H2   sing N N 335 
SER CA  C    sing N N 336 
SER CA  CB   sing N N 337 
SER CA  HA   sing N N 338 
SER C   O    doub N N 339 
SER C   OXT  sing N N 340 
SER CB  OG   sing N N 341 
SER CB  HB2  sing N N 342 
SER CB  HB3  sing N N 343 
SER OG  HG   sing N N 344 
SER OXT HXT  sing N N 345 
THR N   CA   sing N N 346 
THR N   H    sing N N 347 
THR N   H2   sing N N 348 
THR CA  C    sing N N 349 
THR CA  CB   sing N N 350 
THR CA  HA   sing N N 351 
THR C   O    doub N N 352 
THR C   OXT  sing N N 353 
THR CB  OG1  sing N N 354 
THR CB  CG2  sing N N 355 
THR CB  HB   sing N N 356 
THR OG1 HG1  sing N N 357 
THR CG2 HG21 sing N N 358 
THR CG2 HG22 sing N N 359 
THR CG2 HG23 sing N N 360 
THR OXT HXT  sing N N 361 
TRP N   CA   sing N N 362 
TRP N   H    sing N N 363 
TRP N   H2   sing N N 364 
TRP CA  C    sing N N 365 
TRP CA  CB   sing N N 366 
TRP CA  HA   sing N N 367 
TRP C   O    doub N N 368 
TRP C   OXT  sing N N 369 
TRP CB  CG   sing N N 370 
TRP CB  HB2  sing N N 371 
TRP CB  HB3  sing N N 372 
TRP CG  CD1  doub Y N 373 
TRP CG  CD2  sing Y N 374 
TRP CD1 NE1  sing Y N 375 
TRP CD1 HD1  sing N N 376 
TRP CD2 CE2  doub Y N 377 
TRP CD2 CE3  sing Y N 378 
TRP NE1 CE2  sing Y N 379 
TRP NE1 HE1  sing N N 380 
TRP CE2 CZ2  sing Y N 381 
TRP CE3 CZ3  doub Y N 382 
TRP CE3 HE3  sing N N 383 
TRP CZ2 CH2  doub Y N 384 
TRP CZ2 HZ2  sing N N 385 
TRP CZ3 CH2  sing Y N 386 
TRP CZ3 HZ3  sing N N 387 
TRP CH2 HH2  sing N N 388 
TRP OXT HXT  sing N N 389 
TYR N   CA   sing N N 390 
TYR N   H    sing N N 391 
TYR N   H2   sing N N 392 
TYR CA  C    sing N N 393 
TYR CA  CB   sing N N 394 
TYR CA  HA   sing N N 395 
TYR C   O    doub N N 396 
TYR C   OXT  sing N N 397 
TYR CB  CG   sing N N 398 
TYR CB  HB2  sing N N 399 
TYR CB  HB3  sing N N 400 
TYR CG  CD1  doub Y N 401 
TYR CG  CD2  sing Y N 402 
TYR CD1 CE1  sing Y N 403 
TYR CD1 HD1  sing N N 404 
TYR CD2 CE2  doub Y N 405 
TYR CD2 HD2  sing N N 406 
TYR CE1 CZ   doub Y N 407 
TYR CE1 HE1  sing N N 408 
TYR CE2 CZ   sing Y N 409 
TYR CE2 HE2  sing N N 410 
TYR CZ  OH   sing N N 411 
TYR OH  HH   sing N N 412 
TYR OXT HXT  sing N N 413 
VAL N   CA   sing N N 414 
VAL N   H    sing N N 415 
VAL N   H2   sing N N 416 
VAL CA  C    sing N N 417 
VAL CA  CB   sing N N 418 
VAL CA  HA   sing N N 419 
VAL C   O    doub N N 420 
VAL C   OXT  sing N N 421 
VAL CB  CG1  sing N N 422 
VAL CB  CG2  sing N N 423 
VAL CB  HB   sing N N 424 
VAL CG1 HG11 sing N N 425 
VAL CG1 HG12 sing N N 426 
VAL CG1 HG13 sing N N 427 
VAL CG2 HG21 sing N N 428 
VAL CG2 HG22 sing N N 429 
VAL CG2 HG23 sing N N 430 
VAL OXT HXT  sing N N 431 
# 
_pdbx_initial_refinement_model.id               1 
_pdbx_initial_refinement_model.entity_id_list   ? 
_pdbx_initial_refinement_model.type             'experimental model' 
_pdbx_initial_refinement_model.source_name      PDB 
_pdbx_initial_refinement_model.accession_code   1C6T 
_pdbx_initial_refinement_model.details          ? 
# 
_atom_sites.entry_id                    1ZWN 
_atom_sites.fract_transf_matrix[1][1]   -0.01266119 
_atom_sites.fract_transf_matrix[1][2]   0.01456334 
_atom_sites.fract_transf_matrix[1][3]   0.00073068 
_atom_sites.fract_transf_matrix[2][1]   -0.01742595 
_atom_sites.fract_transf_matrix[2][2]   -0.00193924 
_atom_sites.fract_transf_matrix[2][3]   -0.00809499 
_atom_sites.fract_transf_matrix[3][1]   -0.00377865 
_atom_sites.fract_transf_matrix[3][2]   -0.00373816 
_atom_sites.fract_transf_matrix[3][3]   0.00902975 
_atom_sites.fract_transf_vector[1]      0.778333 
_atom_sites.fract_transf_vector[2]      0.311372 
_atom_sites.fract_transf_vector[3]      0.397817 
# 
loop_
_atom_type.symbol 
C  
CL 
N  
O  
S  
# 
loop_
_atom_site.group_PDB 
_atom_site.id 
_atom_site.type_symbol 
_atom_site.label_atom_id 
_atom_site.label_alt_id 
_atom_site.label_comp_id 
_atom_site.label_asym_id 
_atom_site.label_entity_id 
_atom_site.label_seq_id 
_atom_site.pdbx_PDB_ins_code 
_atom_site.Cartn_x 
_atom_site.Cartn_y 
_atom_site.Cartn_z 
_atom_site.occupancy 
_atom_site.B_iso_or_equiv 
_atom_site.pdbx_formal_charge 
_atom_site.auth_seq_id 
_atom_site.auth_comp_id 
_atom_site.auth_asym_id 
_atom_site.auth_atom_id 
_atom_site.pdbx_PDB_model_num 
ATOM   1    N  N   . MET A 1 1   ? -3.749  15.563  6.130   1.00 13.67 ? 1    MET A N   1 
ATOM   2    C  CA  . MET A 1 1   ? -3.415  14.172  5.706   1.00 13.66 ? 1    MET A CA  1 
ATOM   3    C  C   . MET A 1 1   ? -4.247  13.773  4.488   1.00 12.98 ? 1    MET A C   1 
ATOM   4    O  O   . MET A 1 1   ? -5.346  14.275  4.315   1.00 13.42 ? 1    MET A O   1 
ATOM   5    C  CB  . MET A 1 1   ? -3.667  13.230  6.888   1.00 13.84 ? 1    MET A CB  1 
ATOM   6    C  CG  . MET A 1 1   ? -3.072  11.834  6.773   1.00 15.52 ? 1    MET A CG  1 
ATOM   7    S  SD  . MET A 1 1   ? -1.349  11.627  6.307   1.00 18.94 ? 1    MET A SD  1 
ATOM   8    C  CE  . MET A 1 1   ? -0.575  12.640  7.548   1.00 15.05 ? 1    MET A CE  1 
ATOM   9    N  N   . ASN A 1 2   ? -3.699  12.883  3.662   1.00 12.29 ? 2    ASN A N   1 
ATOM   10   C  CA  . ASN A 1 2   ? -4.324  12.309  2.472   1.00 11.44 ? 2    ASN A CA  1 
ATOM   11   C  C   . ASN A 1 2   ? -3.578  11.014  2.117   1.00 11.02 ? 2    ASN A C   1 
ATOM   12   O  O   . ASN A 1 2   ? -2.543  10.707  2.734   1.00 10.15 ? 2    ASN A O   1 
ATOM   13   C  CB  . ASN A 1 2   ? -4.354  13.319  1.315   1.00 11.71 ? 2    ASN A CB  1 
ATOM   14   C  CG  . ASN A 1 2   ? -2.979  13.732  0.874   1.00 11.81 ? 2    ASN A CG  1 
ATOM   15   O  OD1 . ASN A 1 2   ? -2.152  12.885  0.521   1.00 11.19 ? 2    ASN A OD1 1 
ATOM   16   N  ND2 . ASN A 1 2   ? -2.723  15.049  0.884   1.00 11.01 ? 2    ASN A ND2 1 
ATOM   17   N  N   . ILE A 1 3   ? -4.087  10.265  1.141   1.00 10.26 ? 3    ILE A N   1 
ATOM   18   C  CA  . ILE A 1 3   ? -3.476  8.983   0.749   1.00 9.84  ? 3    ILE A CA  1 
ATOM   19   C  C   . ILE A 1 3   ? -1.976  9.082   0.383   1.00 10.04 ? 3    ILE A C   1 
ATOM   20   O  O   . ILE A 1 3   ? -1.193  8.195   0.747   1.00 9.72  ? 3    ILE A O   1 
ATOM   21   C  CB  . ILE A 1 3   ? -4.298  8.244   -0.361  1.00 9.97  ? 3    ILE A CB  1 
ATOM   22   C  CG1 . ILE A 1 3   ? -3.721  6.845   -0.642  1.00 9.51  ? 3    ILE A CG1 1 
ATOM   23   C  CG2 . ILE A 1 3   ? -4.450  9.101   -1.646  1.00 8.76  ? 3    ILE A CG2 1 
ATOM   24   C  CD1 . ILE A 1 3   ? -3.744  5.889   0.534   1.00 9.01  ? 3    ILE A CD1 1 
ATOM   25   N  N   . PHE A 1 4   ? -1.601  10.143  -0.330  1.00 9.75  ? 4    PHE A N   1 
ATOM   26   C  CA  . PHE A 1 4   ? -0.198  10.342  -0.711  1.00 10.17 ? 4    PHE A CA  1 
ATOM   27   C  C   . PHE A 1 4   ? 0.676   10.530  0.531   1.00 10.30 ? 4    PHE A C   1 
ATOM   28   O  O   . PHE A 1 4   ? 1.703   9.859   0.661   1.00 9.82  ? 4    PHE A O   1 
ATOM   29   C  CB  . PHE A 1 4   ? -0.045  11.492  -1.716  1.00 10.32 ? 4    PHE A CB  1 
ATOM   30   C  CG  . PHE A 1 4   ? -0.571  11.153  -3.081  1.00 10.63 ? 4    PHE A CG  1 
ATOM   31   C  CD1 . PHE A 1 4   ? -1.918  11.362  -3.390  1.00 11.77 ? 4    PHE A CD1 1 
ATOM   32   C  CD2 . PHE A 1 4   ? 0.273   10.606  -4.051  1.00 10.79 ? 4    PHE A CD2 1 
ATOM   33   C  CE1 . PHE A 1 4   ? -2.435  11.039  -4.657  1.00 11.27 ? 4    PHE A CE1 1 
ATOM   34   C  CE2 . PHE A 1 4   ? -0.224  10.275  -5.322  1.00 11.27 ? 4    PHE A CE2 1 
ATOM   35   C  CZ  . PHE A 1 4   ? -1.580  10.496  -5.629  1.00 11.50 ? 4    PHE A CZ  1 
ATOM   36   N  N   . GLU A 1 5   ? 0.261   11.418  1.435   1.00 10.46 ? 5    GLU A N   1 
ATOM   37   C  CA  . GLU A 1 5   ? 1.032   11.705  2.652   1.00 10.78 ? 5    GLU A CA  1 
ATOM   38   C  C   . GLU A 1 5   ? 1.106   10.480  3.574   1.00 10.40 ? 5    GLU A C   1 
ATOM   39   O  O   . GLU A 1 5   ? 2.143   10.205  4.192   1.00 10.10 ? 5    GLU A O   1 
ATOM   40   C  CB  . GLU A 1 5   ? 0.444   12.905  3.398   1.00 10.96 ? 5    GLU A CB  1 
ATOM   41   C  CG  . GLU A 1 5   ? 0.634   14.253  2.723   1.00 11.23 ? 5    GLU A CG  1 
ATOM   42   C  CD  . GLU A 1 5   ? 0.059   15.434  3.506   1.00 12.83 ? 5    GLU A CD  1 
ATOM   43   O  OE1 . GLU A 1 5   ? -0.303  15.291  4.698   1.00 15.88 ? 5    GLU A OE1 1 
ATOM   44   O  OE2 . GLU A 1 5   ? -0.018  16.531  2.916   1.00 14.10 ? 5    GLU A OE2 1 
ATOM   45   N  N   . MET A 1 6   ? -0.008  9.749   3.625   1.00 10.10 ? 6    MET A N   1 
ATOM   46   C  CA  . MET A 1 6   ? -0.162  8.537   4.435   1.00 10.08 ? 6    MET A CA  1 
ATOM   47   C  C   . MET A 1 6   ? 0.834   7.470   3.966   1.00 10.36 ? 6    MET A C   1 
ATOM   48   O  O   . MET A 1 6   ? 1.628   6.936   4.758   1.00 10.07 ? 6    MET A O   1 
ATOM   49   C  CB  . MET A 1 6   ? -1.594  8.026   4.299   1.00 9.72  ? 6    MET A CB  1 
ATOM   50   C  CG  . MET A 1 6   ? -1.907  6.821   5.206   1.00 10.65 ? 6    MET A CG  1 
ATOM   51   S  SD  . MET A 1 6   ? -3.366  6.020   4.542   1.00 10.58 ? 6    MET A SD  1 
ATOM   52   C  CE  . MET A 1 6   ? -3.931  5.038   5.930   1.00 11.00 ? 6    MET A CE  1 
ATOM   53   N  N   . LEU A 1 7   ? 0.781   7.176   2.664   1.00 10.62 ? 7    LEU A N   1 
ATOM   54   C  CA  . LEU A 1 7   ? 1.664   6.170   2.066   1.00 10.85 ? 7    LEU A CA  1 
ATOM   55   C  C   . LEU A 1 7   ? 3.118   6.628   2.111   1.00 11.00 ? 7    LEU A C   1 
ATOM   56   O  O   . LEU A 1 7   ? 3.994   5.808   2.325   1.00 11.18 ? 7    LEU A O   1 
ATOM   57   C  CB  . LEU A 1 7   ? 1.215   5.789   0.647   1.00 11.04 ? 7    LEU A CB  1 
ATOM   58   C  CG  . LEU A 1 7   ? 0.089   4.744   0.617   1.00 10.78 ? 7    LEU A CG  1 
ATOM   59   C  CD1 . LEU A 1 7   ? -0.564  4.700   -0.763  1.00 11.49 ? 7    LEU A CD1 1 
ATOM   60   C  CD2 . LEU A 1 7   ? 0.573   3.336   1.011   1.00 11.88 ? 7    LEU A CD2 1 
ATOM   61   N  N   . ARG A 1 8   ? 3.367   7.923   1.932   1.00 10.96 ? 8    ARG A N   1 
ATOM   62   C  CA  . ARG A 1 8   ? 4.733   8.449   2.068   1.00 11.08 ? 8    ARG A CA  1 
ATOM   63   C  C   . ARG A 1 8   ? 5.331   8.150   3.463   1.00 11.16 ? 8    ARG A C   1 
ATOM   64   O  O   . ARG A 1 8   ? 6.509   7.761   3.589   1.00 10.93 ? 8    ARG A O   1 
ATOM   65   C  CB  . ARG A 1 8   ? 4.777   9.942   1.697   1.00 11.18 ? 8    ARG A CB  1 
ATOM   66   C  CG  . ARG A 1 8   ? 6.098   10.630  2.024   1.00 11.42 ? 8    ARG A CG  1 
ATOM   67   C  CD  . ARG A 1 8   ? 7.266   10.154  1.160   1.00 13.06 ? 8    ARG A CD  1 
ATOM   68   N  NE  . ARG A 1 8   ? 8.487   10.853  1.573   1.00 14.35 ? 8    ARG A NE  1 
ATOM   69   C  CZ  . ARG A 1 8   ? 9.257   10.510  2.606   1.00 15.33 ? 8    ARG A CZ  1 
ATOM   70   N  NH1 . ARG A 1 8   ? 8.964   9.456   3.363   1.00 14.57 ? 8    ARG A NH1 1 
ATOM   71   N  NH2 . ARG A 1 8   ? 10.334  11.226  2.885   1.00 14.62 ? 8    ARG A NH2 1 
ATOM   72   N  N   . ILE A 1 9   ? 4.520   8.328   4.502   1.00 10.89 ? 9    ILE A N   1 
ATOM   73   C  CA  . ILE A 1 9   ? 4.909   7.958   5.864   1.00 10.77 ? 9    ILE A CA  1 
ATOM   74   C  C   . ILE A 1 9   ? 5.189   6.451   5.957   1.00 10.87 ? 9    ILE A C   1 
ATOM   75   O  O   . ILE A 1 9   ? 6.251   6.038   6.433   1.00 10.90 ? 9    ILE A O   1 
ATOM   76   C  CB  . ILE A 1 9   ? 3.827   8.405   6.875   1.00 10.89 ? 9    ILE A CB  1 
ATOM   77   C  CG1 . ILE A 1 9   ? 3.893   9.933   7.076   1.00 10.00 ? 9    ILE A CG1 1 
ATOM   78   C  CG2 . ILE A 1 9   ? 3.943   7.638   8.218   1.00 10.26 ? 9    ILE A CG2 1 
ATOM   79   C  CD1 . ILE A 1 9   ? 2.637   10.515  7.733   1.00 10.54 ? 9    ILE A CD1 1 
ATOM   80   N  N   . ASP A 1 10  ? 4.246   5.639   5.489   1.00 10.98 ? 10   ASP A N   1 
ATOM   81   C  CA  . ASP A 1 10  ? 4.365   4.176   5.564   1.00 11.21 ? 10   ASP A CA  1 
ATOM   82   C  C   . ASP A 1 10  ? 5.460   3.529   4.712   1.00 11.37 ? 10   ASP A C   1 
ATOM   83   O  O   . ASP A 1 10  ? 6.031   2.514   5.123   1.00 11.59 ? 10   ASP A O   1 
ATOM   84   C  CB  . ASP A 1 10  ? 3.014   3.544   5.218   1.00 11.29 ? 10   ASP A CB  1 
ATOM   85   C  CG  . ASP A 1 10  ? 1.989   3.716   6.338   1.00 11.70 ? 10   ASP A CG  1 
ATOM   86   O  OD1 . ASP A 1 10  ? 2.380   3.940   7.506   1.00 12.22 ? 10   ASP A OD1 1 
ATOM   87   O  OD2 . ASP A 1 10  ? 0.787   3.619   6.044   1.00 12.31 ? 10   ASP A OD2 1 
ATOM   88   N  N   . GLU A 1 11  ? 5.755   4.112   3.556   1.00 11.19 ? 11   GLU A N   1 
ATOM   89   C  CA  . GLU A 1 11  ? 6.737   3.534   2.620   1.00 11.58 ? 11   GLU A CA  1 
ATOM   90   C  C   . GLU A 1 11  ? 8.127   4.176   2.619   1.00 11.98 ? 11   GLU A C   1 
ATOM   91   O  O   . GLU A 1 11  ? 9.094   3.557   2.175   1.00 11.71 ? 11   GLU A O   1 
ATOM   92   C  CB  . GLU A 1 11  ? 6.157   3.531   1.198   1.00 11.52 ? 11   GLU A CB  1 
ATOM   93   C  CG  . GLU A 1 11  ? 4.880   2.691   1.032   1.00 12.01 ? 11   GLU A CG  1 
ATOM   94   C  CD  . GLU A 1 11  ? 5.071   1.186   1.210   1.00 13.62 ? 11   GLU A CD  1 
ATOM   95   O  OE1 . GLU A 1 11  ? 6.220   0.712   1.331   1.00 14.03 ? 11   GLU A OE1 1 
ATOM   96   O  OE2 . GLU A 1 11  ? 4.054   0.469   1.212   1.00 14.19 ? 11   GLU A OE2 1 
ATOM   97   N  N   . GLY A 1 12  ? 8.224   5.413   3.101   1.00 12.02 ? 12   GLY A N   1 
ATOM   98   C  CA  . GLY A 1 12  ? 9.506   6.119   3.133   1.00 12.80 ? 12   GLY A CA  1 
ATOM   99   C  C   . GLY A 1 12  ? 9.891   6.588   1.735   1.00 13.15 ? 12   GLY A C   1 
ATOM   100  O  O   . GLY A 1 12  ? 9.095   6.483   0.806   1.00 13.07 ? 12   GLY A O   1 
ATOM   101  N  N   . LEU A 1 13  ? 11.102  7.122   1.594   1.00 13.63 ? 13   LEU A N   1 
ATOM   102  C  CA  . LEU A 1 13  ? 11.614  7.570   0.291   1.00 13.82 ? 13   LEU A CA  1 
ATOM   103  C  C   . LEU A 1 13  ? 13.096  7.262   0.222   1.00 13.94 ? 13   LEU A C   1 
ATOM   104  O  O   . LEU A 1 13  ? 13.876  7.789   1.019   1.00 13.78 ? 13   LEU A O   1 
ATOM   105  C  CB  . LEU A 1 13  ? 11.383  9.076   0.046   1.00 13.76 ? 13   LEU A CB  1 
ATOM   106  C  CG  . LEU A 1 13  ? 12.088  9.738   -1.157  1.00 13.90 ? 13   LEU A CG  1 
ATOM   107  C  CD1 . LEU A 1 13  ? 11.519  9.285   -2.488  1.00 15.01 ? 13   LEU A CD1 1 
ATOM   108  C  CD2 . LEU A 1 13  ? 12.042  11.257  -1.088  1.00 14.97 ? 13   LEU A CD2 1 
ATOM   109  N  N   . ARG A 1 14  ? 13.444  6.404   -0.735  1.00 13.71 ? 14   ARG A N   1 
ATOM   110  C  CA  . ARG A 1 14  ? 14.821  5.965   -0.971  1.00 14.05 ? 14   ARG A CA  1 
ATOM   111  C  C   . ARG A 1 14  ? 15.082  6.022   -2.473  1.00 13.80 ? 14   ARG A C   1 
ATOM   112  O  O   . ARG A 1 14  ? 14.325  5.458   -3.258  1.00 13.63 ? 14   ARG A O   1 
ATOM   113  C  CB  . ARG A 1 14  ? 15.024  4.574   -0.377  1.00 14.17 ? 14   ARG A CB  1 
ATOM   114  C  CG  . ARG A 1 14  ? 14.795  4.582   1.148   1.00 15.76 ? 14   ARG A CG  1 
ATOM   115  C  CD  . ARG A 1 14  ? 15.145  3.298   1.827   1.00 19.40 ? 14   ARG A CD  1 
ATOM   116  N  NE  . ARG A 1 14  ? 16.590  3.108   1.852   1.00 20.64 ? 14   ARG A NE  1 
ATOM   117  C  CZ  . ARG A 1 14  ? 17.189  2.011   2.300   1.00 21.50 ? 14   ARG A CZ  1 
ATOM   118  N  NH1 . ARG A 1 14  ? 16.470  0.993   2.757   1.00 20.80 ? 14   ARG A NH1 1 
ATOM   119  N  NH2 . ARG A 1 14  ? 18.513  1.937   2.276   1.00 22.73 ? 14   ARG A NH2 1 
ATOM   120  N  N   . LEU A 1 15  ? 16.154  6.702   -2.863  1.00 13.47 ? 15   LEU A N   1 
ATOM   121  C  CA  . LEU A 1 15  ? 16.423  6.939   -4.284  1.00 13.55 ? 15   LEU A CA  1 
ATOM   122  C  C   . LEU A 1 15  ? 17.284  5.888   -4.982  1.00 13.41 ? 15   LEU A C   1 
ATOM   123  O  O   . LEU A 1 15  ? 17.526  5.972   -6.186  1.00 13.49 ? 15   LEU A O   1 
ATOM   124  C  CB  . LEU A 1 15  ? 16.993  8.348   -4.484  1.00 13.47 ? 15   LEU A CB  1 
ATOM   125  C  CG  . LEU A 1 15  ? 16.109  9.528   -4.047  1.00 13.96 ? 15   LEU A CG  1 
ATOM   126  C  CD1 . LEU A 1 15  ? 16.826  10.841  -4.365  1.00 14.38 ? 15   LEU A CD1 1 
ATOM   127  C  CD2 . LEU A 1 15  ? 14.699  9.480   -4.671  1.00 14.27 ? 15   LEU A CD2 1 
ATOM   128  N  N   . LYS A 1 16  ? 17.737  4.916   -4.202  1.00 13.19 ? 16   LYS A N   1 
ATOM   129  C  CA  . LYS A 1 16  ? 18.581  3.831   -4.676  1.00 13.45 ? 16   LYS A CA  1 
ATOM   130  C  C   . LYS A 1 16  ? 17.823  2.528   -4.396  1.00 12.84 ? 16   LYS A C   1 
ATOM   131  O  O   . LYS A 1 16  ? 17.083  2.450   -3.398  1.00 12.40 ? 16   LYS A O   1 
ATOM   132  C  CB  . LYS A 1 16  ? 19.940  3.897   -3.957  1.00 13.48 ? 16   LYS A CB  1 
ATOM   133  C  CG  A LYS A 1 16  ? 20.926  2.816   -4.372  0.50 13.51 ? 16   LYS A CG  1 
ATOM   134  C  CG  B LYS A 1 16  ? 20.738  5.193   -4.149  0.50 13.90 ? 16   LYS A CG  1 
ATOM   135  C  CD  A LYS A 1 16  ? 22.324  2.934   -3.748  0.50 14.02 ? 16   LYS A CD  1 
ATOM   136  C  CD  B LYS A 1 16  ? 22.069  5.237   -3.377  0.50 14.57 ? 16   LYS A CD  1 
ATOM   137  C  CE  A LYS A 1 16  ? 23.228  3.880   -4.534  0.50 15.41 ? 16   LYS A CE  1 
ATOM   138  C  CE  B LYS A 1 16  ? 21.900  5.528   -1.888  0.50 16.51 ? 16   LYS A CE  1 
ATOM   139  N  NZ  A LYS A 1 16  ? 24.637  3.803   -4.035  0.50 16.71 ? 16   LYS A NZ  1 
ATOM   140  N  NZ  B LYS A 1 16  ? 23.188  5.478   -1.143  0.50 18.00 ? 16   LYS A NZ  1 
ATOM   141  N  N   . ILE A 1 17  ? 18.002  1.529   -5.268  1.00 12.59 ? 17   ILE A N   1 
ATOM   142  C  CA  . ILE A 1 17  ? 17.377  0.213   -5.104  1.00 12.37 ? 17   ILE A CA  1 
ATOM   143  C  C   . ILE A 1 17  ? 17.732  -0.317  -3.710  1.00 12.45 ? 17   ILE A C   1 
ATOM   144  O  O   . ILE A 1 17  ? 18.904  -0.294  -3.296  1.00 12.12 ? 17   ILE A O   1 
ATOM   145  C  CB  . ILE A 1 17  ? 17.807  -0.809  -6.189  1.00 12.12 ? 17   ILE A CB  1 
ATOM   146  C  CG1 . ILE A 1 17  ? 17.253  -0.400  -7.562  1.00 11.84 ? 17   ILE A CG1 1 
ATOM   147  C  CG2 . ILE A 1 17  ? 17.359  -2.236  -5.831  1.00 12.27 ? 17   ILE A CG2 1 
ATOM   148  C  CD1 . ILE A 1 17  ? 17.747  -1.258  -8.698  1.00 12.86 ? 17   ILE A CD1 1 
ATOM   149  N  N   . TYR A 1 18  ? 16.704  -0.783  -3.005  1.00 12.28 ? 18   TYR A N   1 
ATOM   150  C  CA  . TYR A 1 18  ? 16.853  -1.324  -1.657  1.00 12.84 ? 18   TYR A CA  1 
ATOM   151  C  C   . TYR A 1 18  ? 15.895  -2.498  -1.512  1.00 12.88 ? 18   TYR A C   1 
ATOM   152  O  O   . TYR A 1 18  ? 14.985  -2.651  -2.330  1.00 12.75 ? 18   TYR A O   1 
ATOM   153  C  CB  . TYR A 1 18  ? 16.554  -0.235  -0.617  1.00 13.04 ? 18   TYR A CB  1 
ATOM   154  C  CG  . TYR A 1 18  ? 15.093  0.169   -0.502  1.00 13.46 ? 18   TYR A CG  1 
ATOM   155  C  CD1 . TYR A 1 18  ? 14.531  1.118   -1.370  1.00 12.95 ? 18   TYR A CD1 1 
ATOM   156  C  CD2 . TYR A 1 18  ? 14.270  -0.393  0.487   1.00 13.47 ? 18   TYR A CD2 1 
ATOM   157  C  CE1 . TYR A 1 18  ? 13.184  1.493   -1.259  1.00 13.12 ? 18   TYR A CE1 1 
ATOM   158  C  CE2 . TYR A 1 18  ? 12.923  -0.025  0.606   1.00 13.49 ? 18   TYR A CE2 1 
ATOM   159  C  CZ  . TYR A 1 18  ? 12.391  0.920   -0.272  1.00 13.37 ? 18   TYR A CZ  1 
ATOM   160  O  OH  . TYR A 1 18  ? 11.068  1.305   -0.190  1.00 15.07 ? 18   TYR A OH  1 
ATOM   161  N  N   . LYS A 1 19  ? 16.093  -3.315  -0.477  1.00 12.35 ? 19   LYS A N   1 
ATOM   162  C  CA  . LYS A 1 19  ? 15.169  -4.413  -0.224  1.00 12.33 ? 19   LYS A CA  1 
ATOM   163  C  C   . LYS A 1 19  ? 14.115  -3.983  0.799   1.00 12.24 ? 19   LYS A C   1 
ATOM   164  O  O   . LYS A 1 19  ? 14.442  -3.463  1.875   1.00 11.77 ? 19   LYS A O   1 
ATOM   165  C  CB  . LYS A 1 19  ? 15.902  -5.674  0.246   1.00 12.21 ? 19   LYS A CB  1 
ATOM   166  C  CG  . LYS A 1 19  ? 16.771  -6.338  -0.803  1.00 12.55 ? 19   LYS A CG  1 
ATOM   167  C  CD  . LYS A 1 19  ? 17.540  -7.493  -0.155  1.00 13.52 ? 19   LYS A CD  1 
ATOM   168  C  CE  . LYS A 1 19  ? 18.325  -8.280  -1.189  1.00 14.59 ? 19   LYS A CE  1 
ATOM   169  N  NZ  . LYS A 1 19  ? 18.984  -9.384  -0.423  1.00 14.02 ? 19   LYS A NZ  1 
ATOM   170  N  N   . ASP A 1 20  ? 12.848  -4.206  0.445   1.00 12.43 ? 20   ASP A N   1 
ATOM   171  C  CA  . ASP A 1 20  ? 11.715  -3.910  1.322   1.00 12.60 ? 20   ASP A CA  1 
ATOM   172  C  C   . ASP A 1 20  ? 11.639  -4.874  2.521   1.00 12.89 ? 20   ASP A C   1 
ATOM   173  O  O   . ASP A 1 20  ? 12.557  -5.680  2.745   1.00 12.37 ? 20   ASP A O   1 
ATOM   174  C  CB  . ASP A 1 20  ? 10.394  -3.879  0.524   1.00 12.56 ? 20   ASP A CB  1 
ATOM   175  C  CG  . ASP A 1 20  ? 9.892   -5.256  0.067   1.00 13.28 ? 20   ASP A CG  1 
ATOM   176  O  OD1 . ASP A 1 20  ? 10.434  -6.340  0.383   1.00 12.46 ? 20   ASP A OD1 1 
ATOM   177  O  OD2 . ASP A 1 20  ? 8.877   -5.267  -0.655  1.00 15.65 ? 20   ASP A OD2 1 
ATOM   178  N  N   . THR A 1 21  ? 10.531  -4.801  3.265   1.00 13.29 ? 21   THR A N   1 
ATOM   179  C  CA  . THR A 1 21  ? 10.345  -5.621  4.477   1.00 13.54 ? 21   THR A CA  1 
ATOM   180  C  C   . THR A 1 21  ? 10.314  -7.130  4.198   1.00 13.66 ? 21   THR A C   1 
ATOM   181  O  O   . THR A 1 21  ? 10.615  -7.930  5.085   1.00 13.67 ? 21   THR A O   1 
ATOM   182  C  CB  . THR A 1 21  ? 9.074   -5.215  5.274   1.00 13.91 ? 21   THR A CB  1 
ATOM   183  O  OG1 . THR A 1 21  ? 7.906   -5.542  4.516   1.00 13.65 ? 21   THR A OG1 1 
ATOM   184  C  CG2 . THR A 1 21  ? 9.055   -3.718  5.566   1.00 14.44 ? 21   THR A CG2 1 
ATOM   185  N  N   . GLU A 1 22  ? 9.939   -7.506  2.973   1.00 13.62 ? 22   GLU A N   1 
ATOM   186  C  CA  . GLU A 1 22  ? 9.899   -8.895  2.532   1.00 14.04 ? 22   GLU A CA  1 
ATOM   187  C  C   . GLU A 1 22  ? 11.187  -9.353  1.832   1.00 13.66 ? 22   GLU A C   1 
ATOM   188  O  O   . GLU A 1 22  ? 11.287  -10.505 1.393   1.00 13.40 ? 22   GLU A O   1 
ATOM   189  C  CB  . GLU A 1 22  ? 8.688   -9.104  1.612   1.00 14.27 ? 22   GLU A CB  1 
ATOM   190  C  CG  . GLU A 1 22  ? 7.335   -9.024  2.309   1.00 17.10 ? 22   GLU A CG  1 
ATOM   191  C  CD  . GLU A 1 22  ? 7.098   -10.157 3.312   1.00 19.93 ? 22   GLU A CD  1 
ATOM   192  O  OE1 . GLU A 1 22  ? 7.731   -11.236 3.220   1.00 21.44 ? 22   GLU A OE1 1 
ATOM   193  O  OE2 . GLU A 1 22  ? 6.257   -9.971  4.216   1.00 22.40 ? 22   GLU A OE2 1 
ATOM   194  N  N   . GLY A 1 23  ? 12.160  -8.449  1.740   1.00 13.26 ? 23   GLY A N   1 
ATOM   195  C  CA  . GLY A 1 23  ? 13.450  -8.733  1.107   1.00 13.33 ? 23   GLY A CA  1 
ATOM   196  C  C   . GLY A 1 23  ? 13.407  -8.577  -0.403  1.00 13.36 ? 23   GLY A C   1 
ATOM   197  O  O   . GLY A 1 23  ? 14.289  -9.100  -1.088  1.00 13.61 ? 23   GLY A O   1 
ATOM   198  N  N   . TYR A 1 24  ? 12.399  -7.864  -0.916  1.00 13.31 ? 24   TYR A N   1 
ATOM   199  C  CA  . TYR A 1 24  ? 12.227  -7.649  -2.363  1.00 13.02 ? 24   TYR A CA  1 
ATOM   200  C  C   . TYR A 1 24  ? 12.748  -6.295  -2.822  1.00 12.54 ? 24   TYR A C   1 
ATOM   201  O  O   . TYR A 1 24  ? 12.527  -5.265  -2.164  1.00 12.02 ? 24   TYR A O   1 
ATOM   202  C  CB  . TYR A 1 24  ? 10.775  -7.825  -2.830  1.00 13.76 ? 24   TYR A CB  1 
ATOM   203  C  CG  . TYR A 1 24  ? 10.161  -9.183  -2.546  1.00 14.35 ? 24   TYR A CG  1 
ATOM   204  C  CD1 . TYR A 1 24  ? 10.859  -10.362 -2.836  1.00 14.88 ? 24   TYR A CD1 1 
ATOM   205  C  CD2 . TYR A 1 24  ? 8.874   -9.287  -1.997  1.00 15.01 ? 24   TYR A CD2 1 
ATOM   206  C  CE1 . TYR A 1 24  ? 10.292  -11.623 -2.571  1.00 15.73 ? 24   TYR A CE1 1 
ATOM   207  C  CE2 . TYR A 1 24  ? 8.297   -10.541 -1.733  1.00 15.97 ? 24   TYR A CE2 1 
ATOM   208  C  CZ  . TYR A 1 24  ? 9.024   -11.701 -2.024  1.00 16.46 ? 24   TYR A CZ  1 
ATOM   209  O  OH  . TYR A 1 24  ? 8.501   -12.957 -1.783  1.00 17.42 ? 24   TYR A OH  1 
ATOM   210  N  N   . TYR A 1 25  ? 13.438  -6.319  -3.964  1.00 12.14 ? 25   TYR A N   1 
ATOM   211  C  CA  . TYR A 1 25  ? 14.003  -5.096  -4.534  1.00 11.95 ? 25   TYR A CA  1 
ATOM   212  C  C   . TYR A 1 25  ? 12.893  -4.105  -4.841  1.00 11.41 ? 25   TYR A C   1 
ATOM   213  O  O   . TYR A 1 25  ? 11.904  -4.429  -5.517  1.00 10.99 ? 25   TYR A O   1 
ATOM   214  C  CB  . TYR A 1 25  ? 14.829  -5.376  -5.781  1.00 12.78 ? 25   TYR A CB  1 
ATOM   215  C  CG  . TYR A 1 25  ? 16.074  -6.167  -5.502  1.00 13.09 ? 25   TYR A CG  1 
ATOM   216  C  CD1 . TYR A 1 25  ? 17.098  -5.621  -4.715  1.00 14.28 ? 25   TYR A CD1 1 
ATOM   217  C  CD2 . TYR A 1 25  ? 16.240  -7.447  -6.041  1.00 14.18 ? 25   TYR A CD2 1 
ATOM   218  C  CE1 . TYR A 1 25  ? 18.253  -6.344  -4.447  1.00 15.42 ? 25   TYR A CE1 1 
ATOM   219  C  CE2 . TYR A 1 25  ? 17.396  -8.170  -5.786  1.00 14.35 ? 25   TYR A CE2 1 
ATOM   220  C  CZ  . TYR A 1 25  ? 18.391  -7.609  -4.997  1.00 14.55 ? 25   TYR A CZ  1 
ATOM   221  O  OH  . TYR A 1 25  ? 19.544  -8.305  -4.731  1.00 15.29 ? 25   TYR A OH  1 
ATOM   222  N  N   . THR A 1 26  ? 13.124  -2.906  -4.318  1.00 11.04 ? 26   THR A N   1 
ATOM   223  C  CA  . THR A 1 26  ? 12.195  -1.785  -4.305  1.00 11.09 ? 26   THR A CA  1 
ATOM   224  C  C   . THR A 1 26  ? 12.971  -0.483  -4.522  1.00 10.74 ? 26   THR A C   1 
ATOM   225  O  O   . THR A 1 26  ? 14.202  -0.457  -4.382  1.00 10.88 ? 26   THR A O   1 
ATOM   226  C  CB  . THR A 1 26  ? 11.457  -1.803  -2.926  1.00 11.10 ? 26   THR A CB  1 
ATOM   227  O  OG1 . THR A 1 26  ? 10.827  -3.072  -2.746  1.00 11.17 ? 26   THR A OG1 1 
ATOM   228  C  CG2 . THR A 1 26  ? 10.388  -0.706  -2.764  1.00 11.72 ? 26   THR A CG2 1 
ATOM   229  N  N   . ILE A 1 27  ? 12.265  0.590   -4.879  1.00 10.48 ? 27   ILE A N   1 
ATOM   230  C  CA  . ILE A 1 27  ? 12.860  1.925   -5.009  1.00 10.52 ? 27   ILE A CA  1 
ATOM   231  C  C   . ILE A 1 27  ? 11.806  3.013   -4.772  1.00 10.31 ? 27   ILE A C   1 
ATOM   232  O  O   . ILE A 1 27  ? 10.616  2.738   -4.869  1.00 10.10 ? 27   ILE A O   1 
ATOM   233  C  CB  . ILE A 1 27  ? 13.577  2.111   -6.388  1.00 10.53 ? 27   ILE A CB  1 
ATOM   234  C  CG1 . ILE A 1 27  ? 14.619  3.249   -6.327  1.00 10.99 ? 27   ILE A CG1 1 
ATOM   235  C  CG2 . ILE A 1 27  ? 12.554  2.288   -7.537  1.00 10.26 ? 27   ILE A CG2 1 
ATOM   236  C  CD1 . ILE A 1 27  ? 15.642  3.263   -7.455  1.00 10.92 ? 27   ILE A CD1 1 
ATOM   237  N  N   . GLY A 1 28  ? 12.250  4.232   -4.459  1.00 10.22 ? 28   GLY A N   1 
ATOM   238  C  CA  . GLY A 1 28  ? 11.373  5.396   -4.382  1.00 10.77 ? 28   GLY A CA  1 
ATOM   239  C  C   . GLY A 1 28  ? 10.495  5.319   -3.159  1.00 10.78 ? 28   GLY A C   1 
ATOM   240  O  O   . GLY A 1 28  ? 10.993  5.066   -2.053  1.00 11.23 ? 28   GLY A O   1 
ATOM   241  N  N   . ILE A 1 29  ? 9.200   5.522   -3.377  1.00 10.70 ? 29   ILE A N   1 
ATOM   242  C  CA  . ILE A 1 29  ? 8.196   5.472   -2.297  1.00 10.78 ? 29   ILE A CA  1 
ATOM   243  C  C   . ILE A 1 29  ? 7.478   4.110   -2.361  1.00 10.77 ? 29   ILE A C   1 
ATOM   244  O  O   . ILE A 1 29  ? 6.323   3.998   -2.806  1.00 10.90 ? 29   ILE A O   1 
ATOM   245  C  CB  . ILE A 1 29  ? 7.248   6.706   -2.337  1.00 10.57 ? 29   ILE A CB  1 
ATOM   246  C  CG1 . ILE A 1 29  ? 8.081   8.000   -2.310  1.00 10.39 ? 29   ILE A CG1 1 
ATOM   247  C  CG2 . ILE A 1 29  ? 6.227   6.683   -1.168  1.00 10.36 ? 29   ILE A CG2 1 
ATOM   248  C  CD1 . ILE A 1 29  ? 7.337   9.281   -2.722  1.00 11.23 ? 29   ILE A CD1 1 
ATOM   249  N  N   . GLY A 1 30  ? 8.187   3.074   -1.911  1.00 10.98 ? 30   GLY A N   1 
ATOM   250  C  CA  . GLY A 1 30  ? 7.646   1.710   -1.932  1.00 11.11 ? 30   GLY A CA  1 
ATOM   251  C  C   . GLY A 1 30  ? 7.268   1.161   -3.305  1.00 11.14 ? 30   GLY A C   1 
ATOM   252  O  O   . GLY A 1 30  ? 6.293   0.416   -3.427  1.00 11.51 ? 30   GLY A O   1 
ATOM   253  N  N   . HIS A 1 31  ? 8.018   1.524   -4.348  1.00 11.33 ? 31   HIS A N   1 
ATOM   254  C  CA  . HIS A 1 31  ? 7.741   0.953   -5.667  1.00 11.29 ? 31   HIS A CA  1 
ATOM   255  C  C   . HIS A 1 31  ? 8.438   -0.404  -5.791  1.00 11.42 ? 31   HIS A C   1 
ATOM   256  O  O   . HIS A 1 31  ? 9.650   -0.462  -6.010  1.00 10.85 ? 31   HIS A O   1 
ATOM   257  C  CB  . HIS A 1 31  ? 8.144   1.856   -6.842  1.00 11.18 ? 31   HIS A CB  1 
ATOM   258  C  CG  . HIS A 1 31  ? 7.862   1.219   -8.169  1.00 11.62 ? 31   HIS A CG  1 
ATOM   259  N  ND1 . HIS A 1 31  ? 6.620   1.283   -8.765  1.00 11.22 ? 31   HIS A ND1 1 
ATOM   260  C  CD2 . HIS A 1 31  ? 8.643   0.480   -8.994  1.00 10.93 ? 31   HIS A CD2 1 
ATOM   261  C  CE1 . HIS A 1 31  ? 6.653   0.621   -9.909  1.00 11.59 ? 31   HIS A CE1 1 
ATOM   262  N  NE2 . HIS A 1 31  ? 7.867   0.123   -10.069 1.00 10.77 ? 31   HIS A NE2 1 
ATOM   263  N  N   . LEU A 1 32  ? 7.658   -1.475  -5.655  1.00 12.13 ? 32   LEU A N   1 
ATOM   264  C  CA  . LEU A 1 32  ? 8.167   -2.841  -5.809  1.00 12.45 ? 32   LEU A CA  1 
ATOM   265  C  C   . LEU A 1 32  ? 8.646   -3.053  -7.252  1.00 12.84 ? 32   LEU A C   1 
ATOM   266  O  O   . LEU A 1 32  ? 7.912   -2.796  -8.220  1.00 12.68 ? 32   LEU A O   1 
ATOM   267  C  CB  . LEU A 1 32  ? 7.118   -3.886  -5.398  1.00 12.24 ? 32   LEU A CB  1 
ATOM   268  C  CG  . LEU A 1 32  ? 7.507   -5.366  -5.564  1.00 12.09 ? 32   LEU A CG  1 
ATOM   269  C  CD1 . LEU A 1 32  ? 8.727   -5.692  -4.700  1.00 12.09 ? 32   LEU A CD1 1 
ATOM   270  C  CD2 . LEU A 1 32  ? 6.347   -6.305  -5.219  1.00 13.15 ? 32   LEU A CD2 1 
ATOM   271  N  N   . LEU A 1 33  ? 9.882   -3.520  -7.386  1.00 12.87 ? 33   LEU A N   1 
ATOM   272  C  CA  . LEU A 1 33  ? 10.451  -3.737  -8.720  1.00 13.73 ? 33   LEU A CA  1 
ATOM   273  C  C   . LEU A 1 33  ? 10.207  -5.161  -9.233  1.00 14.77 ? 33   LEU A C   1 
ATOM   274  O  O   . LEU A 1 33  ? 9.773   -5.352  -10.373 1.00 15.09 ? 33   LEU A O   1 
ATOM   275  C  CB  . LEU A 1 33  ? 11.947  -3.360  -8.735  1.00 13.54 ? 33   LEU A CB  1 
ATOM   276  C  CG  . LEU A 1 33  ? 12.238  -1.854  -8.664  1.00 13.36 ? 33   LEU A CG  1 
ATOM   277  C  CD1 . LEU A 1 33  ? 13.705  -1.569  -8.327  1.00 12.77 ? 33   LEU A CD1 1 
ATOM   278  C  CD2 . LEU A 1 33  ? 11.832  -1.157  -9.971  1.00 13.22 ? 33   LEU A CD2 1 
ATOM   279  N  N   . THR A 1 34  ? 10.495  -6.135  -8.372  1.00 15.28 ? 34   THR A N   1 
ATOM   280  C  CA  . THR A 1 34  ? 10.392  -7.554  -8.679  1.00 16.10 ? 34   THR A CA  1 
ATOM   281  C  C   . THR A 1 34  ? 10.547  -8.375  -7.408  1.00 16.63 ? 34   THR A C   1 
ATOM   282  O  O   . THR A 1 34  ? 11.116  -7.898  -6.425  1.00 16.76 ? 34   THR A O   1 
ATOM   283  C  CB  . THR A 1 34  ? 11.472  -8.013  -9.726  1.00 15.98 ? 34   THR A CB  1 
ATOM   284  O  OG1 . THR A 1 34  ? 11.254  -9.387  -10.075 1.00 16.34 ? 34   THR A OG1 1 
ATOM   285  C  CG2 . THR A 1 34  ? 12.888  -7.839  -9.199  1.00 16.55 ? 34   THR A CG2 1 
ATOM   286  N  N   . LYS A 1 35  ? 10.028  -9.600  -7.446  1.00 17.36 ? 35   LYS A N   1 
ATOM   287  C  CA  . LYS A 1 35  ? 10.233  -10.549 -6.354  1.00 18.31 ? 35   LYS A CA  1 
ATOM   288  C  C   . LYS A 1 35  ? 11.467  -11.424 -6.620  1.00 18.34 ? 35   LYS A C   1 
ATOM   289  O  O   . LYS A 1 35  ? 11.855  -12.222 -5.760  1.00 18.23 ? 35   LYS A O   1 
ATOM   290  C  CB  . LYS A 1 35  ? 8.966   -11.374 -6.084  1.00 18.22 ? 35   LYS A CB  1 
ATOM   291  C  CG  . LYS A 1 35  ? 7.801   -10.522 -5.584  1.00 18.91 ? 35   LYS A CG  1 
ATOM   292  C  CD  . LYS A 1 35  ? 6.594   -11.363 -5.178  1.00 19.68 ? 35   LYS A CD  1 
ATOM   293  C  CE  . LYS A 1 35  ? 5.522   -10.437 -4.652  1.00 21.79 ? 35   LYS A CE  1 
ATOM   294  N  NZ  . LYS A 1 35  ? 4.229   -11.115 -4.369  1.00 22.98 ? 35   LYS A NZ  1 
ATOM   295  N  N   . SER A 1 36  ? 12.078  -11.261 -7.798  1.00 18.52 ? 36   SER A N   1 
ATOM   296  C  CA  . SER A 1 36  ? 13.311  -11.954 -8.195  1.00 18.56 ? 36   SER A CA  1 
ATOM   297  C  C   . SER A 1 36  ? 14.507  -11.646 -7.279  1.00 18.59 ? 36   SER A C   1 
ATOM   298  O  O   . SER A 1 36  ? 14.718  -10.479 -6.925  1.00 18.62 ? 36   SER A O   1 
ATOM   299  C  CB  . SER A 1 36  ? 13.688  -11.575 -9.634  1.00 18.54 ? 36   SER A CB  1 
ATOM   300  O  OG  . SER A 1 36  ? 14.963  -12.082 -10.014 1.00 18.83 ? 36   SER A OG  1 
ATOM   301  N  N   . PRO A 1 37  ? 15.295  -12.676 -6.896  1.00 18.85 ? 37   PRO A N   1 
ATOM   302  C  CA  . PRO A 1 37  ? 16.504  -12.407 -6.100  1.00 18.65 ? 37   PRO A CA  1 
ATOM   303  C  C   . PRO A 1 37  ? 17.648  -11.819 -6.931  1.00 18.44 ? 37   PRO A C   1 
ATOM   304  O  O   . PRO A 1 37  ? 18.725  -11.562 -6.392  1.00 18.70 ? 37   PRO A O   1 
ATOM   305  C  CB  . PRO A 1 37  ? 16.875  -13.787 -5.533  1.00 19.03 ? 37   PRO A CB  1 
ATOM   306  C  CG  . PRO A 1 37  ? 16.351  -14.745 -6.540  1.00 19.03 ? 37   PRO A CG  1 
ATOM   307  C  CD  . PRO A 1 37  ? 15.123  -14.121 -7.152  1.00 18.79 ? 37   PRO A CD  1 
ATOM   308  N  N   . SER A 1 38  ? 17.418  -11.596 -8.226  1.00 18.09 ? 38   SER A N   1 
ATOM   309  C  CA  . SER A 1 38  ? 18.434  -11.034 -9.118  1.00 17.87 ? 38   SER A CA  1 
ATOM   310  C  C   . SER A 1 38  ? 18.407  -9.509  -9.140  1.00 17.63 ? 38   SER A C   1 
ATOM   311  O  O   . SER A 1 38  ? 17.409  -8.911  -9.567  1.00 17.67 ? 38   SER A O   1 
ATOM   312  C  CB  . SER A 1 38  ? 18.267  -11.576 -10.545 1.00 17.61 ? 38   SER A CB  1 
ATOM   313  O  OG  . SER A 1 38  ? 19.067  -10.842 -11.460 1.00 17.77 ? 38   SER A OG  1 
ATOM   314  N  N   . LEU A 1 39  ? 19.502  -8.897  -8.688  1.00 17.48 ? 39   LEU A N   1 
ATOM   315  C  CA  . LEU A 1 39  ? 19.635  -7.439  -8.720  1.00 17.22 ? 39   LEU A CA  1 
ATOM   316  C  C   . LEU A 1 39  ? 19.560  -6.938  -10.164 1.00 17.17 ? 39   LEU A C   1 
ATOM   317  O  O   . LEU A 1 39  ? 18.978  -5.874  -10.417 1.00 16.87 ? 39   LEU A O   1 
ATOM   318  C  CB  . LEU A 1 39  ? 20.915  -6.951  -8.019  1.00 17.48 ? 39   LEU A CB  1 
ATOM   319  C  CG  . LEU A 1 39  ? 21.219  -5.443  -7.992  1.00 17.34 ? 39   LEU A CG  1 
ATOM   320  C  CD1 . LEU A 1 39  ? 20.092  -4.596  -7.373  1.00 16.56 ? 39   LEU A CD1 1 
ATOM   321  C  CD2 . LEU A 1 39  ? 22.522  -5.211  -7.255  1.00 17.27 ? 39   LEU A CD2 1 
ATOM   322  N  N   . ASN A 1 40  ? 20.143  -7.701  -11.094 1.00 16.88 ? 40   ASN A N   1 
ATOM   323  C  CA  . ASN A 1 40  ? 20.083  -7.360  -12.515 1.00 17.01 ? 40   ASN A CA  1 
ATOM   324  C  C   . ASN A 1 40  ? 18.659  -7.339  -13.047 1.00 16.24 ? 40   ASN A C   1 
ATOM   325  O  O   . ASN A 1 40  ? 18.350  -6.455  -13.847 1.00 16.18 ? 40   ASN A O   1 
ATOM   326  C  CB  . ASN A 1 40  ? 20.986  -8.263  -13.362 1.00 17.54 ? 40   ASN A CB  1 
ATOM   327  C  CG  . ASN A 1 40  ? 22.461  -7.923  -13.190 1.00 19.68 ? 40   ASN A CG  1 
ATOM   328  O  OD1 . ASN A 1 40  ? 22.831  -6.770  -12.953 1.00 22.63 ? 40   ASN A OD1 1 
ATOM   329  N  ND2 . ASN A 1 40  ? 23.312  -8.929  -13.316 1.00 22.87 ? 40   ASN A ND2 1 
ATOM   330  N  N   . ALA A 1 41  ? 17.827  -8.286  -12.602 1.00 15.31 ? 41   ALA A N   1 
ATOM   331  C  CA  . ALA A 1 41  ? 16.408  -8.327  -12.962 1.00 14.88 ? 41   ALA A CA  1 
ATOM   332  C  C   . ALA A 1 41  ? 15.719  -7.067  -12.427 1.00 14.23 ? 41   ALA A C   1 
ATOM   333  O  O   . ALA A 1 41  ? 14.939  -6.429  -13.143 1.00 14.03 ? 41   ALA A O   1 
ATOM   334  C  CB  . ALA A 1 41  ? 15.733  -9.583  -12.434 1.00 14.77 ? 41   ALA A CB  1 
ATOM   335  N  N   . ALA A 1 42  ? 16.028  -6.708  -11.181 1.00 13.44 ? 42   ALA A N   1 
ATOM   336  C  CA  . ALA A 1 42  ? 15.472  -5.496  -10.566 1.00 13.16 ? 42   ALA A CA  1 
ATOM   337  C  C   . ALA A 1 42  ? 15.880  -4.234  -11.333 1.00 12.93 ? 42   ALA A C   1 
ATOM   338  O  O   . ALA A 1 42  ? 15.035  -3.370  -11.574 1.00 12.92 ? 42   ALA A O   1 
ATOM   339  C  CB  . ALA A 1 42  ? 15.875  -5.396  -9.088  1.00 13.07 ? 42   ALA A CB  1 
ATOM   340  N  N   . LYS A 1 43  ? 17.158  -4.138  -11.716 1.00 12.76 ? 43   LYS A N   1 
ATOM   341  C  CA  . LYS A 1 43  ? 17.660  -2.987  -12.488 1.00 13.13 ? 43   LYS A CA  1 
ATOM   342  C  C   . LYS A 1 43  ? 16.951  -2.907  -13.847 1.00 12.31 ? 43   LYS A C   1 
ATOM   343  O  O   . LYS A 1 43  ? 16.581  -1.808  -14.287 1.00 12.39 ? 43   LYS A O   1 
ATOM   344  C  CB  . LYS A 1 43  ? 19.192  -3.009  -12.626 1.00 12.83 ? 43   LYS A CB  1 
ATOM   345  C  CG  . LYS A 1 43  ? 19.916  -2.600  -11.345 1.00 15.02 ? 43   LYS A CG  1 
ATOM   346  C  CD  . LYS A 1 43  ? 21.428  -2.836  -11.454 1.00 14.50 ? 43   LYS A CD  1 
ATOM   347  C  CE  . LYS A 1 43  ? 22.156  -2.359  -10.199 1.00 17.96 ? 43   LYS A CE  1 
ATOM   348  N  NZ  . LYS A 1 43  ? 23.628  -2.445  -10.450 1.00 19.94 ? 43   LYS A NZ  1 
ATOM   349  N  N   . SER A 1 44  ? 16.740  -4.057  -14.489 1.00 11.84 ? 44   SER A N   1 
ATOM   350  C  CA  . SER A 1 44  ? 16.005  -4.074  -15.763 1.00 11.54 ? 44   SER A CA  1 
ATOM   351  C  C   . SER A 1 44  ? 14.568  -3.564  -15.588 1.00 11.42 ? 44   SER A C   1 
ATOM   352  O  O   . SER A 1 44  ? 14.073  -2.785  -16.424 1.00 10.97 ? 44   SER A O   1 
ATOM   353  C  CB  . SER A 1 44  ? 16.014  -5.459  -16.418 1.00 11.33 ? 44   SER A CB  1 
ATOM   354  O  OG  A SER A 1 44  ? 15.531  -5.355  -17.748 0.50 10.86 ? 44   SER A OG  1 
ATOM   355  O  OG  B SER A 1 44  ? 17.316  -5.814  -16.848 0.50 11.67 ? 44   SER A OG  1 
ATOM   356  N  N   . GLU A 1 45  ? 13.905  -4.001  -14.512 1.00 11.38 ? 45   GLU A N   1 
ATOM   357  C  CA  . GLU A 1 45  ? 12.561  -3.505  -14.187 1.00 11.25 ? 45   GLU A CA  1 
ATOM   358  C  C   . GLU A 1 45  ? 12.582  -1.988  -13.983 1.00 11.14 ? 45   GLU A C   1 
ATOM   359  O  O   . GLU A 1 45  ? 11.701  -1.277  -14.486 1.00 10.54 ? 45   GLU A O   1 
ATOM   360  C  CB  . GLU A 1 45  ? 11.957  -4.234  -12.975 1.00 11.29 ? 45   GLU A CB  1 
ATOM   361  C  CG  . GLU A 1 45  ? 11.561  -5.690  -13.286 1.00 12.31 ? 45   GLU A CG  1 
ATOM   362  C  CD  . GLU A 1 45  ? 10.550  -5.801  -14.435 1.00 14.72 ? 45   GLU A CD  1 
ATOM   363  O  OE1 . GLU A 1 45  ? 9.514   -5.122  -14.443 1.00 15.72 ? 45   GLU A OE1 1 
ATOM   364  O  OE2 . GLU A 1 45  ? 10.789  -6.582  -15.365 1.00 17.39 ? 45   GLU A OE2 1 
ATOM   365  N  N   . LEU A 1 46  ? 13.601  -1.499  -13.276 1.00 10.53 ? 46   LEU A N   1 
ATOM   366  C  CA  . LEU A 1 46  ? 13.720  -0.067  -13.010 1.00 10.50 ? 46   LEU A CA  1 
ATOM   367  C  C   . LEU A 1 46  ? 13.848  0.729   -14.318 1.00 10.55 ? 46   LEU A C   1 
ATOM   368  O  O   . LEU A 1 46  ? 13.093  1.677   -14.536 1.00 9.71  ? 46   LEU A O   1 
ATOM   369  C  CB  . LEU A 1 46  ? 14.873  0.234   -12.055 1.00 10.17 ? 46   LEU A CB  1 
ATOM   370  C  CG  . LEU A 1 46  ? 15.044  1.719   -11.688 1.00 10.38 ? 46   LEU A CG  1 
ATOM   371  C  CD1 . LEU A 1 46  ? 13.794  2.339   -11.059 1.00 9.40  ? 46   LEU A CD1 1 
ATOM   372  C  CD2 . LEU A 1 46  ? 16.212  1.816   -10.740 1.00 9.15  ? 46   LEU A CD2 1 
ATOM   373  N  N   . ASP A 1 47  ? 14.776  0.311   -15.176 1.00 10.49 ? 47   ASP A N   1 
ATOM   374  C  CA  . ASP A 1 47  ? 15.021  0.987   -16.449 1.00 11.03 ? 47   ASP A CA  1 
ATOM   375  C  C   . ASP A 1 47  ? 13.754  1.091   -17.287 1.00 11.08 ? 47   ASP A C   1 
ATOM   376  O  O   . ASP A 1 47  ? 13.451  2.158   -17.821 1.00 11.20 ? 47   ASP A O   1 
ATOM   377  C  CB  . ASP A 1 47  ? 16.158  0.311   -17.233 1.00 10.96 ? 47   ASP A CB  1 
ATOM   378  C  CG  . ASP A 1 47  ? 17.518  0.445   -16.556 1.00 12.14 ? 47   ASP A CG  1 
ATOM   379  O  OD1 . ASP A 1 47  ? 17.680  1.156   -15.544 1.00 11.68 ? 47   ASP A OD1 1 
ATOM   380  O  OD2 . ASP A 1 47  ? 18.456  -0.193  -17.061 1.00 12.16 ? 47   ASP A OD2 1 
ATOM   381  N  N   . LYS A 1 48  ? 13.022  -0.017  -17.380 1.00 11.28 ? 48   LYS A N   1 
ATOM   382  C  CA  . LYS A 1 48  ? 11.741  -0.074  -18.091 1.00 11.25 ? 48   LYS A CA  1 
ATOM   383  C  C   . LYS A 1 48  ? 10.697  0.869   -17.479 1.00 11.27 ? 48   LYS A C   1 
ATOM   384  O  O   . LYS A 1 48  ? 9.988   1.553   -18.226 1.00 10.93 ? 48   LYS A O   1 
ATOM   385  C  CB  . LYS A 1 48  ? 11.241  -1.522  -18.113 1.00 11.00 ? 48   LYS A CB  1 
ATOM   386  C  CG  . LYS A 1 48  ? 9.789   -1.742  -18.588 1.00 11.40 ? 48   LYS A CG  1 
ATOM   387  C  CD  . LYS A 1 48  ? 9.442   -3.221  -18.793 1.00 11.98 ? 48   LYS A CD  1 
ATOM   388  C  CE  . LYS A 1 48  ? 9.545   -4.080  -17.544 1.00 13.68 ? 48   LYS A CE  1 
ATOM   389  N  NZ  . LYS A 1 48  ? 8.384   -4.048  -16.668 1.00 16.45 ? 48   LYS A NZ  1 
ATOM   390  N  N   . ALA A 1 49  ? 10.626  0.886   -16.146 1.00 11.36 ? 49   ALA A N   1 
ATOM   391  C  CA  . ALA A 1 49  ? 9.683   1.737   -15.398 1.00 12.33 ? 49   ALA A CA  1 
ATOM   392  C  C   . ALA A 1 49  ? 9.921   3.244   -15.614 1.00 12.78 ? 49   ALA A C   1 
ATOM   393  O  O   . ALA A 1 49  ? 8.969   4.005   -15.805 1.00 12.73 ? 49   ALA A O   1 
ATOM   394  C  CB  . ALA A 1 49  ? 9.724   1.383   -13.906 1.00 12.15 ? 49   ALA A CB  1 
ATOM   395  N  N   . ILE A 1 50  ? 11.192  3.653   -15.590 1.00 13.43 ? 50   ILE A N   1 
ATOM   396  C  CA  . ILE A 1 50  ? 11.631  5.051   -15.747 1.00 14.04 ? 50   ILE A CA  1 
ATOM   397  C  C   . ILE A 1 50  ? 11.750  5.508   -17.204 1.00 14.21 ? 50   ILE A C   1 
ATOM   398  O  O   . ILE A 1 50  ? 11.546  6.681   -17.505 1.00 14.40 ? 50   ILE A O   1 
ATOM   399  C  CB  . ILE A 1 50  ? 12.986  5.299   -14.976 1.00 13.83 ? 50   ILE A CB  1 
ATOM   400  C  CG1 . ILE A 1 50  ? 12.815  4.975   -13.482 1.00 14.97 ? 50   ILE A CG1 1 
ATOM   401  C  CG2 . ILE A 1 50  ? 13.587  6.736   -15.170 1.00 14.28 ? 50   ILE A CG2 1 
ATOM   402  C  CD1 . ILE A 1 50  ? 11.673  5.713   -12.749 1.00 15.95 ? 50   ILE A CD1 1 
ATOM   403  N  N   . GLY A 1 51  ? 12.094  4.584   -18.090 1.00 14.33 ? 51   GLY A N   1 
ATOM   404  C  CA  . GLY A 1 51  ? 12.281  4.900   -19.502 1.00 14.74 ? 51   GLY A CA  1 
ATOM   405  C  C   . GLY A 1 51  ? 13.699  5.350   -19.832 1.00 14.95 ? 51   GLY A C   1 
ATOM   406  O  O   . GLY A 1 51  ? 13.894  6.086   -20.807 1.00 14.90 ? 51   GLY A O   1 
ATOM   407  N  N   . ARG A 1 52  ? 14.681  4.918   -19.036 1.00 15.18 ? 52   ARG A N   1 
ATOM   408  C  CA  . ARG A 1 52  ? 16.103  5.240   -19.267 1.00 15.42 ? 52   ARG A CA  1 
ATOM   409  C  C   . ARG A 1 52  ? 17.032  4.256   -18.558 1.00 15.61 ? 52   ARG A C   1 
ATOM   410  O  O   . ARG A 1 52  ? 16.618  3.568   -17.626 1.00 15.25 ? 52   ARG A O   1 
ATOM   411  C  CB  . ARG A 1 52  ? 16.454  6.679   -18.847 1.00 15.68 ? 52   ARG A CB  1 
ATOM   412  C  CG  . ARG A 1 52  ? 16.484  6.910   -17.351 1.00 15.43 ? 52   ARG A CG  1 
ATOM   413  C  CD  . ARG A 1 52  ? 16.720  8.362   -16.964 1.00 15.23 ? 52   ARG A CD  1 
ATOM   414  N  NE  . ARG A 1 52  ? 16.699  8.485   -15.507 1.00 14.79 ? 52   ARG A NE  1 
ATOM   415  C  CZ  . ARG A 1 52  ? 17.717  8.228   -14.691 1.00 15.32 ? 52   ARG A CZ  1 
ATOM   416  N  NH1 . ARG A 1 52  ? 18.906  7.821   -15.152 1.00 15.16 ? 52   ARG A NH1 1 
ATOM   417  N  NH2 . ARG A 1 52  ? 17.538  8.382   -13.388 1.00 14.39 ? 52   ARG A NH2 1 
ATOM   418  N  N   . ASN A 1 53  ? 18.285  4.204   -19.014 1.00 16.21 ? 53   ASN A N   1 
ATOM   419  C  CA  . ASN A 1 53  ? 19.330  3.362   -18.421 1.00 16.47 ? 53   ASN A CA  1 
ATOM   420  C  C   . ASN A 1 53  ? 19.756  4.043   -17.116 1.00 16.28 ? 53   ASN A C   1 
ATOM   421  O  O   . ASN A 1 53  ? 20.536  5.004   -17.133 1.00 16.69 ? 53   ASN A O   1 
ATOM   422  C  CB  . ASN A 1 53  ? 20.485  3.212   -19.433 1.00 17.49 ? 53   ASN A CB  1 
ATOM   423  C  CG  . ASN A 1 53  ? 21.430  2.042   -19.142 0.70 18.43 ? 53   ASN A CG  1 
ATOM   424  O  OD1 . ASN A 1 53  ? 22.296  1.729   -19.966 0.70 21.57 ? 53   ASN A OD1 1 
ATOM   425  N  ND2 . ASN A 1 53  ? 21.275  1.390   -18.003 0.70 19.98 ? 53   ASN A ND2 1 
ATOM   426  N  N   . THR A 1 54  ? 19.233  3.560   -15.989 1.00 15.43 ? 54   THR A N   1 
ATOM   427  C  CA  . THR A 1 54  ? 19.520  4.147   -14.679 1.00 14.88 ? 54   THR A CA  1 
ATOM   428  C  C   . THR A 1 54  ? 20.786  3.478   -14.140 0.50 14.36 ? 54   THR A C   1 
ATOM   429  O  O   . THR A 1 54  ? 21.271  2.506   -14.720 0.50 14.40 ? 54   THR A O   1 
ATOM   430  C  CB  . THR A 1 54  ? 18.339  3.972   -13.664 1.00 14.83 ? 54   THR A CB  1 
ATOM   431  O  OG1 . THR A 1 54  ? 18.205  2.589   -13.320 1.00 14.99 ? 54   THR A OG1 1 
ATOM   432  C  CG2 . THR A 1 54  ? 16.990  4.476   -14.216 1.00 14.34 ? 54   THR A CG2 1 
ATOM   433  N  N   . ASN A 1 55  ? 21.352  3.978   -13.052 0.50 13.67 ? 55   ASN A N   1 
ATOM   434  C  CA  . ASN A 1 55  ? 22.482  3.251   -12.481 0.50 13.48 ? 55   ASN A CA  1 
ATOM   435  C  C   . ASN A 1 55  ? 21.947  2.591   -11.201 0.50 13.21 ? 55   ASN A C   1 
ATOM   436  O  O   . ASN A 1 55  ? 22.672  2.402   -10.234 0.50 13.30 ? 55   ASN A O   1 
ATOM   437  C  CB  . ASN A 1 55  ? 23.705  4.159   -12.252 0.50 13.40 ? 55   ASN A CB  1 
ATOM   438  C  CG  . ASN A 1 55  ? 23.434  5.297   -11.282 0.50 13.06 ? 55   ASN A CG  1 
ATOM   439  O  OD1 . ASN A 1 55  ? 22.326  5.817   -11.216 0.50 13.15 ? 55   ASN A OD1 1 
ATOM   440  N  ND2 . ASN A 1 55  ? 24.452  5.696   -10.527 0.50 13.90 ? 55   ASN A ND2 1 
ATOM   441  N  N   . GLY A 1 56  ? 20.659  2.241   -11.221 0.50 13.14 ? 56   GLY A N   1 
ATOM   442  C  CA  . GLY A 1 56  ? 19.960  1.743   -10.035 0.50 13.01 ? 56   GLY A CA  1 
ATOM   443  C  C   . GLY A 1 56  ? 19.616  2.887   -9.084  1.00 13.15 ? 56   GLY A C   1 
ATOM   444  O  O   . GLY A 1 56  ? 19.275  2.655   -7.919  1.00 13.27 ? 56   GLY A O   1 
ATOM   445  N  N   . VAL A 1 57  ? 19.712  4.125   -9.581  1.00 12.94 ? 57   VAL A N   1 
ATOM   446  C  CA  . VAL A 1 57  ? 19.468  5.350   -8.814  1.00 12.88 ? 57   VAL A CA  1 
ATOM   447  C  C   . VAL A 1 57  ? 18.513  6.252   -9.606  1.00 12.96 ? 57   VAL A C   1 
ATOM   448  O  O   . VAL A 1 57  ? 18.676  6.434   -10.820 1.00 12.93 ? 57   VAL A O   1 
ATOM   449  C  CB  . VAL A 1 57  ? 20.779  6.120   -8.489  1.00 13.34 ? 57   VAL A CB  1 
ATOM   450  C  CG1 . VAL A 1 57  ? 20.507  7.380   -7.656  1.00 13.97 ? 57   VAL A CG1 1 
ATOM   451  C  CG2 . VAL A 1 57  ? 21.799  5.214   -7.801  1.00 13.48 ? 57   VAL A CG2 1 
ATOM   452  N  N   . ILE A 1 58  ? 17.517  6.808   -8.921  1.00 12.73 ? 58   ILE A N   1 
ATOM   453  C  CA  . ILE A 1 58  ? 16.535  7.693   -9.573  1.00 12.58 ? 58   ILE A CA  1 
ATOM   454  C  C   . ILE A 1 58  ? 16.513  9.039   -8.845  1.00 12.55 ? 58   ILE A C   1 
ATOM   455  O  O   . ILE A 1 58  ? 17.094  9.151   -7.772  1.00 12.27 ? 58   ILE A O   1 
ATOM   456  C  CB  . ILE A 1 58  ? 15.117  7.042   -9.679  1.00 12.72 ? 58   ILE A CB  1 
ATOM   457  C  CG1 . ILE A 1 58  ? 14.534  6.700   -8.291  1.00 13.08 ? 58   ILE A CG1 1 
ATOM   458  C  CG2 . ILE A 1 58  ? 15.162  5.813   -10.619 1.00 12.40 ? 58   ILE A CG2 1 
ATOM   459  C  CD1 . ILE A 1 58  ? 13.080  6.170   -8.309  1.00 12.77 ? 58   ILE A CD1 1 
ATOM   460  N  N   . THR A 1 59  ? 15.863  10.046  -9.424  1.00 12.53 ? 59   THR A N   1 
ATOM   461  C  CA  . THR A 1 59  ? 15.703  11.363  -8.798  1.00 12.60 ? 59   THR A CA  1 
ATOM   462  C  C   . THR A 1 59  ? 14.429  11.385  -7.942  1.00 12.59 ? 59   THR A C   1 
ATOM   463  O  O   . THR A 1 59  ? 13.588  10.489  -8.064  1.00 12.13 ? 59   THR A O   1 
ATOM   464  C  CB  . THR A 1 59  ? 15.570  12.495  -9.843  1.00 12.72 ? 59   THR A CB  1 
ATOM   465  O  OG1 . THR A 1 59  ? 14.357  12.303  -10.593 1.00 12.97 ? 59   THR A OG1 1 
ATOM   466  C  CG2 . THR A 1 59  ? 16.779  12.543  -10.784 1.00 13.48 ? 59   THR A CG2 1 
ATOM   467  N  N   . LYS A 1 60  ? 14.284  12.399  -7.088  1.00 12.63 ? 60   LYS A N   1 
ATOM   468  C  CA  . LYS A 1 60  ? 13.044  12.545  -6.302  1.00 12.97 ? 60   LYS A CA  1 
ATOM   469  C  C   . LYS A 1 60  ? 11.829  12.664  -7.232  1.00 12.51 ? 60   LYS A C   1 
ATOM   470  O  O   . LYS A 1 60  ? 10.798  12.026  -6.971  1.00 11.69 ? 60   LYS A O   1 
ATOM   471  C  CB  . LYS A 1 60  ? 13.121  13.713  -5.303  1.00 12.91 ? 60   LYS A CB  1 
ATOM   472  C  CG  . LYS A 1 60  ? 11.977  13.731  -4.285  1.00 13.66 ? 60   LYS A CG  1 
ATOM   473  C  CD  . LYS A 1 60  ? 12.203  14.833  -3.253  1.00 14.54 ? 60   LYS A CD  1 
ATOM   474  C  CE  . LYS A 1 60  ? 11.067  14.902  -2.250  1.00 17.79 ? 60   LYS A CE  1 
ATOM   475  N  NZ  . LYS A 1 60  ? 11.248  16.088  -1.357  1.00 20.51 ? 60   LYS A NZ  1 
ATOM   476  N  N   . ASP A 1 61  ? 11.960  13.455  -8.302  1.00 12.35 ? 61   ASP A N   1 
ATOM   477  C  CA  . ASP A 1 61  ? 10.861  13.620  -9.275  1.00 12.54 ? 61   ASP A CA  1 
ATOM   478  C  C   . ASP A 1 61  ? 10.463  12.271  -9.873  1.00 12.14 ? 61   ASP A C   1 
ATOM   479  O  O   . ASP A 1 61  ? 9.275   11.963  -9.966  1.00 12.05 ? 61   ASP A O   1 
ATOM   480  C  CB  . ASP A 1 61  ? 11.228  14.594  -10.400 1.00 12.79 ? 61   ASP A CB  1 
ATOM   481  C  CG  . ASP A 1 61  ? 11.242  16.052  -9.972  1.00 14.51 ? 61   ASP A CG  1 
ATOM   482  O  OD1 . ASP A 1 61  ? 11.038  16.411  -8.786  1.00 15.79 ? 61   ASP A OD1 1 
ATOM   483  O  OD2 . ASP A 1 61  ? 11.467  16.858  -10.896 1.00 17.11 ? 61   ASP A OD2 1 
ATOM   484  N  N   . GLU A 1 62  ? 11.447  11.460  -10.266 1.00 11.91 ? 62   GLU A N   1 
ATOM   485  C  CA  . GLU A 1 62  ? 11.168  10.130  -10.820 1.00 11.68 ? 62   GLU A CA  1 
ATOM   486  C  C   . GLU A 1 62  ? 10.466  9.228   -9.794  1.00 11.55 ? 62   GLU A C   1 
ATOM   487  O  O   . GLU A 1 62  ? 9.521   8.523   -10.139 1.00 11.78 ? 62   GLU A O   1 
ATOM   488  C  CB  . GLU A 1 62  ? 12.449  9.485   -11.371 1.00 11.88 ? 62   GLU A CB  1 
ATOM   489  C  CG  . GLU A 1 62  ? 12.939  10.206  -12.613 1.00 11.84 ? 62   GLU A CG  1 
ATOM   490  C  CD  . GLU A 1 62  ? 14.329  9.780   -13.058 1.00 12.40 ? 62   GLU A CD  1 
ATOM   491  O  OE1 . GLU A 1 62  ? 15.106  9.255   -12.233 1.00 12.44 ? 62   GLU A OE1 1 
ATOM   492  O  OE2 . GLU A 1 62  ? 14.634  9.988   -14.250 1.00 12.24 ? 62   GLU A OE2 1 
ATOM   493  N  N   . ALA A 1 63  ? 10.912  9.277   -8.538  1.00 11.46 ? 63   ALA A N   1 
ATOM   494  C  CA  . ALA A 1 63  ? 10.306  8.508   -7.444  1.00 11.32 ? 63   ALA A CA  1 
ATOM   495  C  C   . ALA A 1 63  ? 8.840   8.901   -7.272  1.00 11.30 ? 63   ALA A C   1 
ATOM   496  O  O   . ALA A 1 63  ? 7.979   8.025   -7.146  1.00 11.44 ? 63   ALA A O   1 
ATOM   497  C  CB  . ALA A 1 63  ? 11.072  8.712   -6.154  1.00 11.38 ? 63   ALA A CB  1 
ATOM   498  N  N   . GLU A 1 64  ? 8.569   10.209  -7.284  1.00 10.98 ? 64   GLU A N   1 
ATOM   499  C  CA  . GLU A 1 64  ? 7.209   10.737  -7.152  1.00 11.13 ? 64   GLU A CA  1 
ATOM   500  C  C   . GLU A 1 64  ? 6.359   10.375  -8.368  1.00 10.86 ? 64   GLU A C   1 
ATOM   501  O  O   . GLU A 1 64  ? 5.159   10.155  -8.211  1.00 10.56 ? 64   GLU A O   1 
ATOM   502  C  CB  . GLU A 1 64  ? 7.216   12.246  -6.888  1.00 10.98 ? 64   GLU A CB  1 
ATOM   503  C  CG  . GLU A 1 64  ? 7.709   12.575  -5.464  1.00 11.41 ? 64   GLU A CG  1 
ATOM   504  C  CD  . GLU A 1 64  ? 8.037   14.049  -5.216  1.00 12.70 ? 64   GLU A CD  1 
ATOM   505  O  OE1 . GLU A 1 64  ? 8.100   14.851  -6.173  1.00 14.85 ? 64   GLU A OE1 1 
ATOM   506  O  OE2 . GLU A 1 64  ? 8.254   14.391  -4.037  1.00 15.51 ? 64   GLU A OE2 1 
ATOM   507  N  N   . LYS A 1 65  ? 6.967   10.312  -9.553  1.00 10.46 ? 65   LYS A N   1 
ATOM   508  C  CA  . LYS A 1 65  ? 6.233   9.875   -10.753 1.00 10.99 ? 65   LYS A CA  1 
ATOM   509  C  C   . LYS A 1 65  ? 5.716   8.435   -10.610 1.00 10.28 ? 65   LYS A C   1 
ATOM   510  O  O   . LYS A 1 65  ? 4.524   8.188   -10.834 1.00 10.35 ? 65   LYS A O   1 
ATOM   511  C  CB  . LYS A 1 65  ? 7.066   10.042  -12.030 1.00 10.85 ? 65   LYS A CB  1 
ATOM   512  C  CG  . LYS A 1 65  ? 6.316   9.640   -13.311 1.00 12.30 ? 65   LYS A CG  1 
ATOM   513  C  CD  . LYS A 1 65  ? 7.040   10.113  -14.566 1.00 12.02 ? 65   LYS A CD  1 
ATOM   514  C  CE  . LYS A 1 65  ? 6.208   9.726   -15.784 1.00 14.14 ? 65   LYS A CE  1 
ATOM   515  N  NZ  A LYS A 1 65  ? 6.365   10.607  -16.982 0.70 15.12 ? 65   LYS A NZ  1 
ATOM   516  N  NZ  B LYS A 1 65  ? 5.000   10.581  -15.975 0.30 11.07 ? 65   LYS A NZ  1 
ATOM   517  N  N   . LEU A 1 66  ? 6.599   7.506   -10.245 1.00 9.73  ? 66   LEU A N   1 
ATOM   518  C  CA  . LEU A 1 66  ? 6.212   6.118   -9.977  1.00 9.69  ? 66   LEU A CA  1 
ATOM   519  C  C   . LEU A 1 66  ? 5.164   6.027   -8.857  1.00 9.44  ? 66   LEU A C   1 
ATOM   520  O  O   . LEU A 1 66  ? 4.252   5.204   -8.930  1.00 9.27  ? 66   LEU A O   1 
ATOM   521  C  CB  . LEU A 1 66  ? 7.430   5.258   -9.625  1.00 9.77  ? 66   LEU A CB  1 
ATOM   522  C  CG  . LEU A 1 66  ? 8.561   5.132   -10.650 1.00 9.90  ? 66   LEU A CG  1 
ATOM   523  C  CD1 . LEU A 1 66  ? 9.644   4.233   -10.073 1.00 11.32 ? 66   LEU A CD1 1 
ATOM   524  C  CD2 . LEU A 1 66  ? 8.031   4.575   -11.983 1.00 10.68 ? 66   LEU A CD2 1 
ATOM   525  N  N   . PHE A 1 67  ? 5.295   6.875   -7.840  1.00 9.20  ? 67   PHE A N   1 
ATOM   526  C  CA  . PHE A 1 67  ? 4.364   6.904   -6.705  1.00 9.37  ? 67   PHE A CA  1 
ATOM   527  C  C   . PHE A 1 67  ? 2.948   7.239   -7.159  1.00 9.62  ? 67   PHE A C   1 
ATOM   528  O  O   . PHE A 1 67  ? 1.986   6.537   -6.795  1.00 9.40  ? 67   PHE A O   1 
ATOM   529  C  CB  . PHE A 1 67  ? 4.884   7.842   -5.598  1.00 9.67  ? 67   PHE A CB  1 
ATOM   530  C  CG  . PHE A 1 67  ? 4.072   7.815   -4.307  1.00 10.39 ? 67   PHE A CG  1 
ATOM   531  C  CD1 . PHE A 1 67  ? 3.550   6.625   -3.785  1.00 9.66  ? 67   PHE A CD1 1 
ATOM   532  C  CD2 . PHE A 1 67  ? 3.877   9.001   -3.591  1.00 11.40 ? 67   PHE A CD2 1 
ATOM   533  C  CE1 . PHE A 1 67  ? 2.821   6.619   -2.581  1.00 9.90  ? 67   PHE A CE1 1 
ATOM   534  C  CE2 . PHE A 1 67  ? 3.150   9.013   -2.385  1.00 10.48 ? 67   PHE A CE2 1 
ATOM   535  C  CZ  . PHE A 1 67  ? 2.624   7.812   -1.886  1.00 10.51 ? 67   PHE A CZ  1 
ATOM   536  N  N   . ASN A 1 68  ? 2.839   8.290   -7.966  1.00 9.95  ? 68   ASN A N   1 
ATOM   537  C  CA  . ASN A 1 68  ? 1.560   8.702   -8.554  1.00 9.91  ? 68   ASN A CA  1 
ATOM   538  C  C   . ASN A 1 68  ? 0.919   7.553   -9.341  1.00 9.93  ? 68   ASN A C   1 
ATOM   539  O  O   . ASN A 1 68  ? -0.269  7.235   -9.174  1.00 9.29  ? 68   ASN A O   1 
ATOM   540  C  CB  . ASN A 1 68  ? 1.717   9.919   -9.478  1.00 9.97  ? 68   ASN A CB  1 
ATOM   541  C  CG  A ASN A 1 68  ? 0.425   10.698  -9.602  0.50 10.81 ? 68   ASN A CG  1 
ATOM   542  C  CG  B ASN A 1 68  ? 1.898   11.244  -8.756  0.50 9.07  ? 68   ASN A CG  1 
ATOM   543  O  OD1 A ASN A 1 68  ? -0.652  10.191  -9.268  0.50 11.78 ? 68   ASN A OD1 1 
ATOM   544  O  OD1 B ASN A 1 68  ? 1.387   11.457  -7.663  0.50 8.73  ? 68   ASN A OD1 1 
ATOM   545  N  ND2 A ASN A 1 68  ? 0.517   11.934  -10.071 0.50 11.21 ? 68   ASN A ND2 1 
ATOM   546  N  ND2 B ASN A 1 68  ? 2.625   12.158  -9.393  0.50 9.06  ? 68   ASN A ND2 1 
ATOM   547  N  N   . GLN A 1 69  ? 1.712   6.928   -10.209 1.00 10.07 ? 69   GLN A N   1 
ATOM   548  C  CA  . GLN A 1 69  ? 1.246   5.768   -10.984 1.00 10.62 ? 69   GLN A CA  1 
ATOM   549  C  C   . GLN A 1 69  ? 0.746   4.623   -10.088 1.00 10.91 ? 69   GLN A C   1 
ATOM   550  O  O   . GLN A 1 69  ? -0.299  4.018   -10.362 1.00 10.95 ? 69   GLN A O   1 
ATOM   551  C  CB  . GLN A 1 69  ? 2.352   5.289   -11.925 1.00 10.43 ? 69   GLN A CB  1 
ATOM   552  C  CG  . GLN A 1 69  ? 2.602   6.293   -13.041 1.00 10.27 ? 69   GLN A CG  1 
ATOM   553  C  CD  . GLN A 1 69  ? 3.750   5.942   -13.966 1.00 11.72 ? 69   GLN A CD  1 
ATOM   554  O  OE1 . GLN A 1 69  ? 3.955   6.630   -14.970 1.00 13.32 ? 69   GLN A OE1 1 
ATOM   555  N  NE2 . GLN A 1 69  ? 4.502   4.884   -13.650 1.00 12.09 ? 69   GLN A NE2 1 
ATOM   556  N  N   . ASP A 1 70  ? 1.491   4.360   -9.017  1.00 11.28 ? 70   ASP A N   1 
ATOM   557  C  CA  . ASP A 1 70  ? 1.185   3.274   -8.093  1.00 11.39 ? 70   ASP A CA  1 
ATOM   558  C  C   . ASP A 1 70  ? -0.091  3.522   -7.289  1.00 11.26 ? 70   ASP A C   1 
ATOM   559  O  O   . ASP A 1 70  ? -0.886  2.594   -7.114  1.00 11.30 ? 70   ASP A O   1 
ATOM   560  C  CB  . ASP A 1 70  ? 2.390   2.971   -7.197  1.00 11.67 ? 70   ASP A CB  1 
ATOM   561  C  CG  . ASP A 1 70  ? 3.566   2.390   -7.959  1.00 11.66 ? 70   ASP A CG  1 
ATOM   562  O  OD1 . ASP A 1 70  ? 3.444   1.979   -9.142  1.00 9.85  ? 70   ASP A OD1 1 
ATOM   563  O  OD2 . ASP A 1 70  ? 4.648   2.372   -7.348  1.00 12.93 ? 70   ASP A OD2 1 
ATOM   564  N  N   . VAL A 1 71  ? -0.297  4.754   -6.825  1.00 11.11 ? 71   VAL A N   1 
ATOM   565  C  CA  . VAL A 1 71  ? -1.535  5.127   -6.117  1.00 11.19 ? 71   VAL A CA  1 
ATOM   566  C  C   . VAL A 1 71  ? -2.735  4.953   -7.065  1.00 11.76 ? 71   VAL A C   1 
ATOM   567  O  O   . VAL A 1 71  ? -3.727  4.308   -6.713  1.00 11.54 ? 71   VAL A O   1 
ATOM   568  C  CB  . VAL A 1 71  ? -1.452  6.548   -5.518  1.00 10.90 ? 71   VAL A CB  1 
ATOM   569  C  CG1 . VAL A 1 71  ? -2.818  6.998   -4.955  1.00 10.22 ? 71   VAL A CG1 1 
ATOM   570  C  CG2 . VAL A 1 71  ? -0.397  6.606   -4.416  1.00 11.16 ? 71   VAL A CG2 1 
ATOM   571  N  N   . ASP A 1 72  ? -2.617  5.521   -8.267  1.00 12.31 ? 72   ASP A N   1 
ATOM   572  C  CA  . ASP A 1 72  ? -3.607  5.395   -9.338  1.00 13.25 ? 72   ASP A CA  1 
ATOM   573  C  C   . ASP A 1 72  ? -3.888  3.907   -9.640  1.00 12.83 ? 72   ASP A C   1 
ATOM   574  O  O   . ASP A 1 72  ? -5.054  3.507   -9.718  1.00 13.36 ? 72   ASP A O   1 
ATOM   575  C  CB  . ASP A 1 72  ? -3.072  6.160   -10.553 1.00 13.81 ? 72   ASP A CB  1 
ATOM   576  C  CG  . ASP A 1 72  ? -4.120  6.435   -11.622 1.00 15.98 ? 72   ASP A CG  1 
ATOM   577  O  OD1 . ASP A 1 72  ? -5.342  6.274   -11.403 1.00 19.73 ? 72   ASP A OD1 1 
ATOM   578  O  OD2 . ASP A 1 72  ? -3.692  6.849   -12.713 1.00 18.25 ? 72   ASP A OD2 1 
ATOM   579  N  N   . ALA A 1 73  ? -2.846  3.084   -9.787  1.00 12.59 ? 73   ALA A N   1 
ATOM   580  C  CA  . ALA A 1 73  ? -3.008  1.635   -10.002 1.00 12.28 ? 73   ALA A CA  1 
ATOM   581  C  C   . ALA A 1 73  ? -3.775  0.953   -8.851  1.00 12.10 ? 73   ALA A C   1 
ATOM   582  O  O   . ALA A 1 73  ? -4.574  0.058   -9.105  1.00 11.80 ? 73   ALA A O   1 
ATOM   583  C  CB  . ALA A 1 73  ? -1.658  0.946   -10.235 1.00 12.44 ? 73   ALA A CB  1 
ATOM   584  N  N   . ALA A 1 74  ? -3.534  1.370   -7.604  1.00 11.80 ? 74   ALA A N   1 
ATOM   585  C  CA  . ALA A 1 74  ? -4.228  0.802   -6.428  1.00 11.91 ? 74   ALA A CA  1 
ATOM   586  C  C   . ALA A 1 74  ? -5.730  1.115   -6.483  1.00 12.03 ? 74   ALA A C   1 
ATOM   587  O  O   . ALA A 1 74  ? -6.579  0.228   -6.305  1.00 11.70 ? 74   ALA A O   1 
ATOM   588  C  CB  . ALA A 1 74  ? -3.608  1.298   -5.122  1.00 11.47 ? 74   ALA A CB  1 
ATOM   589  N  N   . VAL A 1 75  ? -6.037  2.382   -6.760  1.00 12.08 ? 75   VAL A N   1 
ATOM   590  C  CA  . VAL A 1 75  ? -7.428  2.825   -6.906  1.00 12.53 ? 75   VAL A CA  1 
ATOM   591  C  C   . VAL A 1 75  ? -8.111  2.076   -8.060  1.00 13.01 ? 75   VAL A C   1 
ATOM   592  O  O   . VAL A 1 75  ? -9.212  1.528   -7.881  1.00 13.01 ? 75   VAL A O   1 
ATOM   593  C  CB  . VAL A 1 75  ? -7.504  4.353   -7.059  1.00 12.34 ? 75   VAL A CB  1 
ATOM   594  C  CG1 . VAL A 1 75  ? -8.920  4.825   -7.458  1.00 12.36 ? 75   VAL A CG1 1 
ATOM   595  C  CG2 . VAL A 1 75  ? -7.084  5.019   -5.777  1.00 12.28 ? 75   VAL A CG2 1 
ATOM   596  N  N   . ARG A 1 76  ? -7.451  2.041   -9.220  1.00 13.42 ? 76   ARG A N   1 
ATOM   597  C  CA  . ARG A 1 76  ? -7.960  1.352   -10.412 1.00 14.43 ? 76   ARG A CA  1 
ATOM   598  C  C   . ARG A 1 76  ? -8.233  -0.127  -10.086 1.00 14.06 ? 76   ARG A C   1 
ATOM   599  O  O   . ARG A 1 76  ? -9.277  -0.660  -10.474 1.00 14.00 ? 76   ARG A O   1 
ATOM   600  C  CB  . ARG A 1 76  ? -6.956  1.511   -11.572 1.00 14.67 ? 76   ARG A CB  1 
ATOM   601  C  CG  A ARG A 1 76  ? -7.342  0.879   -12.907 0.70 15.69 ? 76   ARG A CG  1 
ATOM   602  C  CG  B ARG A 1 76  ? -7.519  1.126   -12.940 0.30 15.55 ? 76   ARG A CG  1 
ATOM   603  C  CD  A ARG A 1 76  ? -6.442  1.343   -14.064 0.70 15.34 ? 76   ARG A CD  1 
ATOM   604  C  CD  B ARG A 1 76  ? -6.423  0.732   -13.926 0.30 16.58 ? 76   ARG A CD  1 
ATOM   605  N  NE  A ARG A 1 76  ? -5.048  0.897   -13.976 0.70 15.39 ? 76   ARG A NE  1 
ATOM   606  N  NE  B ARG A 1 76  ? -5.804  -0.542  -13.562 0.30 17.18 ? 76   ARG A NE  1 
ATOM   607  C  CZ  A ARG A 1 76  ? -3.996  1.659   -13.670 0.70 15.92 ? 76   ARG A CZ  1 
ATOM   608  C  CZ  B ARG A 1 76  ? -6.148  -1.738  -14.034 0.30 17.55 ? 76   ARG A CZ  1 
ATOM   609  N  NH1 A ARG A 1 76  ? -4.108  2.961   -13.405 0.70 14.76 ? 76   ARG A NH1 1 
ATOM   610  N  NH1 B ARG A 1 76  ? -7.125  -1.886  -14.924 0.30 17.86 ? 76   ARG A NH1 1 
ATOM   611  N  NH2 A ARG A 1 76  ? -2.800  1.094   -13.630 0.70 16.07 ? 76   ARG A NH2 1 
ATOM   612  N  NH2 B ARG A 1 76  ? -5.495  -2.812  -13.608 0.30 17.75 ? 76   ARG A NH2 1 
ATOM   613  N  N   . GLY A 1 77  ? -7.303  -0.762  -9.374  1.00 13.86 ? 77   GLY A N   1 
ATOM   614  C  CA  . GLY A 1 77  ? -7.397  -2.166  -8.924  1.00 13.62 ? 77   GLY A CA  1 
ATOM   615  C  C   . GLY A 1 77  ? -8.597  -2.439  -8.020  1.00 13.59 ? 77   GLY A C   1 
ATOM   616  O  O   . GLY A 1 77  ? -9.278  -3.462  -8.164  1.00 13.59 ? 77   GLY A O   1 
ATOM   617  N  N   . ILE A 1 78  ? -8.854  -1.525  -7.089  1.00 13.25 ? 78   ILE A N   1 
ATOM   618  C  CA  . ILE A 1 78  ? -10.032 -1.586  -6.211  1.00 12.81 ? 78   ILE A CA  1 
ATOM   619  C  C   . ILE A 1 78  ? -11.325 -1.488  -7.034  1.00 13.02 ? 78   ILE A C   1 
ATOM   620  O  O   . ILE A 1 78  ? -12.227 -2.325  -6.899  1.00 12.70 ? 78   ILE A O   1 
ATOM   621  C  CB  . ILE A 1 78  ? -9.990  -0.470  -5.129  1.00 12.85 ? 78   ILE A CB  1 
ATOM   622  C  CG1 . ILE A 1 78  ? -8.946  -0.809  -4.055  1.00 12.56 ? 78   ILE A CG1 1 
ATOM   623  C  CG2 . ILE A 1 78  ? -11.355 -0.290  -4.455  1.00 12.29 ? 78   ILE A CG2 1 
ATOM   624  C  CD1 . ILE A 1 78  ? -8.498  0.394   -3.200  1.00 12.96 ? 78   ILE A CD1 1 
ATOM   625  N  N   . LEU A 1 79  ? -11.398 -0.457  -7.875  1.00 12.87 ? 79   LEU A N   1 
ATOM   626  C  CA  . LEU A 1 79  ? -12.603 -0.191  -8.670  1.00 13.23 ? 79   LEU A CA  1 
ATOM   627  C  C   . LEU A 1 79  ? -12.947 -1.296  -9.691  1.00 13.70 ? 79   LEU A C   1 
ATOM   628  O  O   . LEU A 1 79  ? -14.128 -1.484  -10.002 1.00 13.23 ? 79   LEU A O   1 
ATOM   629  C  CB  . LEU A 1 79  ? -12.532 1.215   -9.296  1.00 13.25 ? 79   LEU A CB  1 
ATOM   630  C  CG  . LEU A 1 79  ? -12.442 2.359   -8.268  1.00 12.67 ? 79   LEU A CG  1 
ATOM   631  C  CD1 . LEU A 1 79  ? -12.156 3.691   -8.952  1.00 13.17 ? 79   LEU A CD1 1 
ATOM   632  C  CD2 . LEU A 1 79  ? -13.701 2.514   -7.375  1.00 12.51 ? 79   LEU A CD2 1 
ATOM   633  N  N   . ARG A 1 80  ? -11.943 -2.021  -10.181 1.00 14.03 ? 80   ARG A N   1 
ATOM   634  C  CA  . ARG A 1 80  ? -12.187 -3.106  -11.141 1.00 14.76 ? 80   ARG A CA  1 
ATOM   635  C  C   . ARG A 1 80  ? -12.490 -4.452  -10.468 1.00 14.62 ? 80   ARG A C   1 
ATOM   636  O  O   . ARG A 1 80  ? -12.934 -5.406  -11.129 1.00 14.94 ? 80   ARG A O   1 
ATOM   637  C  CB  . ARG A 1 80  ? -11.017 -3.236  -12.121 1.00 15.33 ? 80   ARG A CB  1 
ATOM   638  C  CG  . ARG A 1 80  ? -9.770  -3.912  -11.563 1.00 16.74 ? 80   ARG A CG  1 
ATOM   639  C  CD  . ARG A 1 80  ? -8.713  -3.967  -12.657 1.00 20.05 ? 80   ARG A CD  1 
ATOM   640  N  NE  . ARG A 1 80  ? -7.632  -4.895  -12.328 1.00 22.81 ? 80   ARG A NE  1 
ATOM   641  C  CZ  . ARG A 1 80  ? -7.539  -6.151  -12.767 0.50 23.68 ? 80   ARG A CZ  1 
ATOM   642  N  NH1 . ARG A 1 80  ? -8.460  -6.673  -13.572 0.50 24.05 ? 80   ARG A NH1 1 
ATOM   643  N  NH2 . ARG A 1 80  ? -6.507  -6.898  -12.396 0.50 23.93 ? 80   ARG A NH2 1 
ATOM   644  N  N   . ASN A 1 81  ? -12.248 -4.534  -9.160  1.00 14.31 ? 81   ASN A N   1 
ATOM   645  C  CA  . ASN A 1 81  ? -12.400 -5.781  -8.422  1.00 13.99 ? 81   ASN A CA  1 
ATOM   646  C  C   . ASN A 1 81  ? -13.806 -5.928  -7.844  1.00 13.81 ? 81   ASN A C   1 
ATOM   647  O  O   . ASN A 1 81  ? -14.295 -5.020  -7.181  1.00 13.71 ? 81   ASN A O   1 
ATOM   648  C  CB  . ASN A 1 81  ? -11.314 -5.876  -7.344  1.00 13.69 ? 81   ASN A CB  1 
ATOM   649  C  CG  . ASN A 1 81  ? -11.331 -7.191  -6.595  1.00 14.37 ? 81   ASN A CG  1 
ATOM   650  O  OD1 . ASN A 1 81  ? -12.171 -7.415  -5.721  1.00 12.82 ? 81   ASN A OD1 1 
ATOM   651  N  ND2 . ASN A 1 81  ? -10.372 -8.061  -6.910  1.00 14.43 ? 81   ASN A ND2 1 
ATOM   652  N  N   . ALA A 1 82  ? -14.444 -7.072  -8.082  1.00 13.89 ? 82   ALA A N   1 
ATOM   653  C  CA  . ALA A 1 82  ? -15.835 -7.279  -7.650  1.00 13.71 ? 82   ALA A CA  1 
ATOM   654  C  C   . ALA A 1 82  ? -16.018 -7.350  -6.130  1.00 13.68 ? 82   ALA A C   1 
ATOM   655  O  O   . ALA A 1 82  ? -17.105 -7.063  -5.622  1.00 13.40 ? 82   ALA A O   1 
ATOM   656  C  CB  . ALA A 1 82  ? -16.447 -8.518  -8.330  1.00 14.38 ? 82   ALA A CB  1 
ATOM   657  N  N   . LYS A 1 83  ? -14.957 -7.726  -5.420  1.00 13.39 ? 83   LYS A N   1 
ATOM   658  C  CA  . LYS A 1 83  ? -14.978 -7.826  -3.961  1.00 13.44 ? 83   LYS A CA  1 
ATOM   659  C  C   . LYS A 1 83  ? -14.657 -6.481  -3.305  1.00 13.33 ? 83   LYS A C   1 
ATOM   660  O  O   . LYS A 1 83  ? -15.306 -6.085  -2.330  1.00 13.53 ? 83   LYS A O   1 
ATOM   661  C  CB  . LYS A 1 83  ? -14.049 -8.965  -3.481  1.00 13.96 ? 83   LYS A CB  1 
ATOM   662  C  CG  . LYS A 1 83  ? -14.438 -10.357 -4.085  1.00 14.44 ? 83   LYS A CG  1 
ATOM   663  C  CD  A LYS A 1 83  ? -15.865 -10.785 -3.791  0.50 14.99 ? 83   LYS A CD  1 
ATOM   664  C  CD  B LYS A 1 83  ? -13.431 -11.480 -3.933  0.50 13.96 ? 83   LYS A CD  1 
ATOM   665  C  CE  A LYS A 1 83  ? -16.182 -12.107 -4.477  0.50 15.02 ? 83   LYS A CE  1 
ATOM   666  C  CE  B LYS A 1 83  ? -13.986 -12.716 -4.657  0.50 14.99 ? 83   LYS A CE  1 
ATOM   667  N  NZ  A LYS A 1 83  ? -17.582 -12.534 -4.211  0.50 15.27 ? 83   LYS A NZ  1 
ATOM   668  N  NZ  B LYS A 1 83  ? -12.985 -13.796 -4.911  0.50 15.93 ? 83   LYS A NZ  1 
ATOM   669  N  N   . LEU A 1 84  ? -13.677 -5.776  -3.858  1.00 12.47 ? 84   LEU A N   1 
ATOM   670  C  CA  . LEU A 1 84  ? -13.224 -4.521  -3.259  1.00 12.28 ? 84   LEU A CA  1 
ATOM   671  C  C   . LEU A 1 84  ? -14.072 -3.296  -3.577  1.00 12.11 ? 84   LEU A C   1 
ATOM   672  O  O   . LEU A 1 84  ? -14.204 -2.422  -2.707  1.00 12.31 ? 84   LEU A O   1 
ATOM   673  C  CB  . LEU A 1 84  ? -11.764 -4.249  -3.634  1.00 12.35 ? 84   LEU A CB  1 
ATOM   674  C  CG  . LEU A 1 84  ? -10.736 -5.326  -3.256  1.00 12.28 ? 84   LEU A CG  1 
ATOM   675  C  CD1 . LEU A 1 84  ? -9.409  -4.978  -3.916  1.00 13.23 ? 84   LEU A CD1 1 
ATOM   676  C  CD2 . LEU A 1 84  ? -10.588 -5.485  -1.734  1.00 12.52 ? 84   LEU A CD2 1 
ATOM   677  N  N   . LYS A 1 85  ? -14.609 -3.214  -4.793  1.00 11.95 ? 85   LYS A N   1 
ATOM   678  C  CA  . LYS A 1 85  ? -15.405 -2.040  -5.211  1.00 12.28 ? 85   LYS A CA  1 
ATOM   679  C  C   . LYS A 1 85  ? -16.575 -1.738  -4.243  1.00 12.08 ? 85   LYS A C   1 
ATOM   680  O  O   . LYS A 1 85  ? -16.672 -0.600  -3.778  1.00 11.51 ? 85   LYS A O   1 
ATOM   681  C  CB  . LYS A 1 85  ? -15.899 -2.136  -6.669  1.00 12.28 ? 85   LYS A CB  1 
ATOM   682  C  CG  . LYS A 1 85  ? -16.516 -0.832  -7.184  1.00 12.60 ? 85   LYS A CG  1 
ATOM   683  C  CD  . LYS A 1 85  ? -17.093 -0.968  -8.589  1.00 13.62 ? 85   LYS A CD  1 
ATOM   684  C  CE  . LYS A 1 85  ? -17.646 0.357   -9.113  1.00 15.23 ? 85   LYS A CE  1 
ATOM   685  N  NZ  . LYS A 1 85  ? -18.729 0.942   -8.277  1.00 16.49 ? 85   LYS A NZ  1 
ATOM   686  N  N   . PRO A 1 86  ? -17.446 -2.733  -3.942  1.00 12.32 ? 86   PRO A N   1 
ATOM   687  C  CA  . PRO A 1 86  ? -18.550 -2.407  -3.026  1.00 12.26 ? 86   PRO A CA  1 
ATOM   688  C  C   . PRO A 1 86  ? -18.093 -1.951  -1.638  1.00 12.01 ? 86   PRO A C   1 
ATOM   689  O  O   . PRO A 1 86  ? -18.751 -1.102  -1.043  1.00 11.35 ? 86   PRO A O   1 
ATOM   690  C  CB  . PRO A 1 86  ? -19.369 -3.702  -2.936  1.00 12.53 ? 86   PRO A CB  1 
ATOM   691  C  CG  . PRO A 1 86  ? -18.548 -4.762  -3.547  1.00 12.69 ? 86   PRO A CG  1 
ATOM   692  C  CD  . PRO A 1 86  ? -17.517 -4.133  -4.410  1.00 12.38 ? 86   PRO A CD  1 
ATOM   693  N  N   . VAL A 1 87  ? -16.982 -2.493  -1.138  1.00 11.76 ? 87   VAL A N   1 
ATOM   694  C  CA  . VAL A 1 87  ? -16.487 -2.066  0.180   1.00 11.73 ? 87   VAL A CA  1 
ATOM   695  C  C   . VAL A 1 87  ? -16.046 -0.598  0.079   1.00 11.88 ? 87   VAL A C   1 
ATOM   696  O  O   . VAL A 1 87  ? -16.476 0.245   0.876   1.00 11.27 ? 87   VAL A O   1 
ATOM   697  C  CB  . VAL A 1 87  ? -15.368 -2.982  0.716   1.00 11.92 ? 87   VAL A CB  1 
ATOM   698  C  CG1 . VAL A 1 87  ? -14.864 -2.490  2.096   1.00 12.17 ? 87   VAL A CG1 1 
ATOM   699  C  CG2 . VAL A 1 87  ? -15.872 -4.437  0.777   1.00 11.92 ? 87   VAL A CG2 1 
ATOM   700  N  N   . TYR A 1 88  ? -15.205 -0.307  -0.913  1.00 11.79 ? 88   TYR A N   1 
ATOM   701  C  CA  . TYR A 1 88  ? -14.697 1.048   -1.166  1.00 12.13 ? 88   TYR A CA  1 
ATOM   702  C  C   . TYR A 1 88  ? -15.833 2.065   -1.309  1.00 12.22 ? 88   TYR A C   1 
ATOM   703  O  O   . TYR A 1 88  ? -15.812 3.128   -0.676  1.00 12.38 ? 88   TYR A O   1 
ATOM   704  C  CB  . TYR A 1 88  ? -13.845 1.009   -2.428  1.00 12.71 ? 88   TYR A CB  1 
ATOM   705  C  CG  . TYR A 1 88  ? -13.105 2.292   -2.727  1.00 12.78 ? 88   TYR A CG  1 
ATOM   706  C  CD1 . TYR A 1 88  ? -11.877 2.566   -2.108  1.00 13.92 ? 88   TYR A CD1 1 
ATOM   707  C  CD2 . TYR A 1 88  ? -13.632 3.226   -3.628  1.00 14.65 ? 88   TYR A CD2 1 
ATOM   708  C  CE1 . TYR A 1 88  ? -11.177 3.743   -2.391  1.00 13.65 ? 88   TYR A CE1 1 
ATOM   709  C  CE2 . TYR A 1 88  ? -12.952 4.410   -3.913  1.00 15.39 ? 88   TYR A CE2 1 
ATOM   710  C  CZ  . TYR A 1 88  ? -11.725 4.652   -3.288  1.00 14.98 ? 88   TYR A CZ  1 
ATOM   711  O  OH  . TYR A 1 88  ? -11.051 5.823   -3.573  1.00 15.30 ? 88   TYR A OH  1 
ATOM   712  N  N   . ASP A 1 89  ? -16.835 1.722   -2.119  1.00 12.27 ? 89   ASP A N   1 
ATOM   713  C  CA  . ASP A 1 89  ? -18.014 2.580   -2.326  1.00 12.40 ? 89   ASP A CA  1 
ATOM   714  C  C   . ASP A 1 89  ? -18.778 2.863   -1.032  1.00 12.18 ? 89   ASP A C   1 
ATOM   715  O  O   . ASP A 1 89  ? -19.340 3.952   -0.850  1.00 12.12 ? 89   ASP A O   1 
ATOM   716  C  CB  . ASP A 1 89  ? -18.948 1.962   -3.369  1.00 12.71 ? 89   ASP A CB  1 
ATOM   717  C  CG  . ASP A 1 89  ? -18.404 2.054   -4.786  1.00 13.72 ? 89   ASP A CG  1 
ATOM   718  O  OD1 . ASP A 1 89  ? -17.421 2.789   -5.042  1.00 15.08 ? 89   ASP A OD1 1 
ATOM   719  O  OD2 . ASP A 1 89  ? -18.991 1.385   -5.662  1.00 15.06 ? 89   ASP A OD2 1 
ATOM   720  N  N   . SER A 1 90  ? -18.783 1.882   -0.132  1.00 11.76 ? 90   SER A N   1 
ATOM   721  C  CA  . SER A 1 90  ? -19.488 2.006   1.140   1.00 11.99 ? 90   SER A CA  1 
ATOM   722  C  C   . SER A 1 90  ? -18.765 2.843   2.200   1.00 11.77 ? 90   SER A C   1 
ATOM   723  O  O   . SER A 1 90  ? -19.386 3.222   3.198   1.00 12.07 ? 90   SER A O   1 
ATOM   724  C  CB  . SER A 1 90  ? -19.786 0.615   1.711   1.00 11.70 ? 90   SER A CB  1 
ATOM   725  O  OG  . SER A 1 90  ? -18.652 0.082   2.368   1.00 12.92 ? 90   SER A OG  1 
ATOM   726  N  N   . LEU A 1 91  ? -17.470 3.107   1.994   1.00 11.31 ? 91   LEU A N   1 
ATOM   727  C  CA  . LEU A 1 91  ? -16.633 3.822   2.968   1.00 11.16 ? 91   LEU A CA  1 
ATOM   728  C  C   . LEU A 1 91  ? -16.573 5.332   2.797   1.00 11.06 ? 91   LEU A C   1 
ATOM   729  O  O   . LEU A 1 91  ? -16.795 5.845   1.699   1.00 11.07 ? 91   LEU A O   1 
ATOM   730  C  CB  . LEU A 1 91  ? -15.191 3.282   2.917   1.00 10.87 ? 91   LEU A CB  1 
ATOM   731  C  CG  . LEU A 1 91  ? -14.953 1.810   3.276   1.00 10.73 ? 91   LEU A CG  1 
ATOM   732  C  CD1 . LEU A 1 91  ? -13.505 1.417   2.940   1.00 11.31 ? 91   LEU A CD1 1 
ATOM   733  C  CD2 . LEU A 1 91  ? -15.281 1.516   4.742   1.00 10.06 ? 91   LEU A CD2 1 
ATOM   734  N  N   . ASP A 1 92  ? -16.272 6.017   3.902   1.00 10.97 ? 92   ASP A N   1 
ATOM   735  C  CA  . ASP A 1 92  ? -15.985 7.455   3.920   1.00 11.38 ? 92   ASP A CA  1 
ATOM   736  C  C   . ASP A 1 92  ? -14.579 7.664   3.340   1.00 11.56 ? 92   ASP A C   1 
ATOM   737  O  O   . ASP A 1 92  ? -13.826 6.694   3.196   1.00 10.94 ? 92   ASP A O   1 
ATOM   738  C  CB  . ASP A 1 92  ? -16.000 7.997   5.357   1.00 11.61 ? 92   ASP A CB  1 
ATOM   739  C  CG  . ASP A 1 92  ? -15.029 7.239   6.260   1.00 12.23 ? 92   ASP A CG  1 
ATOM   740  O  OD1 . ASP A 1 92  ? -15.441 6.188   6.776   1.00 14.35 ? 92   ASP A OD1 1 
ATOM   741  O  OD2 . ASP A 1 92  ? -13.862 7.670   6.433   1.00 12.60 ? 92   ASP A OD2 1 
ATOM   742  N  N   . ALA A 1 93  ? -14.221 8.916   3.041   1.00 11.91 ? 93   ALA A N   1 
ATOM   743  C  CA  . ALA A 1 93  ? -12.912 9.254   2.450   1.00 11.93 ? 93   ALA A CA  1 
ATOM   744  C  C   . ALA A 1 93  ? -11.666 8.793   3.234   1.00 11.79 ? 93   ALA A C   1 
ATOM   745  O  O   . ALA A 1 93  ? -10.659 8.386   2.635   1.00 11.74 ? 93   ALA A O   1 
ATOM   746  C  CB  . ALA A 1 93  ? -12.840 10.767  2.200   1.00 12.27 ? 93   ALA A CB  1 
ATOM   747  N  N   . VAL A 1 94  ? -11.726 8.861   4.559   1.00 11.32 ? 94   VAL A N   1 
ATOM   748  C  CA  . VAL A 1 94  ? -10.593 8.463   5.411   1.00 11.03 ? 94   VAL A CA  1 
ATOM   749  C  C   . VAL A 1 94  ? -10.359 6.942   5.321   1.00 10.58 ? 94   VAL A C   1 
ATOM   750  O  O   . VAL A 1 94  ? -9.230  6.472   5.093   1.00 10.32 ? 94   VAL A O   1 
ATOM   751  C  CB  . VAL A 1 94  ? -10.749 8.998   6.865   1.00 11.16 ? 94   VAL A CB  1 
ATOM   752  C  CG1 . VAL A 1 94  ? -9.589  8.539   7.746   1.00 12.25 ? 94   VAL A CG1 1 
ATOM   753  C  CG2 . VAL A 1 94  ? -10.863 10.540  6.876   1.00 10.72 ? 94   VAL A CG2 1 
ATOM   754  N  N   . ARG A 1 95  ? -11.435 6.179   5.487   1.00 10.28 ? 95   ARG A N   1 
ATOM   755  C  CA  . ARG A 1 95  ? -11.373 4.715   5.397   1.00 9.97  ? 95   ARG A CA  1 
ATOM   756  C  C   . ARG A 1 95  ? -11.032 4.224   3.983   1.00 9.90  ? 95   ARG A C   1 
ATOM   757  O  O   . ARG A 1 95  ? -10.342 3.201   3.836   1.00 9.58  ? 95   ARG A O   1 
ATOM   758  C  CB  . ARG A 1 95  ? -12.652 4.111   5.978   1.00 9.86  ? 95   ARG A CB  1 
ATOM   759  C  CG  . ARG A 1 95  ? -12.802 4.448   7.482   1.00 10.13 ? 95   ARG A CG  1 
ATOM   760  C  CD  . ARG A 1 95  ? -13.924 3.608   8.060   1.00 10.56 ? 95   ARG A CD  1 
ATOM   761  N  NE  . ARG A 1 95  ? -14.051 3.682   9.519   1.00 9.07  ? 95   ARG A NE  1 
ATOM   762  C  CZ  . ARG A 1 95  ? -14.767 4.588   10.182  1.00 10.03 ? 95   ARG A CZ  1 
ATOM   763  N  NH1 . ARG A 1 95  ? -15.428 5.555   9.541   1.00 8.67  ? 95   ARG A NH1 1 
ATOM   764  N  NH2 . ARG A 1 95  ? -14.806 4.527   11.507  1.00 9.93  ? 95   ARG A NH2 1 
ATOM   765  N  N   . ARG A 1 96  ? -11.494 4.943   2.957   1.00 9.83  ? 96   ARG A N   1 
ATOM   766  C  CA  . ARG A 1 96  ? -11.108 4.647   1.557   1.00 9.82  ? 96   ARG A CA  1 
ATOM   767  C  C   . ARG A 1 96  ? -9.583  4.674   1.429   1.00 9.44  ? 96   ARG A C   1 
ATOM   768  O  O   . ARG A 1 96  ? -9.010  3.777   0.815   1.00 8.75  ? 96   ARG A O   1 
ATOM   769  C  CB  . ARG A 1 96  ? -11.750 5.605   0.544   1.00 10.08 ? 96   ARG A CB  1 
ATOM   770  C  CG  . ARG A 1 96  ? -13.201 5.277   0.263   1.00 10.47 ? 96   ARG A CG  1 
ATOM   771  C  CD  . ARG A 1 96  ? -13.883 6.252   -0.696  1.00 10.60 ? 96   ARG A CD  1 
ATOM   772  N  NE  . ARG A 1 96  ? -15.287 5.882   -0.909  1.00 12.48 ? 96   ARG A NE  1 
ATOM   773  C  CZ  . ARG A 1 96  ? -16.265 6.713   -1.265  1.00 13.53 ? 96   ARG A CZ  1 
ATOM   774  N  NH1 . ARG A 1 96  ? -16.030 8.014   -1.434  1.00 14.72 ? 96   ARG A NH1 1 
ATOM   775  N  NH2 . ARG A 1 96  ? -17.504 6.247   -1.421  1.00 13.56 ? 96   ARG A NH2 1 
ATOM   776  N  N   . ALA A 1 97  ? -8.950  5.689   2.019   1.00 9.30  ? 97   ALA A N   1 
ATOM   777  C  CA  . ALA A 1 97  ? -7.483  5.806   2.027   1.00 9.53  ? 97   ALA A CA  1 
ATOM   778  C  C   . ALA A 1 97  ? -6.826  4.589   2.705   1.00 9.59  ? 97   ALA A C   1 
ATOM   779  O  O   . ALA A 1 97  ? -5.800  4.075   2.228   1.00 9.59  ? 97   ALA A O   1 
ATOM   780  C  CB  . ALA A 1 97  ? -7.066  7.101   2.694   1.00 9.60  ? 97   ALA A CB  1 
ATOM   781  N  N   . ALA A 1 98  ? -7.424  4.111   3.799   1.00 9.27  ? 98   ALA A N   1 
ATOM   782  C  CA  . ALA A 1 98  ? -6.897  2.934   4.500   1.00 9.69  ? 98   ALA A CA  1 
ATOM   783  C  C   . ALA A 1 98  ? -6.973  1.706   3.581   1.00 9.53  ? 98   ALA A C   1 
ATOM   784  O  O   . ALA A 1 98  ? -6.055  0.892   3.547   1.00 9.58  ? 98   ALA A O   1 
ATOM   785  C  CB  . ALA A 1 98  ? -7.666  2.694   5.798   1.00 9.44  ? 98   ALA A CB  1 
ATOM   786  N  N   . LEU A 1 99  ? -8.062  1.589   2.819   1.00 9.52  ? 99   LEU A N   1 
ATOM   787  C  CA  . LEU A 1 99  ? -8.186  0.470   1.875   1.00 9.45  ? 99   LEU A CA  1 
ATOM   788  C  C   . LEU A 1 99  ? -7.157  0.566   0.731   1.00 9.41  ? 99   LEU A C   1 
ATOM   789  O  O   . LEU A 1 99  ? -6.532  -0.454  0.366   1.00 9.18  ? 99   LEU A O   1 
ATOM   790  C  CB  . LEU A 1 99  ? -9.629  0.352   1.346   1.00 9.66  ? 99   LEU A CB  1 
ATOM   791  C  CG  . LEU A 1 99  ? -9.914  -0.926  0.523   1.00 9.80  ? 99   LEU A CG  1 
ATOM   792  C  CD1 . LEU A 1 99  ? -9.782  -2.170  1.394   1.00 10.00 ? 99   LEU A CD1 1 
ATOM   793  C  CD2 . LEU A 1 99  ? -11.299 -0.883  -0.148  1.00 9.62  ? 99   LEU A CD2 1 
ATOM   794  N  N   . ILE A 1 100 ? -6.981  1.775   0.183   1.00 9.62  ? 100  ILE A N   1 
ATOM   795  C  CA  . ILE A 1 100 ? -5.979  2.031   -0.865  1.00 9.82  ? 100  ILE A CA  1 
ATOM   796  C  C   . ILE A 1 100 ? -4.595  1.640   -0.329  1.00 9.98  ? 100  ILE A C   1 
ATOM   797  O  O   . ILE A 1 100 ? -3.807  0.996   -1.037  1.00 10.08 ? 100  ILE A O   1 
ATOM   798  C  CB  . ILE A 1 100 ? -5.997  3.499   -1.378  1.00 9.90  ? 100  ILE A CB  1 
ATOM   799  C  CG1 . ILE A 1 100 ? -7.374  3.830   -1.985  1.00 10.19 ? 100  ILE A CG1 1 
ATOM   800  C  CG2 . ILE A 1 100 ? -4.824  3.747   -2.375  1.00 9.65  ? 100  ILE A CG2 1 
ATOM   801  C  CD1 . ILE A 1 100 ? -7.668  5.330   -2.210  1.00 9.97  ? 100  ILE A CD1 1 
ATOM   802  N  N   . ASN A 1 101 ? -4.328  2.019   0.920   1.00 9.83  ? 101  ASN A N   1 
ATOM   803  C  CA  . ASN A 1 101 ? -3.058  1.700   1.584   1.00 9.98  ? 101  ASN A CA  1 
ATOM   804  C  C   . ASN A 1 101 ? -2.784  0.191   1.527   1.00 9.96  ? 101  ASN A C   1 
ATOM   805  O  O   . ASN A 1 101 ? -1.725  -0.214  1.051   1.00 9.99  ? 101  ASN A O   1 
ATOM   806  C  CB  . ASN A 1 101 ? -3.032  2.241   3.022   1.00 9.60  ? 101  ASN A CB  1 
ATOM   807  C  CG  . ASN A 1 101 ? -1.636  2.215   3.649   1.00 10.60 ? 101  ASN A CG  1 
ATOM   808  O  OD1 . ASN A 1 101 ? -0.964  1.174   3.723   1.00 10.33 ? 101  ASN A OD1 1 
ATOM   809  N  ND2 . ASN A 1 101 ? -1.203  3.379   4.121   1.00 10.08 ? 101  ASN A ND2 1 
ATOM   810  N  N   . MET A 1 102 ? -3.739  -0.608  1.998   1.00 10.03 ? 102  MET A N   1 
ATOM   811  C  CA  . MET A 1 102 ? -3.621  -2.071  1.989   1.00 10.41 ? 102  MET A CA  1 
ATOM   812  C  C   . MET A 1 102 ? -3.354  -2.639  0.586   1.00 10.18 ? 102  MET A C   1 
ATOM   813  O  O   . MET A 1 102 ? -2.493  -3.508  0.409   1.00 10.32 ? 102  MET A O   1 
ATOM   814  C  CB  . MET A 1 102 ? -4.885  -2.714  2.561   1.00 10.14 ? 102  MET A CB  1 
ATOM   815  C  CG  . MET A 1 102 ? -5.134  -2.484  4.032   1.00 10.00 ? 102  MET A CG  1 
ATOM   816  S  SD  . MET A 1 102 ? -6.540  -3.469  4.600   1.00 11.27 ? 102  MET A SD  1 
ATOM   817  C  CE  . MET A 1 102 ? -5.773  -5.074  4.718   1.00 10.38 ? 102  MET A CE  1 
ATOM   818  N  N   . VAL A 1 103 ? -4.097  -2.145  -0.401  1.00 10.30 ? 103  VAL A N   1 
ATOM   819  C  CA  . VAL A 1 103 ? -3.943  -2.549  -1.815  1.00 10.50 ? 103  VAL A CA  1 
ATOM   820  C  C   . VAL A 1 103 ? -2.549  -2.183  -2.356  1.00 10.72 ? 103  VAL A C   1 
ATOM   821  O  O   . VAL A 1 103 ? -1.933  -2.993  -3.055  1.00 10.86 ? 103  VAL A O   1 
ATOM   822  C  CB  . VAL A 1 103 ? -5.104  -2.027  -2.706  1.00 10.52 ? 103  VAL A CB  1 
ATOM   823  C  CG1 . VAL A 1 103 ? -4.794  -2.208  -4.200  1.00 10.57 ? 103  VAL A CG1 1 
ATOM   824  C  CG2 . VAL A 1 103 ? -6.424  -2.747  -2.363  1.00 10.33 ? 103  VAL A CG2 1 
ATOM   825  N  N   . PHE A 1 104 ? -2.060  -0.989  -2.024  1.00 11.06 ? 104  PHE A N   1 
ATOM   826  C  CA  . PHE A 1 104 ? -0.711  -0.560  -2.393  1.00 11.49 ? 104  PHE A CA  1 
ATOM   827  C  C   . PHE A 1 104 ? 0.325   -1.571  -1.875  1.00 11.49 ? 104  PHE A C   1 
ATOM   828  O  O   . PHE A 1 104 ? 1.242   -1.966  -2.606  1.00 11.00 ? 104  PHE A O   1 
ATOM   829  C  CB  . PHE A 1 104 ? -0.427  0.847   -1.837  1.00 11.46 ? 104  PHE A CB  1 
ATOM   830  C  CG  . PHE A 1 104 ? 0.872   1.470   -2.317  1.00 12.37 ? 104  PHE A CG  1 
ATOM   831  C  CD1 . PHE A 1 104 ? 2.108   1.121   -1.744  1.00 13.38 ? 104  PHE A CD1 1 
ATOM   832  C  CD2 . PHE A 1 104 ? 0.853   2.441   -3.327  1.00 13.94 ? 104  PHE A CD2 1 
ATOM   833  C  CE1 . PHE A 1 104 ? 3.326   1.709   -2.184  1.00 12.43 ? 104  PHE A CE1 1 
ATOM   834  C  CE2 . PHE A 1 104 ? 2.052   3.036   -3.767  1.00 13.67 ? 104  PHE A CE2 1 
ATOM   835  C  CZ  . PHE A 1 104 ? 3.286   2.673   -3.203  1.00 13.21 ? 104  PHE A CZ  1 
ATOM   836  N  N   . GLN A 1 105 ? 0.172   -1.996  -0.621  1.00 11.78 ? 105  GLN A N   1 
ATOM   837  C  CA  . GLN A 1 105 ? 1.154   -2.889  0.005   1.00 12.14 ? 105  GLN A CA  1 
ATOM   838  C  C   . GLN A 1 105 ? 1.072   -4.348  -0.444  1.00 12.74 ? 105  GLN A C   1 
ATOM   839  O  O   . GLN A 1 105 ? 2.118   -4.969  -0.677  1.00 12.59 ? 105  GLN A O   1 
ATOM   840  C  CB  . GLN A 1 105 ? 1.077   -2.792  1.539   1.00 12.01 ? 105  GLN A CB  1 
ATOM   841  C  CG  . GLN A 1 105 ? 2.083   -3.687  2.314   1.00 12.43 ? 105  GLN A CG  1 
ATOM   842  C  CD  . GLN A 1 105 ? 1.934   -3.596  3.825   1.00 11.72 ? 105  GLN A CD  1 
ATOM   843  O  OE1 . GLN A 1 105 ? 1.007   -2.973  4.340   1.00 10.53 ? 105  GLN A OE1 1 
ATOM   844  N  NE2 . GLN A 1 105 ? 2.858   -4.232  4.551   1.00 9.90  ? 105  GLN A NE2 1 
ATOM   845  N  N   . MET A 1 106 ? -0.139  -4.889  -0.564  1.00 12.93 ? 106  MET A N   1 
ATOM   846  C  CA  . MET A 1 106 ? -0.293  -6.330  -0.838  1.00 14.00 ? 106  MET A CA  1 
ATOM   847  C  C   . MET A 1 106 ? -0.940  -6.694  -2.177  1.00 14.11 ? 106  MET A C   1 
ATOM   848  O  O   . MET A 1 106 ? -1.014  -7.878  -2.524  1.00 14.53 ? 106  MET A O   1 
ATOM   849  C  CB  . MET A 1 106 ? -1.015  -7.035  0.332   1.00 14.05 ? 106  MET A CB  1 
ATOM   850  C  CG  A MET A 1 106 ? -2.470  -6.763  0.548   0.50 14.45 ? 106  MET A CG  1 
ATOM   851  C  CG  B MET A 1 106 ? -0.415  -6.933  1.717   0.50 13.75 ? 106  MET A CG  1 
ATOM   852  S  SD  A MET A 1 106 ? -3.083  -7.446  2.106   0.50 15.41 ? 106  MET A SD  1 
ATOM   853  S  SD  B MET A 1 106 ? -1.609  -7.453  2.971   0.50 13.40 ? 106  MET A SD  1 
ATOM   854  C  CE  A MET A 1 106 ? -2.479  -6.236  3.277   0.50 15.42 ? 106  MET A CE  1 
ATOM   855  C  CE  B MET A 1 106 ? -2.617  -5.978  3.109   0.50 13.94 ? 106  MET A CE  1 
ATOM   856  N  N   . GLY A 1 107 ? -1.411  -5.696  -2.922  1.00 14.47 ? 107  GLY A N   1 
ATOM   857  C  CA  . GLY A 1 107 ? -2.048  -5.943  -4.216  1.00 14.96 ? 107  GLY A CA  1 
ATOM   858  C  C   . GLY A 1 107 ? -3.533  -6.253  -4.126  1.00 15.38 ? 107  GLY A C   1 
ATOM   859  O  O   . GLY A 1 107 ? -4.025  -6.731  -3.088  1.00 15.29 ? 107  GLY A O   1 
ATOM   860  N  N   . GLU A 1 108 ? -4.221  -5.979  -5.235  1.00 15.69 ? 108  GLU A N   1 
ATOM   861  C  CA  . GLU A 1 108 ? -5.665  -6.169  -5.392  1.00 16.36 ? 108  GLU A CA  1 
ATOM   862  C  C   . GLU A 1 108 ? -6.103  -7.566  -4.948  1.00 16.35 ? 108  GLU A C   1 
ATOM   863  O  O   . GLU A 1 108 ? -6.976  -7.700  -4.085  1.00 15.90 ? 108  GLU A O   1 
ATOM   864  C  CB  . GLU A 1 108 ? -6.036  -5.910  -6.863  1.00 16.37 ? 108  GLU A CB  1 
ATOM   865  C  CG  . GLU A 1 108 ? -7.495  -6.130  -7.223  1.00 17.50 ? 108  GLU A CG  1 
ATOM   866  C  CD  . GLU A 1 108 ? -7.711  -6.360  -8.720  1.00 17.49 ? 108  GLU A CD  1 
ATOM   867  O  OE1 . GLU A 1 108 ? -6.991  -5.764  -9.555  1.00 18.50 ? 108  GLU A OE1 1 
ATOM   868  O  OE2 . GLU A 1 108 ? -8.614  -7.150  -9.068  1.00 18.66 ? 108  GLU A OE2 1 
ATOM   869  N  N   . THR A 1 109 ? -5.483  -8.596  -5.527  1.00 16.41 ? 109  THR A N   1 
ATOM   870  C  CA  . THR A 1 109 ? -5.839  -9.994  -5.235  1.00 16.79 ? 109  THR A CA  1 
ATOM   871  C  C   . THR A 1 109 ? -5.711  -10.334 -3.747  1.00 16.29 ? 109  THR A C   1 
ATOM   872  O  O   . THR A 1 109 ? -6.613  -10.964 -3.185  1.00 16.18 ? 109  THR A O   1 
ATOM   873  C  CB  . THR A 1 109 ? -5.021  -10.979 -6.111  1.00 16.87 ? 109  THR A CB  1 
ATOM   874  O  OG1 . THR A 1 109 ? -5.275  -10.669 -7.479  1.00 18.31 ? 109  THR A OG1 1 
ATOM   875  C  CG2 . THR A 1 109 ? -5.424  -12.429 -5.847  1.00 17.85 ? 109  THR A CG2 1 
ATOM   876  N  N   . GLY A 1 110 ? -4.613  -9.891  -3.131  1.00 15.82 ? 110  GLY A N   1 
ATOM   877  C  CA  . GLY A 1 110 ? -4.320  -10.148 -1.715  1.00 15.54 ? 110  GLY A CA  1 
ATOM   878  C  C   . GLY A 1 110 ? -5.405  -9.599  -0.805  1.00 15.18 ? 110  GLY A C   1 
ATOM   879  O  O   . GLY A 1 110 ? -5.950  -10.335 0.013   1.00 15.25 ? 110  GLY A O   1 
ATOM   880  N  N   . VAL A 1 111 ? -5.726  -8.317  -0.975  1.00 14.21 ? 111  VAL A N   1 
ATOM   881  C  CA  . VAL A 1 111 ? -6.753  -7.635  -0.167  1.00 13.81 ? 111  VAL A CA  1 
ATOM   882  C  C   . VAL A 1 111 ? -8.149  -8.196  -0.442  1.00 13.41 ? 111  VAL A C   1 
ATOM   883  O  O   . VAL A 1 111 ? -8.929  -8.377  0.499   1.00 13.10 ? 111  VAL A O   1 
ATOM   884  C  CB  . VAL A 1 111 ? -6.747  -6.094  -0.355  1.00 13.64 ? 111  VAL A CB  1 
ATOM   885  C  CG1 . VAL A 1 111 ? -7.710  -5.416  0.626   1.00 13.03 ? 111  VAL A CG1 1 
ATOM   886  C  CG2 . VAL A 1 111 ? -5.364  -5.533  -0.121  1.00 13.69 ? 111  VAL A CG2 1 
ATOM   887  N  N   . ALA A 1 112 ? -8.450  -8.468  -1.713  1.00 13.53 ? 112  ALA A N   1 
ATOM   888  C  CA  . ALA A 1 112 ? -9.752  -9.043  -2.104  1.00 14.21 ? 112  ALA A CA  1 
ATOM   889  C  C   . ALA A 1 112 ? -10.030 -10.354 -1.371  1.00 14.46 ? 112  ALA A C   1 
ATOM   890  O  O   . ALA A 1 112 ? -11.194 -10.720 -1.154  1.00 15.03 ? 112  ALA A O   1 
ATOM   891  C  CB  . ALA A 1 112 ? -9.833  -9.233  -3.635  1.00 13.79 ? 112  ALA A CB  1 
ATOM   892  N  N   . GLY A 1 113 ? -8.955  -11.045 -0.981  1.00 14.76 ? 113  GLY A N   1 
ATOM   893  C  CA  . GLY A 1 113 ? -9.041  -12.303 -0.243  1.00 14.84 ? 113  GLY A CA  1 
ATOM   894  C  C   . GLY A 1 113 ? -9.448  -12.230 1.221   1.00 14.84 ? 113  GLY A C   1 
ATOM   895  O  O   . GLY A 1 113 ? -9.818  -13.263 1.801   1.00 15.04 ? 113  GLY A O   1 
ATOM   896  N  N   . PHE A 1 114 ? -9.392  -11.031 1.813   1.00 14.62 ? 114  PHE A N   1 
ATOM   897  C  CA  . PHE A 1 114 ? -9.762  -10.770 3.216   1.00 14.69 ? 114  PHE A CA  1 
ATOM   898  C  C   . PHE A 1 114 ? -11.292 -10.723 3.347   1.00 14.49 ? 114  PHE A C   1 
ATOM   899  O  O   . PHE A 1 114 ? -11.845 -9.719  3.811   1.00 14.03 ? 114  PHE A O   1 
ATOM   900  C  CB  . PHE A 1 114 ? -9.204  -9.413  3.675   1.00 14.65 ? 114  PHE A CB  1 
ATOM   901  C  CG  . PHE A 1 114 ? -7.743  -9.402  4.056   1.00 15.89 ? 114  PHE A CG  1 
ATOM   902  C  CD1 . PHE A 1 114 ? -6.754  -9.789  3.162   1.00 17.22 ? 114  PHE A CD1 1 
ATOM   903  C  CD2 . PHE A 1 114 ? -7.364  -8.959  5.326   1.00 16.34 ? 114  PHE A CD2 1 
ATOM   904  C  CE1 . PHE A 1 114 ? -5.390  -9.756  3.526   1.00 17.41 ? 114  PHE A CE1 1 
ATOM   905  C  CE2 . PHE A 1 114 ? -6.010  -8.923  5.699   1.00 17.00 ? 114  PHE A CE2 1 
ATOM   906  C  CZ  . PHE A 1 114 ? -5.027  -9.324  4.793   1.00 16.00 ? 114  PHE A CZ  1 
ATOM   907  N  N   . THR A 1 115 ? -11.958 -11.804 2.945   1.00 14.09 ? 115  THR A N   1 
ATOM   908  C  CA  . THR A 1 115 ? -13.424 -11.879 2.884   1.00 14.00 ? 115  THR A CA  1 
ATOM   909  C  C   . THR A 1 115 ? -14.177 -11.474 4.154   1.00 13.62 ? 115  THR A C   1 
ATOM   910  O  O   . THR A 1 115 ? -15.126 -10.694 4.089   1.00 13.48 ? 115  THR A O   1 
ATOM   911  C  CB  . THR A 1 115 ? -13.872 -13.293 2.429   1.00 13.85 ? 115  THR A CB  1 
ATOM   912  O  OG1 . THR A 1 115 ? -13.213 -13.615 1.205   1.00 14.64 ? 115  THR A OG1 1 
ATOM   913  C  CG2 . THR A 1 115 ? -15.392 -13.363 2.215   1.00 13.72 ? 115  THR A CG2 1 
ATOM   914  N  N   . ASN A 1 116 ? -13.749 -12.002 5.294   1.00 13.61 ? 116  ASN A N   1 
ATOM   915  C  CA  . ASN A 1 116 ? -14.414 -11.720 6.559   1.00 13.65 ? 116  ASN A CA  1 
ATOM   916  C  C   . ASN A 1 116 ? -14.236 -10.271 7.011   1.00 13.65 ? 116  ASN A C   1 
ATOM   917  O  O   . ASN A 1 116 ? -15.194 -9.655  7.470   1.00 13.27 ? 116  ASN A O   1 
ATOM   918  C  CB  . ASN A 1 116 ? -13.998 -12.760 7.615   1.00 13.89 ? 116  ASN A CB  1 
ATOM   919  C  CG  . ASN A 1 116 ? -14.376 -14.175 7.181   1.00 14.25 ? 116  ASN A CG  1 
ATOM   920  O  OD1 . ASN A 1 116 ? -15.423 -14.368 6.559   1.00 15.98 ? 116  ASN A OD1 1 
ATOM   921  N  ND2 . ASN A 1 116 ? -13.539 -15.156 7.488   1.00 13.37 ? 116  ASN A ND2 1 
ATOM   922  N  N   . SER A 1 117 ? -13.017 -9.749  6.853   1.00 13.43 ? 117  SER A N   1 
ATOM   923  C  CA  . SER A 1 117 ? -12.686 -8.371  7.216   1.00 13.55 ? 117  SER A CA  1 
ATOM   924  C  C   . SER A 1 117 ? -13.474 -7.392  6.370   1.00 12.86 ? 117  SER A C   1 
ATOM   925  O  O   . SER A 1 117 ? -14.010 -6.420  6.900   1.00 12.74 ? 117  SER A O   1 
ATOM   926  C  CB  . SER A 1 117 ? -11.195 -8.093  7.039   1.00 13.49 ? 117  SER A CB  1 
ATOM   927  O  OG  . SER A 1 117 ? -10.401 -8.898  7.885   1.00 16.22 ? 117  SER A OG  1 
ATOM   928  N  N   . LEU A 1 118 ? -13.517 -7.669  5.065   1.00 12.67 ? 118  LEU A N   1 
ATOM   929  C  CA  . LEU A 1 118 ? -14.264 -6.868  4.094   1.00 12.65 ? 118  LEU A CA  1 
ATOM   930  C  C   . LEU A 1 118 ? -15.752 -6.805  4.449   1.00 12.45 ? 118  LEU A C   1 
ATOM   931  O  O   . LEU A 1 118 ? -16.336 -5.727  4.420   1.00 12.17 ? 118  LEU A O   1 
ATOM   932  C  CB  . LEU A 1 118 ? -14.040 -7.366  2.660   1.00 12.21 ? 118  LEU A CB  1 
ATOM   933  C  CG  . LEU A 1 118 ? -12.647 -7.153  2.038   1.00 12.08 ? 118  LEU A CG  1 
ATOM   934  C  CD1 . LEU A 1 118 ? -12.549 -7.923  0.735   1.00 12.64 ? 118  LEU A CD1 1 
ATOM   935  C  CD2 . LEU A 1 118 ? -12.277 -5.676  1.812   1.00 12.09 ? 118  LEU A CD2 1 
ATOM   936  N  N   . ARG A 1 119 ? -16.344 -7.946  4.799   1.00 12.68 ? 119  ARG A N   1 
ATOM   937  C  CA  . ARG A 1 119 ? -17.741 -7.988  5.235   1.00 12.94 ? 119  ARG A CA  1 
ATOM   938  C  C   . ARG A 1 119 ? -17.969 -7.080  6.453   1.00 12.84 ? 119  ARG A C   1 
ATOM   939  O  O   . ARG A 1 119 ? -18.882 -6.259  6.432   1.00 12.50 ? 119  ARG A O   1 
ATOM   940  C  CB  . ARG A 1 119 ? -18.191 -9.423  5.515   1.00 12.92 ? 119  ARG A CB  1 
ATOM   941  C  CG  . ARG A 1 119 ? -19.671 -9.558  5.889   1.00 13.23 ? 119  ARG A CG  1 
ATOM   942  C  CD  . ARG A 1 119 ? -20.029 -10.986 6.310   1.00 13.59 ? 119  ARG A CD  1 
ATOM   943  N  NE  . ARG A 1 119 ? -19.829 -11.957 5.227   0.60 14.17 ? 119  ARG A NE  1 
ATOM   944  C  CZ  . ARG A 1 119 ? -18.835 -12.845 5.122   0.60 13.45 ? 119  ARG A CZ  1 
ATOM   945  N  NH1 . ARG A 1 119 ? -17.878 -12.960 6.041   0.60 12.69 ? 119  ARG A NH1 1 
ATOM   946  N  NH2 . ARG A 1 119 ? -18.811 -13.639 4.062   0.60 13.17 ? 119  ARG A NH2 1 
ATOM   947  N  N   . MET A 1 120 ? -17.137 -7.201  7.490   1.00 13.13 ? 120  MET A N   1 
ATOM   948  C  CA  . MET A 1 120 ? -17.281 -6.361  8.695   1.00 13.49 ? 120  MET A CA  1 
ATOM   949  C  C   . MET A 1 120 ? -17.143 -4.869  8.365   1.00 12.80 ? 120  MET A C   1 
ATOM   950  O  O   . MET A 1 120 ? -17.885 -4.060  8.925   1.00 12.69 ? 120  MET A O   1 
ATOM   951  C  CB  . MET A 1 120 ? -16.306 -6.774  9.805   1.00 13.83 ? 120  MET A CB  1 
ATOM   952  C  CG  . MET A 1 120 ? -16.509 -8.204  10.291  1.00 14.18 ? 120  MET A CG  1 
ATOM   953  S  SD  . MET A 1 120 ? -15.121 -8.730  11.322  1.00 15.44 ? 120  MET A SD  1 
ATOM   954  C  CE  . MET A 1 120 ? -15.431 -10.484 11.460  1.00 16.31 ? 120  MET A CE  1 
ATOM   955  N  N   . LEU A 1 121 ? -16.212 -4.521  7.474   1.00 12.08 ? 121  LEU A N   1 
ATOM   956  C  CA  . LEU A 1 121 ? -16.053 -3.138  7.004   1.00 12.27 ? 121  LEU A CA  1 
ATOM   957  C  C   . LEU A 1 121 ? -17.326 -2.638  6.315   1.00 12.34 ? 121  LEU A C   1 
ATOM   958  O  O   . LEU A 1 121 ? -17.785 -1.541  6.609   1.00 12.11 ? 121  LEU A O   1 
ATOM   959  C  CB  . LEU A 1 121 ? -14.826 -2.987  6.087   1.00 11.99 ? 121  LEU A CB  1 
ATOM   960  C  CG  . LEU A 1 121 ? -13.436 -3.090  6.726   1.00 11.81 ? 121  LEU A CG  1 
ATOM   961  C  CD1 . LEU A 1 121 ? -12.379 -3.091  5.589   1.00 11.75 ? 121  LEU A CD1 1 
ATOM   962  C  CD2 . LEU A 1 121 ? -13.178 -1.976  7.751   1.00 11.78 ? 121  LEU A CD2 1 
ATOM   963  N  N   . GLN A 1 122 ? -17.886 -3.453  5.420   1.00 12.56 ? 122  GLN A N   1 
ATOM   964  C  CA  . GLN A 1 122 ? -19.119 -3.139  4.698   1.00 13.41 ? 122  GLN A CA  1 
ATOM   965  C  C   . GLN A 1 122 ? -20.277 -2.975  5.697   1.00 13.42 ? 122  GLN A C   1 
ATOM   966  O  O   . GLN A 1 122 ? -21.169 -2.142  5.503   1.00 13.96 ? 122  GLN A O   1 
ATOM   967  C  CB  . GLN A 1 122 ? -19.404 -4.238  3.669   1.00 13.60 ? 122  GLN A CB  1 
ATOM   968  C  CG  A GLN A 1 122 ? -20.699 -4.152  2.848   0.50 14.10 ? 122  GLN A CG  1 
ATOM   969  C  CG  B GLN A 1 122 ? -20.359 -3.761  2.572   0.50 14.84 ? 122  GLN A CG  1 
ATOM   970  C  CD  A GLN A 1 122 ? -20.557 -3.447  1.515   0.50 14.49 ? 122  GLN A CD  1 
ATOM   971  C  CD  B GLN A 1 122 ? -20.322 -4.596  1.300   0.50 16.06 ? 122  GLN A CD  1 
ATOM   972  O  OE1 A GLN A 1 122 ? -19.548 -3.591  0.820   0.50 15.25 ? 122  GLN A OE1 1 
ATOM   973  O  OE1 B GLN A 1 122 ? -19.398 -5.375  1.058   0.50 17.39 ? 122  GLN A OE1 1 
ATOM   974  N  NE2 A GLN A 1 122 ? -21.586 -2.700  1.141   0.50 14.16 ? 122  GLN A NE2 1 
ATOM   975  N  NE2 B GLN A 1 122 ? -21.339 -4.420  0.466   0.50 16.90 ? 122  GLN A NE2 1 
ATOM   976  N  N   . GLN A 1 123 ? -20.234 -3.764  6.766   1.00 13.38 ? 123  GLN A N   1 
ATOM   977  C  CA  . GLN A 1 123 ? -21.221 -3.715  7.844   1.00 13.32 ? 123  GLN A CA  1 
ATOM   978  C  C   . GLN A 1 123 ? -21.035 -2.536  8.782   1.00 13.15 ? 123  GLN A C   1 
ATOM   979  O  O   . GLN A 1 123 ? -21.931 -2.252  9.592   1.00 12.81 ? 123  GLN A O   1 
ATOM   980  C  CB  . GLN A 1 123 ? -21.172 -5.011  8.660   1.00 13.60 ? 123  GLN A CB  1 
ATOM   981  C  CG  . GLN A 1 123 ? -21.767 -6.224  7.952   1.00 14.73 ? 123  GLN A CG  1 
ATOM   982  C  CD  . GLN A 1 123 ? -21.511 -7.505  8.713   1.00 15.70 ? 123  GLN A CD  1 
ATOM   983  O  OE1 . GLN A 1 123 ? -20.459 -7.695  9.322   1.00 17.77 ? 123  GLN A OE1 1 
ATOM   984  N  NE2 . GLN A 1 123 ? -22.473 -8.402  8.672   1.00 16.68 ? 123  GLN A NE2 1 
ATOM   985  N  N   . LYS A 1 124 ? -19.881 -1.867  8.670   1.00 12.88 ? 124  LYS A N   1 
ATOM   986  C  CA  . LYS A 1 124 ? -19.473 -0.755  9.533   1.00 12.84 ? 124  LYS A CA  1 
ATOM   987  C  C   . LYS A 1 124 ? -19.329 -1.181  11.010  1.00 12.67 ? 124  LYS A C   1 
ATOM   988  O  O   . LYS A 1 124 ? -19.653 -0.419  11.925  1.00 12.33 ? 124  LYS A O   1 
ATOM   989  C  CB  . LYS A 1 124 ? -20.396 0.474   9.371   1.00 12.99 ? 124  LYS A CB  1 
ATOM   990  C  CG  . LYS A 1 124 ? -20.449 0.977   7.928   1.00 12.87 ? 124  LYS A CG  1 
ATOM   991  C  CD  . LYS A 1 124 ? -21.054 2.376   7.791   1.00 13.32 ? 124  LYS A CD  1 
ATOM   992  C  CE  . LYS A 1 124 ? -20.953 2.847   6.357   1.00 14.79 ? 124  LYS A CE  1 
ATOM   993  N  NZ  . LYS A 1 124 ? -19.547 3.082   5.981   1.00 17.23 ? 124  LYS A NZ  1 
ATOM   994  N  N   . ARG A 1 125 ? -18.840 -2.406  11.212  1.00 12.45 ? 125  ARG A N   1 
ATOM   995  C  CA  . ARG A 1 125 ? -18.581 -2.955  12.540  1.00 12.69 ? 125  ARG A CA  1 
ATOM   996  C  C   . ARG A 1 125 ? -17.088 -2.728  12.749  1.00 12.42 ? 125  ARG A C   1 
ATOM   997  O  O   . ARG A 1 125 ? -16.285 -3.659  12.632  1.00 11.94 ? 125  ARG A O   1 
ATOM   998  C  CB  . ARG A 1 125 ? -18.985 -4.429  12.594  1.00 13.25 ? 125  ARG A CB  1 
ATOM   999  C  CG  . ARG A 1 125 ? -20.483 -4.598  12.373  1.00 14.16 ? 125  ARG A CG  1 
ATOM   1000 C  CD  . ARG A 1 125 ? -20.914 -6.044  12.442  1.00 16.24 ? 125  ARG A CD  1 
ATOM   1001 N  NE  . ARG A 1 125 ? -22.364 -6.134  12.266  1.00 19.17 ? 125  ARG A NE  1 
ATOM   1002 C  CZ  . ARG A 1 125 ? -23.110 -7.223  12.445  1.00 20.52 ? 125  ARG A CZ  1 
ATOM   1003 N  NH1 . ARG A 1 125 ? -22.572 -8.376  12.825  1.00 20.47 ? 125  ARG A NH1 1 
ATOM   1004 N  NH2 . ARG A 1 125 ? -24.424 -7.147  12.248  1.00 20.91 ? 125  ARG A NH2 1 
ATOM   1005 N  N   . TRP A 1 126 ? -16.753 -1.473  13.053  1.00 12.22 ? 126  TRP A N   1 
ATOM   1006 C  CA  . TRP A 1 126 ? -15.357 -1.008  13.047  1.00 12.36 ? 126  TRP A CA  1 
ATOM   1007 C  C   . TRP A 1 126 ? -14.424 -1.730  14.011  1.00 12.56 ? 126  TRP A C   1 
ATOM   1008 O  O   . TRP A 1 126 ? -13.316 -2.098  13.598  1.00 12.62 ? 126  TRP A O   1 
ATOM   1009 C  CB  . TRP A 1 126 ? -15.282 0.512   13.252  1.00 12.20 ? 126  TRP A CB  1 
ATOM   1010 C  CG  . TRP A 1 126 ? -16.156 1.336   12.328  1.00 11.63 ? 126  TRP A CG  1 
ATOM   1011 C  CD1 . TRP A 1 126 ? -17.083 2.266   12.703  1.00 11.78 ? 126  TRP A CD1 1 
ATOM   1012 C  CD2 . TRP A 1 126 ? -16.203 1.274   10.891  1.00 12.17 ? 126  TRP A CD2 1 
ATOM   1013 N  NE1 . TRP A 1 126 ? -17.695 2.805   11.587  1.00 12.20 ? 126  TRP A NE1 1 
ATOM   1014 C  CE2 . TRP A 1 126 ? -17.177 2.211   10.463  1.00 12.11 ? 126  TRP A CE2 1 
ATOM   1015 C  CE3 . TRP A 1 126 ? -15.511 0.521   9.920   1.00 12.30 ? 126  TRP A CE3 1 
ATOM   1016 C  CZ2 . TRP A 1 126 ? -17.470 2.431   9.103   1.00 11.99 ? 126  TRP A CZ2 1 
ATOM   1017 C  CZ3 . TRP A 1 126 ? -15.804 0.723   8.570   1.00 11.94 ? 126  TRP A CZ3 1 
ATOM   1018 C  CH2 . TRP A 1 126 ? -16.785 1.680   8.169   1.00 12.01 ? 126  TRP A CH2 1 
ATOM   1019 N  N   . ASP A 1 127 ? -14.843 -1.906  15.266  1.00 12.75 ? 127  ASP A N   1 
ATOM   1020 C  CA  . ASP A 1 127 ? -14.014 -2.616  16.257  1.00 13.49 ? 127  ASP A CA  1 
ATOM   1021 C  C   . ASP A 1 127 ? -13.849 -4.084  15.863  1.00 13.45 ? 127  ASP A C   1 
ATOM   1022 O  O   . ASP A 1 127 ? -12.741 -4.627  15.966  1.00 13.38 ? 127  ASP A O   1 
ATOM   1023 C  CB  . ASP A 1 127 ? -14.554 -2.495  17.694  1.00 13.98 ? 127  ASP A CB  1 
ATOM   1024 C  CG  . ASP A 1 127 ? -14.344 -1.103  18.307  1.00 14.88 ? 127  ASP A CG  1 
ATOM   1025 O  OD1 . ASP A 1 127 ? -14.240 -0.090  17.579  1.00 16.00 ? 127  ASP A OD1 1 
ATOM   1026 O  OD2 . ASP A 1 127 ? -14.287 -1.025  19.556  1.00 16.64 ? 127  ASP A OD2 1 
ATOM   1027 N  N   . GLU A 1 128 ? -14.938 -4.703  15.403  1.00 13.23 ? 128  GLU A N   1 
ATOM   1028 C  CA  . GLU A 1 128 ? -14.902 -6.108  14.965  1.00 13.46 ? 128  GLU A CA  1 
ATOM   1029 C  C   . GLU A 1 128 ? -13.980 -6.278  13.768  1.00 12.85 ? 128  GLU A C   1 
ATOM   1030 O  O   . GLU A 1 128 ? -13.176 -7.209  13.763  1.00 12.32 ? 128  GLU A O   1 
ATOM   1031 C  CB  . GLU A 1 128 ? -16.292 -6.668  14.660  1.00 14.31 ? 128  GLU A CB  1 
ATOM   1032 C  CG  . GLU A 1 128 ? -17.143 -6.782  15.926  1.00 16.94 ? 128  GLU A CG  1 
ATOM   1033 C  CD  . GLU A 1 128 ? -18.562 -7.200  15.636  1.00 21.22 ? 128  GLU A CD  1 
ATOM   1034 O  OE1 . GLU A 1 128 ? -18.743 -8.267  15.007  1.00 23.23 ? 128  GLU A OE1 1 
ATOM   1035 O  OE2 . GLU A 1 128 ? -19.480 -6.453  16.052  1.00 24.48 ? 128  GLU A OE2 1 
ATOM   1036 N  N   . ALA A 1 129 ? -14.103 -5.376  12.789  1.00 12.23 ? 129  ALA A N   1 
ATOM   1037 C  CA  . ALA A 1 129 ? -13.247 -5.365  11.600  1.00 11.93 ? 129  ALA A CA  1 
ATOM   1038 C  C   . ALA A 1 129 ? -11.779 -5.243  12.019  1.00 11.79 ? 129  ALA A C   1 
ATOM   1039 O  O   . ALA A 1 129 ? -10.931 -5.983  11.521  1.00 11.13 ? 129  ALA A O   1 
ATOM   1040 C  CB  . ALA A 1 129 ? -13.626 -4.223  10.677  1.00 12.10 ? 129  ALA A CB  1 
ATOM   1041 N  N   . ALA A 1 130 ? -11.511 -4.321  12.943  1.00 11.92 ? 130  ALA A N   1 
ATOM   1042 C  CA  . ALA A 1 130 ? -10.145 -4.020  13.403  1.00 12.46 ? 130  ALA A CA  1 
ATOM   1043 C  C   . ALA A 1 130 ? -9.474  -5.241  14.033  1.00 12.75 ? 130  ALA A C   1 
ATOM   1044 O  O   . ALA A 1 130 ? -8.304  -5.529  13.753  1.00 12.74 ? 130  ALA A O   1 
ATOM   1045 C  CB  . ALA A 1 130 ? -10.158 -2.833  14.371  1.00 12.32 ? 130  ALA A CB  1 
ATOM   1046 N  N   . CYS A 1 131 ? -10.221 -5.952  14.879  1.00 13.26 ? 131  CYS A N   1 
ATOM   1047 C  CA  . CYS A 1 131 ? -9.744  -7.176  15.520  1.00 14.27 ? 131  CYS A CA  1 
ATOM   1048 C  C   . CYS A 1 131 ? -9.482  -8.251  14.473  1.00 13.53 ? 131  CYS A C   1 
ATOM   1049 O  O   . CYS A 1 131 ? -8.457  -8.939  14.529  1.00 13.61 ? 131  CYS A O   1 
ATOM   1050 C  CB  . CYS A 1 131 ? -10.817 -7.591  16.526  1.00 15.02 ? 131  CYS A CB  1 
ATOM   1051 S  SG  A CYS A 1 131 ? -10.758 -6.636  18.018  0.50 16.97 ? 131  CYS A SG  1 
ATOM   1052 S  SG  B CYS A 1 131 ? -10.546 -9.169  17.256  0.50 17.22 ? 131  CYS A SG  1 
ATOM   1053 N  N   . ASN A 1 132 ? -10.403 -8.387  13.518  1.00 13.08 ? 132  ASN A N   1 
ATOM   1054 C  CA  . ASN A 1 132 ? -10.295 -9.417  12.481  1.00 12.69 ? 132  ASN A CA  1 
ATOM   1055 C  C   . ASN A 1 132 ? -9.093  -9.199  11.549  1.00 12.56 ? 132  ASN A C   1 
ATOM   1056 O  O   . ASN A 1 132 ? -8.402  -10.159 11.170  1.00 12.09 ? 132  ASN A O   1 
ATOM   1057 C  CB  . ASN A 1 132 ? -11.605 -9.508  11.678  1.00 12.87 ? 132  ASN A CB  1 
ATOM   1058 C  CG  . ASN A 1 132 ? -11.615 -10.682 10.726  1.00 13.46 ? 132  ASN A CG  1 
ATOM   1059 O  OD1 . ASN A 1 132 ? -11.357 -10.524 9.538   1.00 13.13 ? 132  ASN A OD1 1 
ATOM   1060 N  ND2 . ASN A 1 132 ? -11.889 -11.874 11.250  1.00 14.97 ? 132  ASN A ND2 1 
ATOM   1061 N  N   . LEU A 1 133 ? -8.850  -7.934  11.200  1.00 11.88 ? 133  LEU A N   1 
ATOM   1062 C  CA  . LEU A 1 133 ? -7.720  -7.540  10.347  1.00 11.93 ? 133  LEU A CA  1 
ATOM   1063 C  C   . LEU A 1 133 ? -6.359  -7.889  10.963  1.00 12.24 ? 133  LEU A C   1 
ATOM   1064 O  O   . LEU A 1 133 ? -5.431  -8.249  10.241  1.00 12.11 ? 133  LEU A O   1 
ATOM   1065 C  CB  . LEU A 1 133 ? -7.801  -6.041  10.017  1.00 11.50 ? 133  LEU A CB  1 
ATOM   1066 C  CG  . LEU A 1 133 ? -8.827  -5.601  8.964   1.00 10.91 ? 133  LEU A CG  1 
ATOM   1067 C  CD1 . LEU A 1 133 ? -9.082  -4.115  9.064   1.00 9.49  ? 133  LEU A CD1 1 
ATOM   1068 C  CD2 . LEU A 1 133 ? -8.354  -5.990  7.567   1.00 9.51  ? 133  LEU A CD2 1 
ATOM   1069 N  N   . ALA A 1 134 ? -6.273  -7.796  12.292  1.00 12.24 ? 134  ALA A N   1 
ATOM   1070 C  CA  . ALA A 1 134 ? -5.052  -8.097  13.052  1.00 12.53 ? 134  ALA A CA  1 
ATOM   1071 C  C   . ALA A 1 134 ? -4.663  -9.589  13.066  1.00 12.37 ? 134  ALA A C   1 
ATOM   1072 O  O   . ALA A 1 134 ? -3.507  -9.937  13.366  1.00 12.16 ? 134  ALA A O   1 
ATOM   1073 C  CB  . ALA A 1 134 ? -5.188  -7.558  14.471  1.00 12.42 ? 134  ALA A CB  1 
ATOM   1074 N  N   . LYS A 1 135 ? -5.624  -10.454 12.738  1.00 12.39 ? 135  LYS A N   1 
ATOM   1075 C  CA  . LYS A 1 135 ? -5.411  -11.912 12.683  1.00 12.85 ? 135  LYS A CA  1 
ATOM   1076 C  C   . LYS A 1 135 ? -4.904  -12.271 11.290  1.00 12.19 ? 135  LYS A C   1 
ATOM   1077 O  O   . LYS A 1 135 ? -5.569  -12.984 10.539  1.00 12.34 ? 135  LYS A O   1 
ATOM   1078 C  CB  . LYS A 1 135 ? -6.714  -12.658 12.992  1.00 12.80 ? 135  LYS A CB  1 
ATOM   1079 C  CG  . LYS A 1 135 ? -7.261  -12.448 14.398  1.00 13.24 ? 135  LYS A CG  1 
ATOM   1080 C  CD  . LYS A 1 135 ? -8.703  -12.960 14.527  1.00 14.25 ? 135  LYS A CD  1 
ATOM   1081 C  CE  . LYS A 1 135 ? -9.294  -12.495 15.850  0.70 15.89 ? 135  LYS A CE  1 
ATOM   1082 N  NZ  . LYS A 1 135 ? -10.693 -12.973 16.087  0.70 17.62 ? 135  LYS A NZ  1 
ATOM   1083 N  N   . SER A 1 136 ? -3.726  -11.768 10.940  1.00 11.62 ? 136  SER A N   1 
ATOM   1084 C  CA  . SER A 1 136 ? -3.196  -11.916 9.588   1.00 11.51 ? 136  SER A CA  1 
ATOM   1085 C  C   . SER A 1 136 ? -1.677  -11.938 9.548   1.00 11.46 ? 136  SER A C   1 
ATOM   1086 O  O   . SER A 1 136 ? -1.034  -11.378 10.434  1.00 11.04 ? 136  SER A O   1 
ATOM   1087 C  CB  . SER A 1 136 ? -3.671  -10.732 8.733   1.00 11.49 ? 136  SER A CB  1 
ATOM   1088 O  OG  . SER A 1 136 ? -3.208  -9.502  9.279   1.00 11.38 ? 136  SER A OG  1 
ATOM   1089 N  N   . ARG A 1 137 ? -1.127  -12.566 8.504   1.00 11.58 ? 137  ARG A N   1 
ATOM   1090 C  CA  . ARG A 1 137 ? 0.303   -12.493 8.234   1.00 11.62 ? 137  ARG A CA  1 
ATOM   1091 C  C   . ARG A 1 137 ? 0.693   -11.009 8.096   1.00 11.27 ? 137  ARG A C   1 
ATOM   1092 O  O   . ARG A 1 137 ? 1.729   -10.592 8.605   1.00 10.77 ? 137  ARG A O   1 
ATOM   1093 C  CB  . ARG A 1 137 ? 0.684   -13.287 6.983   1.00 12.00 ? 137  ARG A CB  1 
ATOM   1094 C  CG  . ARG A 1 137 ? 2.192   -13.366 6.806   1.00 12.97 ? 137  ARG A CG  1 
ATOM   1095 C  CD  . ARG A 1 137 ? 2.619   -13.986 5.504   1.00 15.74 ? 137  ARG A CD  1 
ATOM   1096 N  NE  . ARG A 1 137 ? 4.076   -13.940 5.422   1.00 18.28 ? 137  ARG A NE  1 
ATOM   1097 C  CZ  . ARG A 1 137 ? 4.801   -12.939 4.919   1.00 18.57 ? 137  ARG A CZ  1 
ATOM   1098 N  NH1 . ARG A 1 137 ? 4.224   -11.853 4.411   1.00 18.64 ? 137  ARG A NH1 1 
ATOM   1099 N  NH2 . ARG A 1 137 ? 6.126   -13.035 4.916   1.00 18.47 ? 137  ARG A NH2 1 
ATOM   1100 N  N   . TRP A 1 138 ? -0.152  -10.229 7.417   1.00 11.08 ? 138  TRP A N   1 
ATOM   1101 C  CA  . TRP A 1 138 ? 0.049   -8.798  7.211   1.00 11.03 ? 138  TRP A CA  1 
ATOM   1102 C  C   . TRP A 1 138 ? 0.363   -8.095  8.530   1.00 11.09 ? 138  TRP A C   1 
ATOM   1103 O  O   . TRP A 1 138 ? 1.392   -7.422  8.645   1.00 10.54 ? 138  TRP A O   1 
ATOM   1104 C  CB  . TRP A 1 138 ? -1.194  -8.189  6.549   1.00 11.52 ? 138  TRP A CB  1 
ATOM   1105 C  CG  . TRP A 1 138 ? -1.230  -6.677  6.488   1.00 11.51 ? 138  TRP A CG  1 
ATOM   1106 C  CD1 . TRP A 1 138 ? -0.286  -5.844  5.914   1.00 11.90 ? 138  TRP A CD1 1 
ATOM   1107 C  CD2 . TRP A 1 138 ? -2.265  -5.818  6.995   1.00 12.00 ? 138  TRP A CD2 1 
ATOM   1108 N  NE1 . TRP A 1 138 ? -0.680  -4.530  6.045   1.00 12.51 ? 138  TRP A NE1 1 
ATOM   1109 C  CE2 . TRP A 1 138 ? -1.883  -4.482  6.705   1.00 12.02 ? 138  TRP A CE2 1 
ATOM   1110 C  CE3 . TRP A 1 138 ? -3.481  -6.046  7.668   1.00 10.55 ? 138  TRP A CE3 1 
ATOM   1111 C  CZ2 . TRP A 1 138 ? -2.679  -3.374  7.059   1.00 12.32 ? 138  TRP A CZ2 1 
ATOM   1112 C  CZ3 . TRP A 1 138 ? -4.263  -4.945  8.034   1.00 11.89 ? 138  TRP A CZ3 1 
ATOM   1113 C  CH2 . TRP A 1 138 ? -3.857  -3.624  7.720   1.00 11.94 ? 138  TRP A CH2 1 
ATOM   1114 N  N   . TYR A 1 139 ? -0.520  -8.277  9.513   1.00 11.09 ? 139  TYR A N   1 
ATOM   1115 C  CA  . TYR A 1 139 ? -0.356  -7.644  10.812  1.00 12.05 ? 139  TYR A CA  1 
ATOM   1116 C  C   . TYR A 1 139 ? 0.918   -8.161  11.478  1.00 11.58 ? 139  TYR A C   1 
ATOM   1117 O  O   . TYR A 1 139 ? 1.726   -7.370  11.957  1.00 11.40 ? 139  TYR A O   1 
ATOM   1118 C  CB  . TYR A 1 139 ? -1.580  -7.863  11.707  1.00 12.83 ? 139  TYR A CB  1 
ATOM   1119 C  CG  . TYR A 1 139 ? -1.421  -7.184  13.039  1.00 13.72 ? 139  TYR A CG  1 
ATOM   1120 C  CD1 . TYR A 1 139 ? -0.792  -7.841  14.106  1.00 14.36 ? 139  TYR A CD1 1 
ATOM   1121 C  CD2 . TYR A 1 139 ? -1.875  -5.876  13.229  1.00 13.64 ? 139  TYR A CD2 1 
ATOM   1122 C  CE1 . TYR A 1 139 ? -0.629  -7.211  15.328  1.00 15.46 ? 139  TYR A CE1 1 
ATOM   1123 C  CE2 . TYR A 1 139 ? -1.719  -5.236  14.454  1.00 15.56 ? 139  TYR A CE2 1 
ATOM   1124 C  CZ  . TYR A 1 139 ? -1.093  -5.917  15.490  1.00 15.97 ? 139  TYR A CZ  1 
ATOM   1125 O  OH  . TYR A 1 139 ? -0.927  -5.300  16.707  1.00 17.61 ? 139  TYR A OH  1 
ATOM   1126 N  N   . ASN A 1 140 ? 1.099   -9.473  11.510  1.00 11.22 ? 140  ASN A N   1 
ATOM   1127 C  CA  . ASN A 1 140 ? 2.285   -10.030 12.173  1.00 11.10 ? 140  ASN A CA  1 
ATOM   1128 C  C   . ASN A 1 140 ? 3.623   -9.571  11.584  1.00 11.02 ? 140  ASN A C   1 
ATOM   1129 O  O   . ASN A 1 140 ? 4.552   -9.290  12.346  1.00 11.50 ? 140  ASN A O   1 
ATOM   1130 C  CB  . ASN A 1 140 ? 2.187   -11.555 12.246  1.00 10.80 ? 140  ASN A CB  1 
ATOM   1131 C  CG  . ASN A 1 140 ? 1.257   -12.014 13.358  1.00 11.76 ? 140  ASN A CG  1 
ATOM   1132 O  OD1 . ASN A 1 140 ? 1.650   -12.053 14.527  1.00 12.33 ? 140  ASN A OD1 1 
ATOM   1133 N  ND2 . ASN A 1 140 ? 0.024   -12.360 13.004  1.00 10.57 ? 140  ASN A ND2 1 
ATOM   1134 N  N   . GLN A 1 141 ? 3.713   -9.465  10.262  1.00 10.98 ? 141  GLN A N   1 
ATOM   1135 C  CA  . GLN A 1 141 ? 4.987   -9.108  9.626   1.00 11.32 ? 141  GLN A CA  1 
ATOM   1136 C  C   . GLN A 1 141 ? 5.282   -7.599  9.688   1.00 11.23 ? 141  GLN A C   1 
ATOM   1137 O  O   . GLN A 1 141 ? 6.441   -7.200  9.847   1.00 11.40 ? 141  GLN A O   1 
ATOM   1138 C  CB  . GLN A 1 141 ? 5.075   -9.663  8.202   1.00 11.58 ? 141  GLN A CB  1 
ATOM   1139 C  CG  . GLN A 1 141 ? 4.926   -11.202 8.087   1.00 12.52 ? 141  GLN A CG  1 
ATOM   1140 C  CD  . GLN A 1 141 ? 5.876   -12.030 8.959   1.00 13.60 ? 141  GLN A CD  1 
ATOM   1141 O  OE1 . GLN A 1 141 ? 5.426   -12.904 9.702   1.00 14.56 ? 141  GLN A OE1 1 
ATOM   1142 N  NE2 . GLN A 1 141 ? 7.178   -11.760 8.883   1.00 12.87 ? 141  GLN A NE2 1 
ATOM   1143 N  N   . THR A 1 142 ? 4.243   -6.771  9.562   1.00 10.86 ? 142  THR A N   1 
ATOM   1144 C  CA  . THR A 1 142 ? 4.405   -5.302  9.641   1.00 10.91 ? 142  THR A CA  1 
ATOM   1145 C  C   . THR A 1 142 ? 3.412   -4.770  10.668  1.00 10.97 ? 142  THR A C   1 
ATOM   1146 O  O   . THR A 1 142 ? 2.424   -4.116  10.290  1.00 10.84 ? 142  THR A O   1 
ATOM   1147 C  CB  . THR A 1 142 ? 4.229   -4.609  8.264   1.00 11.03 ? 142  THR A CB  1 
ATOM   1148 O  OG1 . THR A 1 142 ? 3.000   -5.052  7.669   1.00 11.84 ? 142  THR A OG1 1 
ATOM   1149 C  CG2 . THR A 1 142 ? 5.423   -4.929  7.338   1.00 11.15 ? 142  THR A CG2 1 
ATOM   1150 N  N   . PRO A 1 143 ? 3.661   -5.047  11.964  1.00 10.96 ? 143  PRO A N   1 
ATOM   1151 C  CA  . PRO A 1 143 ? 2.652   -4.676  12.959  1.00 10.90 ? 143  PRO A CA  1 
ATOM   1152 C  C   . PRO A 1 143 ? 2.473   -3.176  13.195  1.00 11.13 ? 143  PRO A C   1 
ATOM   1153 O  O   . PRO A 1 143 ? 1.335   -2.771  13.403  1.00 10.97 ? 143  PRO A O   1 
ATOM   1154 C  CB  . PRO A 1 143 ? 3.098   -5.427  14.227  1.00 10.76 ? 143  PRO A CB  1 
ATOM   1155 C  CG  . PRO A 1 143 ? 4.582   -5.578  14.082  1.00 10.57 ? 143  PRO A CG  1 
ATOM   1156 C  CD  . PRO A 1 143 ? 4.828   -5.711  12.588  1.00 10.85 ? 143  PRO A CD  1 
ATOM   1157 N  N   . ASN A 1 144 ? 3.535   -2.368  13.139  1.00 10.93 ? 144  ASN A N   1 
ATOM   1158 C  CA  . ASN A 1 144 ? 3.361   -0.923  13.369  1.00 11.47 ? 144  ASN A CA  1 
ATOM   1159 C  C   . ASN A 1 144 ? 2.548   -0.260  12.244  1.00 11.10 ? 144  ASN A C   1 
ATOM   1160 O  O   . ASN A 1 144 ? 1.624   0.529   12.510  1.00 10.84 ? 144  ASN A O   1 
ATOM   1161 C  CB  . ASN A 1 144 ? 4.689   -0.214  13.625  1.00 11.97 ? 144  ASN A CB  1 
ATOM   1162 C  CG  . ASN A 1 144 ? 5.244   -0.493  15.033  1.00 13.79 ? 144  ASN A CG  1 
ATOM   1163 O  OD1 . ASN A 1 144 ? 4.610   -1.166  15.844  1.00 16.74 ? 144  ASN A OD1 1 
ATOM   1164 N  ND2 . ASN A 1 144 ? 6.422   0.034   15.319  1.00 16.06 ? 144  ASN A ND2 1 
ATOM   1165 N  N   . ARG A 1 145 ? 2.903   -0.606  11.006  1.00 10.72 ? 145  ARG A N   1 
ATOM   1166 C  CA  . ARG A 1 145 ? 2.194   -0.105  9.824   1.00 10.95 ? 145  ARG A CA  1 
ATOM   1167 C  C   . ARG A 1 145 ? 0.746   -0.616  9.809   1.00 10.87 ? 145  ARG A C   1 
ATOM   1168 O  O   . ARG A 1 145 ? -0.199  0.173   9.602   1.00 10.67 ? 145  ARG A O   1 
ATOM   1169 C  CB  . ARG A 1 145 ? 3.002   -0.430  8.560   1.00 10.93 ? 145  ARG A CB  1 
ATOM   1170 C  CG  . ARG A 1 145 ? 2.613   0.330   7.291   1.00 11.53 ? 145  ARG A CG  1 
ATOM   1171 C  CD  . ARG A 1 145 ? 1.744   -0.521  6.405   1.00 12.67 ? 145  ARG A CD  1 
ATOM   1172 N  NE  . ARG A 1 145 ? 1.413   0.073   5.100   1.00 12.05 ? 145  ARG A NE  1 
ATOM   1173 C  CZ  . ARG A 1 145 ? 2.188   0.098   4.008   1.00 12.03 ? 145  ARG A CZ  1 
ATOM   1174 N  NH1 . ARG A 1 145 ? 3.410   -0.423  3.985   1.00 11.85 ? 145  ARG A NH1 1 
ATOM   1175 N  NH2 . ARG A 1 145 ? 1.735   0.669   2.894   1.00 10.96 ? 145  ARG A NH2 1 
ATOM   1176 N  N   . ALA A 1 146 ? 0.555   -1.917  10.038  1.00 11.15 ? 146  ALA A N   1 
ATOM   1177 C  CA  . ALA A 1 146 ? -0.797  -2.475  10.072  1.00 11.40 ? 146  ALA A CA  1 
ATOM   1178 C  C   . ALA A 1 146 ? -1.635  -1.829  11.184  1.00 11.37 ? 146  ALA A C   1 
ATOM   1179 O  O   . ALA A 1 146 ? -2.816  -1.533  10.957  1.00 11.25 ? 146  ALA A O   1 
ATOM   1180 C  CB  . ALA A 1 146 ? -0.789  -3.994  10.202  1.00 11.27 ? 146  ALA A CB  1 
ATOM   1181 N  N   . LYS A 1 147 ? -1.032  -1.605  12.353  1.00 11.21 ? 147  LYS A N   1 
ATOM   1182 C  CA  . LYS A 1 147 ? -1.708  -0.934  13.466  1.00 11.27 ? 147  LYS A CA  1 
ATOM   1183 C  C   . LYS A 1 147 ? -2.224  0.445   13.029  1.00 10.88 ? 147  LYS A C   1 
ATOM   1184 O  O   . LYS A 1 147 ? -3.349  0.810   13.369  1.00 10.36 ? 147  LYS A O   1 
ATOM   1185 C  CB  . LYS A 1 147 ? -0.806  -0.758  14.692  1.00 11.25 ? 147  LYS A CB  1 
ATOM   1186 C  CG  A LYS A 1 147 ? -1.589  -0.416  15.959  0.50 11.98 ? 147  LYS A CG  1 
ATOM   1187 C  CG  B LYS A 1 147 ? -0.603  -1.990  15.557  0.50 11.70 ? 147  LYS A CG  1 
ATOM   1188 C  CD  A LYS A 1 147 ? -0.732  -0.289  17.195  0.50 11.96 ? 147  LYS A CD  1 
ATOM   1189 C  CD  B LYS A 1 147 ? 0.217   -1.646  16.782  0.50 13.25 ? 147  LYS A CD  1 
ATOM   1190 C  CE  A LYS A 1 147 ? -1.615  0.053   18.393  0.50 14.15 ? 147  LYS A CE  1 
ATOM   1191 C  CE  B LYS A 1 147 ? 0.604   -2.890  17.547  0.50 14.82 ? 147  LYS A CE  1 
ATOM   1192 N  NZ  A LYS A 1 147 ? -0.791  0.216   19.629  0.50 15.01 ? 147  LYS A NZ  1 
ATOM   1193 N  NZ  B LYS A 1 147 ? 1.316   -2.608  18.827  0.50 15.26 ? 147  LYS A NZ  1 
ATOM   1194 N  N   . ARG A 1 148 ? -1.398  1.194   12.295  1.00 10.53 ? 148  ARG A N   1 
ATOM   1195 C  CA  . ARG A 1 148 ? -1.814  2.517   11.796  1.00 10.89 ? 148  ARG A CA  1 
ATOM   1196 C  C   . ARG A 1 148 ? -3.013  2.442   10.849  1.00 10.88 ? 148  ARG A C   1 
ATOM   1197 O  O   . ARG A 1 148 ? -3.965  3.212   10.994  1.00 11.13 ? 148  ARG A O   1 
ATOM   1198 C  CB  . ARG A 1 148 ? -0.666  3.264   11.115  1.00 10.58 ? 148  ARG A CB  1 
ATOM   1199 C  CG  . ARG A 1 148 ? 0.386   3.789   12.105  1.00 11.20 ? 148  ARG A CG  1 
ATOM   1200 C  CD  . ARG A 1 148 ? 1.361   4.741   11.429  1.00 10.56 ? 148  ARG A CD  1 
ATOM   1201 N  NE  . ARG A 1 148 ? 2.224   4.121   10.412  1.00 10.76 ? 148  ARG A NE  1 
ATOM   1202 C  CZ  . ARG A 1 148 ? 3.372   3.487   10.648  1.00 11.71 ? 148  ARG A CZ  1 
ATOM   1203 N  NH1 . ARG A 1 148 ? 3.840   3.357   11.886  1.00 12.62 ? 148  ARG A NH1 1 
ATOM   1204 N  NH2 . ARG A 1 148 ? 4.065   2.974   9.635   1.00 11.21 ? 148  ARG A NH2 1 
ATOM   1205 N  N   . VAL A 1 149 ? -2.946  1.510   9.903   1.00 10.99 ? 149  VAL A N   1 
ATOM   1206 C  CA  . VAL A 1 149 ? -4.007  1.296   8.900   1.00 10.74 ? 149  VAL A CA  1 
ATOM   1207 C  C   . VAL A 1 149 ? -5.299  0.860   9.603   1.00 11.02 ? 149  VAL A C   1 
ATOM   1208 O  O   . VAL A 1 149 ? -6.377  1.392   9.298   1.00 10.65 ? 149  VAL A O   1 
ATOM   1209 C  CB  . VAL A 1 149 ? -3.561  0.292   7.800   1.00 10.90 ? 149  VAL A CB  1 
ATOM   1210 C  CG1 . VAL A 1 149 ? -4.734  -0.118  6.906   1.00 9.98  ? 149  VAL A CG1 1 
ATOM   1211 C  CG2 . VAL A 1 149 ? -2.437  0.912   6.960   1.00 11.09 ? 149  VAL A CG2 1 
ATOM   1212 N  N   . ILE A 1 150 ? -5.169  -0.090  10.530  1.00 11.10 ? 150  ILE A N   1 
ATOM   1213 C  CA  . ILE A 1 150 ? -6.287  -0.639  11.317  1.00 11.76 ? 150  ILE A CA  1 
ATOM   1214 C  C   . ILE A 1 150 ? -6.966  0.453   12.153  1.00 12.12 ? 150  ILE A C   1 
ATOM   1215 O  O   . ILE A 1 150 ? -8.213  0.525   12.157  1.00 11.88 ? 150  ILE A O   1 
ATOM   1216 C  CB  . ILE A 1 150 ? -5.849  -1.884  12.158  1.00 11.38 ? 150  ILE A CB  1 
ATOM   1217 C  CG1 . ILE A 1 150 ? -5.642  -3.074  11.212  1.00 11.52 ? 150  ILE A CG1 1 
ATOM   1218 C  CG2 . ILE A 1 150 ? -6.896  -2.245  13.220  1.00 12.59 ? 150  ILE A CG2 1 
ATOM   1219 C  CD1 . ILE A 1 150 ? -4.965  -4.289  11.844  1.00 11.95 ? 150  ILE A CD1 1 
ATOM   1220 N  N   . THR A 1 151 ? -6.156  1.276   12.833  1.00 12.38 ? 151  THR A N   1 
ATOM   1221 C  CA  . THR A 1 151 ? -6.662  2.427   13.614  1.00 12.91 ? 151  THR A CA  1 
ATOM   1222 C  C   . THR A 1 151 ? -7.458  3.354   12.709  1.00 12.60 ? 151  THR A C   1 
ATOM   1223 O  O   . THR A 1 151 ? -8.502  3.889   13.114  1.00 12.12 ? 151  THR A O   1 
ATOM   1224 C  CB  . THR A 1 151 ? -5.538  3.197   14.341  1.00 13.03 ? 151  THR A CB  1 
ATOM   1225 O  OG1 . THR A 1 151 ? -5.009  2.332   15.353  1.00 14.72 ? 151  THR A OG1 1 
ATOM   1226 C  CG2 . THR A 1 151 ? -6.042  4.501   15.006  1.00 13.68 ? 151  THR A CG2 1 
ATOM   1227 N  N   . THR A 1 152 ? -6.968  3.513   11.482  1.00 12.33 ? 152  THR A N   1 
ATOM   1228 C  CA  . THR A 1 152 ? -7.656  4.352   10.503  1.00 12.21 ? 152  THR A CA  1 
ATOM   1229 C  C   . THR A 1 152 ? -9.034  3.749   10.186  1.00 12.08 ? 152  THR A C   1 
ATOM   1230 O  O   . THR A 1 152 ? -10.023 4.498   10.155  1.00 11.81 ? 152  THR A O   1 
ATOM   1231 C  CB  . THR A 1 152 ? -6.775  4.631   9.262   1.00 11.94 ? 152  THR A CB  1 
ATOM   1232 O  OG1 . THR A 1 152 ? -5.485  5.066   9.706   1.00 12.69 ? 152  THR A OG1 1 
ATOM   1233 C  CG2 . THR A 1 152 ? -7.396  5.712   8.356   1.00 12.33 ? 152  THR A CG2 1 
ATOM   1234 N  N   . PHE A 1 153 ? -9.105  2.429   9.988   1.00 11.83 ? 153  PHE A N   1 
ATOM   1235 C  CA  . PHE A 1 153 ? -10.395 1.776   9.752   1.00 12.09 ? 153  PHE A CA  1 
ATOM   1236 C  C   . PHE A 1 153 ? -11.275 1.813   10.991  1.00 12.56 ? 153  PHE A C   1 
ATOM   1237 O  O   . PHE A 1 153 ? -12.486 1.944   10.881  1.00 12.68 ? 153  PHE A O   1 
ATOM   1238 C  CB  . PHE A 1 153 ? -10.240 0.302   9.364   1.00 12.04 ? 153  PHE A CB  1 
ATOM   1239 C  CG  . PHE A 1 153 ? -9.908  0.060   7.926   1.00 11.95 ? 153  PHE A CG  1 
ATOM   1240 C  CD1 . PHE A 1 153 ? -10.741 0.506   6.886   1.00 12.00 ? 153  PHE A CD1 1 
ATOM   1241 C  CD2 . PHE A 1 153 ? -8.758  -0.670  7.612   1.00 12.65 ? 153  PHE A CD2 1 
ATOM   1242 C  CE1 . PHE A 1 153 ? -10.412 0.234   5.546   1.00 11.96 ? 153  PHE A CE1 1 
ATOM   1243 C  CE2 . PHE A 1 153 ? -8.418  -0.940  6.287   1.00 12.97 ? 153  PHE A CE2 1 
ATOM   1244 C  CZ  . PHE A 1 153 ? -9.245  -0.491  5.245   1.00 12.20 ? 153  PHE A CZ  1 
ATOM   1245 N  N   . ARG A 1 154 ? -10.674 1.686   12.171  1.00 12.59 ? 154  ARG A N   1 
ATOM   1246 C  CA  . ARG A 1 154 ? -11.461 1.646   13.409  1.00 13.33 ? 154  ARG A CA  1 
ATOM   1247 C  C   . ARG A 1 154 ? -12.126 2.995   13.712  1.00 13.38 ? 154  ARG A C   1 
ATOM   1248 O  O   . ARG A 1 154 ? -13.311 3.010   14.030  1.00 13.46 ? 154  ARG A O   1 
ATOM   1249 C  CB  . ARG A 1 154 ? -10.614 1.186   14.602  1.00 13.36 ? 154  ARG A CB  1 
ATOM   1250 C  CG  . ARG A 1 154 ? -11.397 1.030   15.929  1.00 13.44 ? 154  ARG A CG  1 
ATOM   1251 C  CD  . ARG A 1 154 ? -10.527 0.625   17.130  1.00 14.44 ? 154  ARG A CD  1 
ATOM   1252 N  NE  A ARG A 1 154 ? -9.449  1.586   17.382  0.50 15.17 ? 154  ARG A NE  1 
ATOM   1253 N  NE  B ARG A 1 154 ? -9.426  1.540   17.436  0.50 15.21 ? 154  ARG A NE  1 
ATOM   1254 C  CZ  A ARG A 1 154 ? -9.531  2.700   18.113  0.50 15.17 ? 154  ARG A CZ  1 
ATOM   1255 C  CZ  B ARG A 1 154 ? -8.145  1.389   17.091  0.50 15.60 ? 154  ARG A CZ  1 
ATOM   1256 N  NH1 A ARG A 1 154 ? -10.655 3.074   18.716  0.50 15.36 ? 154  ARG A NH1 1 
ATOM   1257 N  NH1 B ARG A 1 154 ? -7.709  0.339   16.390  0.50 15.55 ? 154  ARG A NH1 1 
ATOM   1258 N  NH2 A ARG A 1 154 ? -8.456  3.462   18.241  0.50 16.02 ? 154  ARG A NH2 1 
ATOM   1259 N  NH2 B ARG A 1 154 ? -7.280  2.325   17.461  0.50 14.85 ? 154  ARG A NH2 1 
ATOM   1260 N  N   . THR A 1 155 ? -11.370 4.088   13.582  1.00 13.57 ? 155  THR A N   1 
ATOM   1261 C  CA  . THR A 1 155 ? -11.813 5.441   13.960  1.00 13.60 ? 155  THR A CA  1 
ATOM   1262 C  C   . THR A 1 155 ? -12.350 6.358   12.855  1.00 13.48 ? 155  THR A C   1 
ATOM   1263 O  O   . THR A 1 155 ? -13.157 7.262   13.135  1.00 13.95 ? 155  THR A O   1 
ATOM   1264 C  CB  . THR A 1 155 ? -10.651 6.236   14.626  1.00 13.66 ? 155  THR A CB  1 
ATOM   1265 O  OG1 . THR A 1 155 ? -9.615  6.459   13.658  1.00 13.37 ? 155  THR A OG1 1 
ATOM   1266 C  CG2 . THR A 1 155 ? -10.085 5.517   15.861  1.00 14.44 ? 155  THR A CG2 1 
ATOM   1267 N  N   . GLY A 1 156 ? -11.890 6.153   11.618  1.00 13.25 ? 156  GLY A N   1 
ATOM   1268 C  CA  . GLY A 1 156 ? -12.224 7.027   10.493  1.00 12.93 ? 156  GLY A CA  1 
ATOM   1269 C  C   . GLY A 1 156 ? -11.577 8.401   10.646  1.00 13.13 ? 156  GLY A C   1 
ATOM   1270 O  O   . GLY A 1 156 ? -12.053 9.394   10.081  1.00 12.84 ? 156  GLY A O   1 
ATOM   1271 N  N   . THR A 1 157 ? -10.499 8.440   11.430  1.00 12.81 ? 157  THR A N   1 
ATOM   1272 C  CA  . THR A 1 157 ? -9.701  9.635   11.663  1.00 13.16 ? 157  THR A CA  1 
ATOM   1273 C  C   . THR A 1 157 ? -8.254  9.346   11.269  1.00 12.98 ? 157  THR A C   1 
ATOM   1274 O  O   . THR A 1 157 ? -7.867  8.190   11.071  1.00 13.11 ? 157  THR A O   1 
ATOM   1275 C  CB  . THR A 1 157 ? -9.694  10.055  13.150  1.00 13.32 ? 157  THR A CB  1 
ATOM   1276 O  OG1 . THR A 1 157 ? -8.834  9.165   13.890  1.00 14.20 ? 157  THR A OG1 1 
ATOM   1277 C  CG2 . THR A 1 157 ? -11.117 10.090  13.736  1.00 13.63 ? 157  THR A CG2 1 
ATOM   1278 N  N   . TRP A 1 158 ? -7.467  10.407  11.172  1.00 13.04 ? 158  TRP A N   1 
ATOM   1279 C  CA  . TRP A 1 158 ? -6.045  10.307  10.867  1.00 13.32 ? 158  TRP A CA  1 
ATOM   1280 C  C   . TRP A 1 158 ? -5.158  10.287  12.113  1.00 13.52 ? 158  TRP A C   1 
ATOM   1281 O  O   . TRP A 1 158 ? -3.951  10.534  12.015  1.00 13.24 ? 158  TRP A O   1 
ATOM   1282 C  CB  . TRP A 1 158 ? -5.652  11.493  9.999   1.00 13.47 ? 158  TRP A CB  1 
ATOM   1283 C  CG  . TRP A 1 158 ? -6.233  11.510  8.621   1.00 13.11 ? 158  TRP A CG  1 
ATOM   1284 C  CD1 . TRP A 1 158 ? -7.153  12.396  8.135   1.00 13.30 ? 158  TRP A CD1 1 
ATOM   1285 C  CD2 . TRP A 1 158 ? -5.933  10.608  7.545   1.00 13.42 ? 158  TRP A CD2 1 
ATOM   1286 N  NE1 . TRP A 1 158 ? -7.436  12.110  6.821   1.00 13.43 ? 158  TRP A NE1 1 
ATOM   1287 C  CE2 . TRP A 1 158 ? -6.705  11.019  6.430   1.00 13.17 ? 158  TRP A CE2 1 
ATOM   1288 C  CE3 . TRP A 1 158 ? -5.079  9.498   7.410   1.00 13.11 ? 158  TRP A CE3 1 
ATOM   1289 C  CZ2 . TRP A 1 158 ? -6.652  10.354  5.187   1.00 13.58 ? 158  TRP A CZ2 1 
ATOM   1290 C  CZ3 . TRP A 1 158 ? -5.015  8.842   6.181   1.00 13.54 ? 158  TRP A CZ3 1 
ATOM   1291 C  CH2 . TRP A 1 158 ? -5.804  9.272   5.087   1.00 12.99 ? 158  TRP A CH2 1 
ATOM   1292 N  N   . ASP A 1 159 ? -5.738  9.989   13.276  1.00 13.89 ? 159  ASP A N   1 
ATOM   1293 C  CA  . ASP A 1 159 ? -4.998  10.001  14.558  1.00 13.91 ? 159  ASP A CA  1 
ATOM   1294 C  C   . ASP A 1 159 ? -3.692  9.184   14.557  1.00 14.20 ? 159  ASP A C   1 
ATOM   1295 O  O   . ASP A 1 159 ? -2.701  9.615   15.162  1.00 13.68 ? 159  ASP A O   1 
ATOM   1296 C  CB  . ASP A 1 159 ? -5.914  9.570   15.716  1.00 14.33 ? 159  ASP A CB  1 
ATOM   1297 C  CG  . ASP A 1 159 ? -6.991  10.602  16.057  0.70 14.46 ? 159  ASP A CG  1 
ATOM   1298 O  OD1 . ASP A 1 159 ? -7.148  11.633  15.377  0.70 14.84 ? 159  ASP A OD1 1 
ATOM   1299 O  OD2 . ASP A 1 159 ? -7.717  10.375  17.041  0.70 16.30 ? 159  ASP A OD2 1 
ATOM   1300 N  N   . ALA A 1 160 ? -3.681  8.036   13.872  1.00 14.25 ? 160  ALA A N   1 
ATOM   1301 C  CA  . ALA A 1 160 ? -2.482  7.178   13.795  1.00 14.74 ? 160  ALA A CA  1 
ATOM   1302 C  C   . ALA A 1 160 ? -1.320  7.818   13.016  1.00 15.25 ? 160  ALA A C   1 
ATOM   1303 O  O   . ALA A 1 160 ? -0.168  7.397   13.151  1.00 15.37 ? 160  ALA A O   1 
ATOM   1304 C  CB  . ALA A 1 160 ? -2.842  5.781   13.226  1.00 14.43 ? 160  ALA A CB  1 
ATOM   1305 N  N   . TYR A 1 161 ? -1.627  8.833   12.213  1.00 15.85 ? 161  TYR A N   1 
ATOM   1306 C  CA  . TYR A 1 161 ? -0.629  9.523   11.391  1.00 16.88 ? 161  TYR A CA  1 
ATOM   1307 C  C   . TYR A 1 161 ? -0.256  10.949  11.820  1.00 18.16 ? 161  TYR A C   1 
ATOM   1308 O  O   . TYR A 1 161 ? 0.576   11.566  11.157  1.00 18.17 ? 161  TYR A O   1 
ATOM   1309 C  CB  . TYR A 1 161 ? -1.087  9.510   9.930   1.00 16.04 ? 161  TYR A CB  1 
ATOM   1310 C  CG  . TYR A 1 161 ? -1.107  8.116   9.353   1.00 15.15 ? 161  TYR A CG  1 
ATOM   1311 C  CD1 . TYR A 1 161 ? -2.230  7.290   9.503   1.00 14.07 ? 161  TYR A CD1 1 
ATOM   1312 C  CD2 . TYR A 1 161 ? 0.006   7.621   8.661   1.00 14.70 ? 161  TYR A CD2 1 
ATOM   1313 C  CE1 . TYR A 1 161 ? -2.248  5.998   8.977   1.00 13.61 ? 161  TYR A CE1 1 
ATOM   1314 C  CE2 . TYR A 1 161 ? 0.004   6.337   8.133   1.00 13.36 ? 161  TYR A CE2 1 
ATOM   1315 C  CZ  . TYR A 1 161 ? -1.123  5.532   8.295   1.00 14.75 ? 161  TYR A CZ  1 
ATOM   1316 O  OH  . TYR A 1 161 ? -1.119  4.270   7.761   1.00 14.65 ? 161  TYR A OH  1 
ATOM   1317 N  N   . LYS A 1 162 ? -0.847  11.449  12.910  1.00 20.23 ? 162  LYS A N   1 
ATOM   1318 C  CA  . LYS A 1 162 ? -0.635  12.851  13.359  1.00 21.33 ? 162  LYS A CA  1 
ATOM   1319 C  C   . LYS A 1 162 ? 0.716   13.216  13.986  0.60 22.17 ? 162  LYS A C   1 
ATOM   1320 O  O   . LYS A 1 162 ? 1.207   14.320  13.763  0.60 22.73 ? 162  LYS A O   1 
ATOM   1321 C  CB  . LYS A 1 162 ? -1.788  13.341  14.256  1.00 21.54 ? 162  LYS A CB  1 
ATOM   1322 C  CG  . LYS A 1 162 ? -3.159  13.457  13.560  0.60 21.32 ? 162  LYS A CG  1 
ATOM   1323 C  CD  . LYS A 1 162 ? -3.165  14.296  12.270  0.60 21.28 ? 162  LYS A CD  1 
ATOM   1324 C  CE  . LYS A 1 162 ? -4.571  14.465  11.686  0.60 21.67 ? 162  LYS A CE  1 
ATOM   1325 N  NZ  . LYS A 1 162 ? -4.613  15.036  10.297  0.60 20.42 ? 162  LYS A NZ  1 
ATOM   1326 N  N   . ASN A 1 163 ? 1.311   12.312  14.757  0.60 23.13 ? 163  ASN A N   1 
ATOM   1327 C  CA  . ASN A 1 163 ? 2.625   12.542  15.367  0.60 23.99 ? 163  ASN A CA  1 
ATOM   1328 C  C   . ASN A 1 163 ? 3.762   12.214  14.375  0.60 24.20 ? 163  ASN A C   1 
ATOM   1329 O  O   . ASN A 1 163 ? 4.955   12.288  14.701  0.60 24.40 ? 163  ASN A O   1 
ATOM   1330 C  CB  . ASN A 1 163 ? 2.692   11.720  16.665  0.60 24.18 ? 163  ASN A CB  1 
ATOM   1331 C  CG  . ASN A 1 163 ? 4.039   11.776  17.355  0.60 25.11 ? 163  ASN A CG  1 
ATOM   1332 O  OD1 . ASN A 1 163 ? 4.669   10.737  17.572  0.60 26.50 ? 163  ASN A OD1 1 
ATOM   1333 N  ND2 . ASN A 1 163 ? 4.497   12.979  17.689  0.60 26.26 ? 163  ASN A ND2 1 
ATOM   1334 N  N   . LEU A 1 164 ? 3.373   11.878  13.146  0.60 24.37 ? 164  LEU A N   1 
ATOM   1335 C  CA  . LEU A 1 164 ? 4.281   11.374  12.114  0.60 24.53 ? 164  LEU A CA  1 
ATOM   1336 C  C   . LEU A 1 164 ? 4.411   12.266  10.882  0.60 24.65 ? 164  LEU A C   1 
ATOM   1337 O  O   . LEU A 1 164 ? 3.577   13.136  10.641  0.60 24.78 ? 164  LEU A O   1 
ATOM   1338 C  CB  . LEU A 1 164 ? 3.822   9.969   11.698  0.60 24.56 ? 164  LEU A CB  1 
ATOM   1339 C  CG  . LEU A 1 164 ? 3.845   8.786   12.680  0.60 24.63 ? 164  LEU A CG  1 
ATOM   1340 C  CD1 . LEU A 1 164 ? 2.899   8.868   13.880  0.60 24.69 ? 164  LEU A CD1 1 
ATOM   1341 C  CD2 . LEU A 1 164 ? 3.505   7.539   11.902  0.60 24.53 ? 164  LEU A CD2 1 
ATOM   1342 O  OXT . LEU A 1 164 ? 5.351   12.140  10.093  0.60 24.62 ? 164  LEU A OXT 1 
HETATM 1343 O  O1  A R1B B 2 .   ? -10.710 -6.532  24.203  0.10 20.00 ? 1131 R1B A O1  1 
HETATM 1344 O  O1  B R1B B 2 .   ? -14.218 -5.852  20.682  0.10 20.00 ? 1131 R1B A O1  1 
HETATM 1345 N  N1  A R1B B 2 .   ? -10.207 -7.073  23.162  0.10 20.00 ? 1131 R1B A N1  1 
HETATM 1346 N  N1  B R1B B 2 .   ? -12.997 -6.219  20.662  0.10 20.00 ? 1131 R1B A N1  1 
HETATM 1347 C  C2  A R1B B 2 .   ? -9.846  -6.328  21.966  0.10 20.00 ? 1131 R1B A C2  1 
HETATM 1348 C  C2  B R1B B 2 .   ? -12.577 -7.599  20.459  0.10 20.00 ? 1131 R1B A C2  1 
HETATM 1349 C  C8  A R1B B 2 .   ? -11.108 -5.757  21.317  0.10 20.00 ? 1131 R1B A C8  1 
HETATM 1350 C  C8  B R1B B 2 .   ? -13.141 -8.509  21.544  0.10 20.00 ? 1131 R1B A C8  1 
HETATM 1351 C  C9  A R1B B 2 .   ? -8.897  -5.184  22.333  0.10 20.00 ? 1131 R1B A C9  1 
HETATM 1352 C  C9  B R1B B 2 .   ? -13.057 -8.109  19.097  0.10 20.00 ? 1131 R1B A C9  1 
HETATM 1353 C  C5  A R1B B 2 .   ? -9.944  -8.503  23.052  0.10 20.00 ? 1131 R1B A C5  1 
HETATM 1354 C  C5  B R1B B 2 .   ? -11.882 -5.294  20.843  0.10 20.00 ? 1131 R1B A C5  1 
HETATM 1355 C  C7  A R1B B 2 .   ? -8.940  -8.974  24.103  0.10 20.00 ? 1131 R1B A C7  1 
HETATM 1356 C  C7  B R1B B 2 .   ? -11.962 -4.115  19.871  0.10 20.00 ? 1131 R1B A C7  1 
HETATM 1357 C  C6  A R1B B 2 .   ? -11.237 -9.312  23.139  0.10 20.00 ? 1131 R1B A C6  1 
HETATM 1358 C  C6  B R1B B 2 .   ? -11.806 -4.793  22.287  0.10 20.00 ? 1131 R1B A C6  1 
HETATM 1359 C  C4  A R1B B 2 .   ? -9.332  -8.590  21.666  0.10 20.00 ? 1131 R1B A C4  1 
HETATM 1360 C  C4  B R1B B 2 .   ? -10.699 -6.193  20.537  0.10 20.00 ? 1131 R1B A C4  1 
HETATM 1361 C  C10 A R1B B 2 .   ? -8.982  -9.886  20.969  0.10 20.00 ? 1131 R1B A C10 1 
HETATM 1362 C  C10 B R1B B 2 .   ? -9.280  -5.701  20.349  0.10 20.00 ? 1131 R1B A C10 1 
HETATM 1363 C  C3  A R1B B 2 .   ? -9.141  -7.376  21.131  0.10 20.00 ? 1131 R1B A C3  1 
HETATM 1364 C  C3  B R1B B 2 .   ? -11.068 -7.477  20.444  0.10 20.00 ? 1131 R1B A C3  1 
HETATM 1365 C  CE  A R1B B 2 .   ? -8.298  -7.183  19.872  0.10 20.00 ? 1131 R1B A CE  1 
HETATM 1366 C  CE  B R1B B 2 .   ? -10.094 -8.641  20.326  0.10 20.00 ? 1131 R1B A CE  1 
HETATM 1367 S  SD  A R1B B 2 .   ? -8.907  -6.143  18.583  0.50 20.37 ? 1131 R1B A SD  1 
HETATM 1368 S  SD  B R1B B 2 .   ? -9.297  -8.779  18.756  0.50 21.61 ? 1131 R1B A SD  1 
HETATM 1369 N  N1  . AZI C 3 .   ? -17.598 -1.622  16.570  1.00 18.48 ? 181  AZI A N1  1 
HETATM 1370 N  N2  . AZI C 3 .   ? -17.719 -2.687  16.132  1.00 11.93 ? 181  AZI A N2  1 
HETATM 1371 N  N3  . AZI C 3 .   ? -17.799 -3.758  15.790  1.00 14.68 ? 181  AZI A N3  1 
HETATM 1372 N  N1  . AZI D 3 .   ? 12.986  -5.571  -17.850 1.00 21.29 ? 182  AZI A N1  1 
HETATM 1373 N  N2  . AZI D 3 .   ? 12.101  -5.971  -18.453 1.00 19.89 ? 182  AZI A N2  1 
HETATM 1374 N  N3  . AZI D 3 .   ? 11.208  -6.395  -19.038 1.00 22.39 ? 182  AZI A N3  1 
HETATM 1375 CL CL  . CL  E 4 .   ? 5.862   0.605   -13.429 1.00 22.25 ? 200  CL  A CL  1 
HETATM 1376 CL CL  . CL  F 4 .   ? 5.663   -2.192  10.612  1.00 18.99 ? 201  CL  A CL  1 
HETATM 1377 CL CL  . CL  G 4 .   ? 9.294   0.717   2.016   1.00 18.38 ? 202  CL  A CL  1 
HETATM 1378 C  C1  . HED H 5 .   ? -9.326  9.531   -5.434  0.80 27.28 ? 180  HED A C1  1 
HETATM 1379 O  O1  . HED H 5 .   ? -9.464  8.551   -6.438  0.80 27.24 ? 180  HED A O1  1 
HETATM 1380 C  C2  . HED H 5 .   ? -8.238  9.070   -4.478  0.80 27.51 ? 180  HED A C2  1 
HETATM 1381 S  S3  . HED H 5 .   ? -8.111  10.156  -3.040  0.80 27.35 ? 180  HED A S3  1 
HETATM 1382 S  S4  . HED H 5 .   ? -8.267  8.759   -1.571  0.80 29.73 ? 180  HED A S4  1 
HETATM 1383 C  C5  . HED H 5 .   ? -10.033 8.367   -1.543  0.80 29.46 ? 180  HED A C5  1 
HETATM 1384 C  C6  . HED H 5 .   ? -10.770 9.258   -0.559  0.80 30.12 ? 180  HED A C6  1 
HETATM 1385 O  O6  . HED H 5 .   ? -9.930  9.586   0.533   0.80 31.24 ? 180  HED A O6  1 
HETATM 1386 O  O   . HOH I 6 .   ? -12.456 -11.820 14.399  1.00 18.00 ? 203  HOH A O   1 
HETATM 1387 O  O   . HOH I 6 .   ? 18.004  -4.631  -19.266 1.00 13.05 ? 204  HOH A O   1 
HETATM 1388 O  O   . HOH I 6 .   ? 5.695   4.189   -5.626  1.00 14.14 ? 205  HOH A O   1 
HETATM 1389 O  O   . HOH I 6 .   ? 3.889   12.358  4.582   1.00 10.40 ? 206  HOH A O   1 
HETATM 1390 O  O   . HOH I 6 .   ? 2.931   4.325   14.439  1.00 14.97 ? 207  HOH A O   1 
HETATM 1391 O  O   . HOH I 6 .   ? 5.140   15.229  -4.085  1.00 15.76 ? 208  HOH A O   1 
HETATM 1392 O  O   . HOH I 6 .   ? 20.258  -10.958 -4.429  1.00 12.50 ? 209  HOH A O   1 
HETATM 1393 O  O   . HOH I 6 .   ? 1.654   1.732   14.984  1.00 11.57 ? 210  HOH A O   1 
HETATM 1394 O  O   . HOH I 6 .   ? -18.715 0.484   5.162   1.00 10.91 ? 211  HOH A O   1 
HETATM 1395 O  O   . HOH I 6 .   ? 20.471  6.960   -12.922 1.00 14.90 ? 212  HOH A O   1 
HETATM 1396 O  O   . HOH I 6 .   ? 9.168   1.853   -20.890 1.00 10.55 ? 213  HOH A O   1 
HETATM 1397 O  O   . HOH I 6 .   ? 13.354  -8.834  -5.352  1.00 13.14 ? 214  HOH A O   1 
HETATM 1398 O  O   . HOH I 6 .   ? 3.775   12.136  -18.040 1.00 12.65 ? 215  HOH A O   1 
HETATM 1399 O  O   . HOH I 6 .   ? 6.296   3.099   -15.276 1.00 10.25 ? 217  HOH A O   1 
HETATM 1400 O  O   . HOH I 6 .   ? 5.926   1.615   7.666   1.00 12.94 ? 218  HOH A O   1 
HETATM 1401 O  O   . HOH I 6 .   ? 8.086   -1.059  0.230   1.00 15.33 ? 219  HOH A O   1 
HETATM 1402 O  O   . HOH I 6 .   ? -18.291 8.183   1.355   1.00 11.56 ? 220  HOH A O   1 
HETATM 1403 O  O   . HOH I 6 .   ? 4.745   2.965   -11.504 1.00 12.80 ? 221  HOH A O   1 
HETATM 1404 O  O   . HOH I 6 .   ? 8.194   5.545   -5.955  1.00 10.82 ? 222  HOH A O   1 
HETATM 1405 O  O   . HOH I 6 .   ? 5.628   -2.008  -2.382  1.00 14.24 ? 223  HOH A O   1 
HETATM 1406 O  O   . HOH I 6 .   ? -5.592  7.080   11.856  1.00 10.77 ? 224  HOH A O   1 
HETATM 1407 O  O   . HOH I 6 .   ? -16.902 -10.194 2.104   1.00 15.84 ? 225  HOH A O   1 
HETATM 1408 O  O   . HOH I 6 .   ? 13.130  -2.292  4.021   1.00 16.38 ? 226  HOH A O   1 
HETATM 1409 O  O   . HOH I 6 .   ? 13.149  10.858  -16.079 1.00 16.51 ? 227  HOH A O   1 
HETATM 1410 O  O   . HOH I 6 .   ? 14.003  15.447  -8.606  1.00 12.85 ? 228  HOH A O   1 
HETATM 1411 O  O   . HOH I 6 .   ? -21.244 -0.752  -1.646  1.00 12.24 ? 229  HOH A O   1 
HETATM 1412 O  O   . HOH I 6 .   ? -2.131  -9.364  -4.496  1.00 19.03 ? 230  HOH A O   1 
HETATM 1413 O  O   . HOH I 6 .   ? -8.555  13.120  11.484  1.00 14.11 ? 231  HOH A O   1 
HETATM 1414 O  O   . HOH I 6 .   ? 4.630   12.471  -11.699 1.00 16.69 ? 232  HOH A O   1 
HETATM 1415 O  O   . HOH I 6 .   ? -1.523  12.787  -8.491  1.00 14.14 ? 233  HOH A O   1 
HETATM 1416 O  O   . HOH I 6 .   ? -0.327  16.581  0.325   1.00 11.92 ? 234  HOH A O   1 
HETATM 1417 O  O   . HOH I 6 .   ? -4.515  17.215  1.721   1.00 15.09 ? 235  HOH A O   1 
HETATM 1418 O  O   . HOH I 6 .   ? 0.240   -10.668 16.399  1.00 19.68 ? 236  HOH A O   1 
HETATM 1419 O  O   . HOH I 6 .   ? 3.659   11.400  -6.410  1.00 13.14 ? 237  HOH A O   1 
HETATM 1420 O  O   . HOH I 6 .   ? -16.340 1.575   16.550  1.00 15.46 ? 238  HOH A O   1 
HETATM 1421 O  O   . HOH I 6 .   ? 3.079   -7.269  6.064   1.00 19.66 ? 239  HOH A O   1 
HETATM 1422 O  O   . HOH I 6 .   ? 5.619   6.659   -17.021 1.00 16.11 ? 240  HOH A O   1 
HETATM 1423 O  O   . HOH I 6 .   ? -16.511 10.238  1.615   1.00 20.55 ? 241  HOH A O   1 
HETATM 1424 O  O   . HOH I 6 .   ? 7.296   13.545  -10.536 1.00 16.76 ? 242  HOH A O   1 
HETATM 1425 O  O   . HOH I 6 .   ? 5.021   12.035  -1.562  1.00 18.32 ? 243  HOH A O   1 
HETATM 1426 O  O   . HOH I 6 .   ? -4.404  -1.815  -11.023 1.00 24.37 ? 244  HOH A O   1 
HETATM 1427 O  O   . HOH I 6 .   ? -1.398  -1.409  4.348   1.00 10.54 ? 246  HOH A O   1 
HETATM 1428 O  O   . HOH I 6 .   ? 6.701   -1.153  7.984   1.00 14.47 ? 247  HOH A O   1 
HETATM 1429 O  O   . HOH I 6 .   ? 16.711  11.754  -14.462 1.00 17.24 ? 248  HOH A O   1 
HETATM 1430 O  O   . HOH I 6 .   ? 16.429  14.181  -6.626  1.00 14.83 ? 249  HOH A O   1 
HETATM 1431 O  O   . HOH I 6 .   ? 6.458   12.088  5.525   1.00 18.73 ? 250  HOH A O   1 
HETATM 1432 O  O   . HOH I 6 .   ? 0.737   5.829   15.127  1.00 15.47 ? 251  HOH A O   1 
HETATM 1433 O  O   . HOH I 6 .   ? 11.927  -10.299 5.134   1.00 14.53 ? 252  HOH A O   1 
HETATM 1434 O  O   . HOH I 6 .   ? 10.180  10.661  -15.479 1.00 15.71 ? 253  HOH A O   1 
HETATM 1435 O  O   . HOH I 6 .   ? -10.694 0.382   -12.469 1.00 21.45 ? 254  HOH A O   1 
HETATM 1436 O  O   . HOH I 6 .   ? 4.341   14.027  2.438   1.00 14.80 ? 255  HOH A O   1 
HETATM 1437 O  O   . HOH I 6 .   ? 6.427   13.398  -16.078 1.00 15.60 ? 256  HOH A O   1 
HETATM 1438 O  O   . HOH I 6 .   ? 7.496   13.913  -13.319 1.00 19.65 ? 257  HOH A O   1 
HETATM 1439 O  O   . HOH I 6 .   ? 7.799   -17.837 6.634   1.00 42.69 ? 258  HOH A O   1 
HETATM 1440 O  O   . HOH I 6 .   ? -1.354  18.993  -0.380  1.00 18.85 ? 259  HOH A O   1 
HETATM 1441 O  O   . HOH I 6 .   ? -13.639 -11.652 -0.662  1.00 15.63 ? 260  HOH A O   1 
HETATM 1442 O  O   . HOH I 6 .   ? -2.408  -10.408 15.734  1.00 18.87 ? 261  HOH A O   1 
HETATM 1443 O  O   . HOH I 6 .   ? 8.107   -3.061  -1.936  1.00 12.19 ? 262  HOH A O   1 
HETATM 1444 O  O   . HOH I 6 .   ? 14.657  -10.272 4.157   1.00 16.06 ? 263  HOH A O   1 
HETATM 1445 O  O   . HOH I 6 .   ? 20.683  9.610   -17.166 1.00 25.19 ? 264  HOH A O   1 
HETATM 1446 O  O   . HOH I 6 .   ? 19.455  9.607   -11.190 1.00 23.30 ? 265  HOH A O   1 
HETATM 1447 O  O   . HOH I 6 .   ? 19.131  5.783   -21.260 1.00 21.79 ? 266  HOH A O   1 
HETATM 1448 O  O   . HOH I 6 .   ? 14.294  13.990  -12.645 1.00 22.24 ? 267  HOH A O   1 
HETATM 1449 O  O   . HOH I 6 .   ? 17.777  7.998   -0.818  1.00 22.83 ? 268  HOH A O   1 
HETATM 1450 O  O   . HOH I 6 .   ? -13.237 -8.974  -9.818  1.00 19.53 ? 269  HOH A O   1 
HETATM 1451 O  O   . HOH I 6 .   ? 7.082   15.367  -8.561  1.00 18.66 ? 270  HOH A O   1 
HETATM 1452 O  O   . HOH I 6 .   ? 16.389  -10.758 -0.052  1.00 20.10 ? 271  HOH A O   1 
HETATM 1453 O  O   . HOH I 6 .   ? 4.662   -1.973  0.331   1.00 14.99 ? 272  HOH A O   1 
HETATM 1454 O  O   . HOH I 6 .   ? -1.201  6.069   -13.357 1.00 22.37 ? 273  HOH A O   1 
HETATM 1455 O  O   . HOH I 6 .   ? 9.024   13.541  0.541   1.00 18.09 ? 274  HOH A O   1 
HETATM 1456 O  O   . HOH I 6 .   ? 10.365  3.741   -0.176  1.00 21.20 ? 275  HOH A O   1 
HETATM 1457 O  O   . HOH I 6 .   ? -15.986 -10.298 -0.484  1.00 20.46 ? 276  HOH A O   1 
HETATM 1458 O  O   . HOH I 6 .   ? 19.045  11.296  -13.306 1.00 19.86 ? 277  HOH A O   1 
HETATM 1459 O  O   . HOH I 6 .   ? 17.904  -11.044 -3.180  1.00 19.64 ? 278  HOH A O   1 
HETATM 1460 O  O   . HOH I 6 .   ? 5.141   -1.678  5.688   1.00 19.70 ? 279  HOH A O   1 
HETATM 1461 O  O   . HOH I 6 .   ? -13.944 8.069   15.550  1.00 26.10 ? 280  HOH A O   1 
HETATM 1462 O  O   . HOH I 6 .   ? 8.838   -7.838  10.788  1.00 14.48 ? 281  HOH A O   1 
HETATM 1463 O  O   . HOH I 6 .   ? 9.984   12.424  -13.433 1.00 20.44 ? 282  HOH A O   1 
HETATM 1464 O  O   . HOH I 6 .   ? 20.081  -5.200  -15.458 1.00 20.61 ? 283  HOH A O   1 
HETATM 1465 O  O   . HOH I 6 .   ? 21.255  -9.931  -2.093  1.00 18.62 ? 284  HOH A O   1 
HETATM 1466 O  O   . HOH I 6 .   ? 15.202  -5.534  3.948   1.00 16.95 ? 285  HOH A O   1 
HETATM 1467 O  O   . HOH I 6 .   ? -10.889 -3.414  18.006  1.00 25.14 ? 287  HOH A O   1 
HETATM 1468 O  O   . HOH I 6 .   ? -1.284  3.385   -12.846 1.00 26.87 ? 288  HOH A O   1 
HETATM 1469 O  O   . HOH I 6 .   ? 4.650   -1.081  -5.781  1.00 20.72 ? 290  HOH A O   1 
HETATM 1470 O  O   . HOH I 6 .   ? -18.807 9.311   -1.181  1.00 21.05 ? 291  HOH A O   1 
HETATM 1471 O  O   . HOH I 6 .   ? -10.170 -10.941 -6.531  1.00 21.95 ? 292  HOH A O   1 
HETATM 1472 O  O   . HOH I 6 .   ? 20.813  10.747  -9.173  1.00 20.27 ? 293  HOH A O   1 
HETATM 1473 O  O   . HOH I 6 .   ? 7.979   6.565   -15.837 1.00 16.76 ? 294  HOH A O   1 
HETATM 1474 O  O   . HOH I 6 .   ? 5.663   -7.618  5.051   1.00 20.36 ? 295  HOH A O   1 
HETATM 1475 O  O   . HOH I 6 .   ? 11.277  9.013   5.438   1.00 35.24 ? 296  HOH A O   1 
HETATM 1476 O  O   . HOH I 6 .   ? -17.248 3.700   -7.506  1.00 25.19 ? 297  HOH A O   1 
HETATM 1477 O  O   . HOH I 6 .   ? 15.127  16.093  -11.214 1.00 30.75 ? 298  HOH A O   1 
HETATM 1478 O  O   . HOH I 6 .   ? 8.301   -1.364  -12.241 1.00 20.36 ? 299  HOH A O   1 
HETATM 1479 O  O   . HOH I 6 .   ? -22.246 -0.072  4.079   1.00 22.45 ? 300  HOH A O   1 
HETATM 1480 O  O   . HOH I 6 .   ? -13.785 -9.386  15.122  1.00 17.65 ? 301  HOH A O   1 
HETATM 1481 O  O   . HOH I 6 .   ? 18.877  5.586   -0.794  1.00 30.08 ? 302  HOH A O   1 
HETATM 1482 O  O   . HOH I 6 .   ? -7.827  6.933   -10.737 1.00 26.80 ? 303  HOH A O   1 
HETATM 1483 O  O   . HOH I 6 .   ? 18.518  -3.119  0.971   1.00 18.66 ? 304  HOH A O   1 
HETATM 1484 O  O   . HOH I 6 .   ? -4.759  -4.465  -9.638  1.00 29.29 ? 305  HOH A O   1 
HETATM 1485 O  O   . HOH I 6 .   ? -2.914  -8.363  -7.223  1.00 21.96 ? 306  HOH A O   1 
HETATM 1486 O  O   . HOH I 6 .   ? 2.687   8.820   -15.855 1.00 23.24 ? 307  HOH A O   1 
HETATM 1487 O  O   . HOH I 6 .   ? 20.103  0.731   -1.002  1.00 23.40 ? 308  HOH A O   1 
HETATM 1488 O  O   . HOH I 6 .   ? -19.501 -10.070 10.158  1.00 22.60 ? 309  HOH A O   1 
HETATM 1489 O  O   . HOH I 6 .   ? 7.975   10.286  6.789   1.00 26.97 ? 310  HOH A O   1 
HETATM 1490 O  O   . HOH I 6 .   ? -6.758  -4.664  16.059  1.00 21.04 ? 311  HOH A O   1 
HETATM 1491 O  O   . HOH I 6 .   ? 13.931  0.928   3.911   1.00 27.75 ? 312  HOH A O   1 
HETATM 1492 O  O   . HOH I 6 .   ? -13.315 2.265   18.600  1.00 20.45 ? 313  HOH A O   1 
HETATM 1493 O  O   . HOH I 6 .   ? 15.499  -9.836  -3.423  1.00 17.22 ? 314  HOH A O   1 
HETATM 1494 O  O   . HOH I 6 .   ? 13.074  8.812   -18.426 1.00 25.75 ? 315  HOH A O   1 
HETATM 1495 O  O   . HOH I 6 .   ? 19.319  10.554  -6.945  1.00 22.80 ? 316  HOH A O   1 
HETATM 1496 O  O   . HOH I 6 .   ? 6.590   -6.467  -0.811  1.00 24.84 ? 317  HOH A O   1 
HETATM 1497 O  O   . HOH I 6 .   ? 6.464   -2.825  13.013  1.00 25.07 ? 318  HOH A O   1 
HETATM 1498 O  O   . HOH I 6 .   ? 3.443   -3.089  -3.704  1.00 22.24 ? 319  HOH A O   1 
HETATM 1499 O  O   . HOH I 6 .   ? -0.679  3.224   15.754  1.00 23.63 ? 320  HOH A O   1 
HETATM 1500 O  O   . HOH I 6 .   ? 16.763  -10.343 -15.809 1.00 23.85 ? 321  HOH A O   1 
HETATM 1501 O  O   . HOH I 6 .   ? -17.005 -7.704  -1.078  1.00 21.54 ? 322  HOH A O   1 
HETATM 1502 O  O   . HOH I 6 .   ? -3.089  -4.142  17.615  1.00 28.63 ? 323  HOH A O   1 
HETATM 1503 O  O   . HOH I 6 .   ? 20.811  0.053   -15.823 1.00 22.33 ? 324  HOH A O   1 
HETATM 1504 O  O   . HOH I 6 .   ? 21.758  -10.442 -7.615  1.00 22.18 ? 325  HOH A O   1 
HETATM 1505 O  O   . HOH I 6 .   ? 19.191  -3.159  -17.050 1.00 29.02 ? 326  HOH A O   1 
HETATM 1506 O  O   . HOH I 6 .   ? 2.982   1.229   -14.072 1.00 19.36 ? 327  HOH A O   1 
HETATM 1507 O  O   . HOH I 6 .   ? 0.028   -0.115  -6.691  1.00 24.63 ? 328  HOH A O   1 
HETATM 1508 O  O   . HOH I 6 .   ? -9.412  12.537  16.642  1.00 28.76 ? 329  HOH A O   1 
HETATM 1509 O  O   . HOH I 6 .   ? 9.423   8.406   -16.572 1.00 26.24 ? 330  HOH A O   1 
HETATM 1510 O  O   . HOH I 6 .   ? 8.747   7.202   6.529   1.00 25.40 ? 331  HOH A O   1 
HETATM 1511 O  O   . HOH I 6 .   ? 7.910   0.806   4.556   1.00 26.08 ? 332  HOH A O   1 
HETATM 1512 O  O   . HOH I 6 .   ? 9.535   -0.455  6.897   1.00 26.05 ? 333  HOH A O   1 
HETATM 1513 O  O   . HOH I 6 .   ? -4.750  -0.602  15.816  1.00 25.41 ? 334  HOH A O   1 
HETATM 1514 O  O   . HOH I 6 .   ? -11.690 8.672   17.438  1.00 27.51 ? 335  HOH A O   1 
HETATM 1515 O  O   . HOH I 6 .   ? 11.987  14.137  -14.044 1.00 21.46 ? 336  HOH A O   1 
HETATM 1516 O  O   . HOH I 6 .   ? 10.567  -9.254  -13.077 1.00 20.73 ? 337  HOH A O   1 
HETATM 1517 O  O   . HOH I 6 .   ? -4.436  -3.205  15.656  1.00 22.52 ? 338  HOH A O   1 
HETATM 1518 O  O   . HOH I 6 .   ? -1.654  -2.125  -6.154  1.00 27.32 ? 339  HOH A O   1 
HETATM 1519 O  O   . HOH I 6 .   ? 21.812  -1.143  -7.129  1.00 30.74 ? 340  HOH A O   1 
HETATM 1520 O  O   . HOH I 6 .   ? 22.269  -9.866  -10.484 1.00 29.71 ? 341  HOH A O   1 
HETATM 1521 O  O   . HOH I 6 .   ? 8.896   -10.115 7.334   1.00 26.82 ? 342  HOH A O   1 
HETATM 1522 O  O   . HOH I 6 .   ? 21.426  10.342  -14.833 1.00 24.61 ? 343  HOH A O   1 
HETATM 1523 O  O   . HOH I 6 .   ? 3.153   10.006  -12.299 1.00 19.13 ? 344  HOH A O   1 
HETATM 1524 O  O   . HOH I 6 .   ? 19.920  -0.901  1.243   1.00 27.31 ? 345  HOH A O   1 
HETATM 1525 O  O   . HOH I 6 .   ? 13.844  -11.962 -3.756  1.00 27.21 ? 346  HOH A O   1 
HETATM 1526 O  O   . HOH I 6 .   ? 2.410   14.242  6.344   1.00 23.68 ? 347  HOH A O   1 
HETATM 1527 O  O   . HOH I 6 .   ? 12.009  16.676  -13.487 1.00 35.21 ? 348  HOH A O   1 
HETATM 1528 O  O   . HOH I 6 .   ? 9.553   0.531   9.840   1.00 20.80 ? 349  HOH A O   1 
HETATM 1529 O  O   . HOH I 6 .   ? 21.721  1.280   -6.929  1.00 43.71 ? 351  HOH A O   1 
HETATM 1530 O  O   . HOH I 6 .   ? -7.131  -9.551  16.893  1.00 25.81 ? 353  HOH A O   1 
HETATM 1531 O  O   . HOH I 6 .   ? 8.616   -10.893 -9.529  1.00 25.92 ? 354  HOH A O   1 
HETATM 1532 O  O   . HOH I 6 .   ? -19.238 -6.395  -6.916  1.00 25.03 ? 355  HOH A O   1 
HETATM 1533 O  O   . HOH I 6 .   ? 10.319  -1.095  4.051   1.00 31.63 ? 356  HOH A O   1 
HETATM 1534 O  O   . HOH I 6 .   ? 6.202   -3.954  1.437   1.00 28.58 ? 357  HOH A O   1 
HETATM 1535 O  O   . HOH I 6 .   ? -19.132 -8.264  2.043   1.00 34.27 ? 358  HOH A O   1 
HETATM 1536 O  O   . HOH I 6 .   ? 12.392  -11.560 -13.553 1.00 37.82 ? 359  HOH A O   1 
HETATM 1537 O  O   . HOH I 6 .   ? 12.747  -12.315 -0.305  1.00 27.24 ? 360  HOH A O   1 
HETATM 1538 O  O   . HOH I 6 .   ? 21.695  -6.823  -3.656  1.00 26.75 ? 361  HOH A O   1 
HETATM 1539 O  O   . HOH I 6 .   ? 12.734  6.855   4.023   1.00 20.60 ? 362  HOH A O   1 
HETATM 1540 O  O   . HOH I 6 .   ? -2.902  -4.600  -7.347  1.00 34.03 ? 363  HOH A O   1 
HETATM 1541 O  O   . HOH I 6 .   ? 14.717  -2.253  -19.012 1.00 26.01 ? 364  HOH A O   1 
HETATM 1542 O  O   . HOH I 6 .   ? 8.309   -4.090  -12.264 1.00 24.02 ? 365  HOH A O   1 
HETATM 1543 O  O   . HOH I 6 .   ? 10.171  16.433  -6.224  1.00 35.34 ? 366  HOH A O   1 
HETATM 1544 O  O   . HOH I 6 .   ? 5.387   -2.038  -8.291  1.00 24.39 ? 367  HOH A O   1 
HETATM 1545 O  O   . HOH I 6 .   ? 4.895   -5.907  2.983   1.00 24.82 ? 368  HOH A O   1 
HETATM 1546 O  O   . HOH I 6 .   ? -3.241  6.305   17.202  1.00 25.01 ? 369  HOH A O   1 
HETATM 1547 O  O   . HOH I 6 .   ? -23.321 -4.731  4.610   1.00 26.84 ? 371  HOH A O   1 
HETATM 1548 O  O   . HOH I 6 .   ? 15.070  12.906  -1.845  1.00 24.92 ? 372  HOH A O   1 
HETATM 1549 O  O   . HOH I 6 .   ? -8.172  -2.733  17.406  1.00 23.67 ? 373  HOH A O   1 
HETATM 1550 O  O   . HOH I 6 .   ? -8.989  4.535   -11.742 1.00 31.40 ? 374  HOH A O   1 
HETATM 1551 O  O   . HOH I 6 .   ? 12.742  2.270   -21.704 1.00 30.07 ? 375  HOH A O   1 
HETATM 1552 O  O   . HOH I 6 .   ? 6.529   0.907   10.960  1.00 29.90 ? 376  HOH A O   1 
HETATM 1553 O  O   . HOH I 6 .   ? 15.026  0.030   -20.958 1.00 27.46 ? 377  HOH A O   1 
HETATM 1554 O  O   . HOH I 6 .   ? -22.188 -6.998  3.969   1.00 36.61 ? 379  HOH A O   1 
HETATM 1555 O  O   . HOH I 6 .   ? -10.901 3.139   -12.861 1.00 28.56 ? 380  HOH A O   1 
HETATM 1556 O  O   . HOH I 6 .   ? 8.151   13.877  4.223   1.00 29.05 ? 381  HOH A O   1 
HETATM 1557 O  O   . HOH I 6 .   ? -6.544  4.622   -13.321 1.00 32.23 ? 382  HOH A O   1 
HETATM 1558 O  O   . HOH I 6 .   ? 8.008   1.772   13.373  1.00 38.50 ? 383  HOH A O   1 
HETATM 1559 O  O   . HOH I 6 .   ? 16.291  14.780  -3.724  1.00 28.98 ? 384  HOH A O   1 
HETATM 1560 O  O   . HOH I 6 .   ? -19.443 -9.433  12.775  1.00 34.12 ? 385  HOH A O   1 
HETATM 1561 O  O   . HOH I 6 .   ? 7.228   -14.862 6.705   1.00 42.14 ? 386  HOH A O   1 
HETATM 1562 O  O   . HOH I 6 .   ? -3.090  3.333   16.669  1.00 29.11 ? 387  HOH A O   1 
HETATM 1563 O  O   . HOH I 6 .   ? 9.444   4.827   -23.071 1.00 24.09 ? 388  HOH A O   1 
HETATM 1564 O  O   . HOH I 6 .   ? -17.363 -11.325 8.573   1.00 30.00 ? 390  HOH A O   1 
HETATM 1565 O  O   . HOH I 6 .   ? 1.634   1.494   -11.397 1.00 31.59 ? 391  HOH A O   1 
HETATM 1566 O  O   . HOH I 6 .   ? -13.777 2.745   -13.013 1.00 31.61 ? 392  HOH A O   1 
HETATM 1567 O  O   . HOH I 6 .   ? 2.083   -0.751  -5.293  1.00 30.82 ? 393  HOH A O   1 
HETATM 1568 O  O   . HOH I 6 .   ? 19.996  -3.475  -2.779  1.00 30.55 ? 394  HOH A O   1 
HETATM 1569 O  O   . HOH I 6 .   ? 21.738  -12.184 -11.727 1.00 43.18 ? 395  HOH A O   1 
HETATM 1570 O  O   . HOH I 6 .   ? 20.036  -4.762  -0.579  1.00 30.63 ? 396  HOH A O   1 
HETATM 1571 O  O   . HOH I 6 .   ? -15.878 -3.983  -10.026 1.00 30.22 ? 399  HOH A O   1 
HETATM 1572 O  O   . HOH I 6 .   ? -21.078 -6.512  -1.269  1.00 28.59 ? 400  HOH A O   1 
HETATM 1573 O  O   . HOH I 6 .   ? 7.476   4.936   -25.323 1.00 37.82 ? 401  HOH A O   1 
HETATM 1574 O  O   . HOH I 6 .   ? 9.752   3.162   5.888   1.00 39.20 ? 402  HOH A O   1 
HETATM 1575 O  O   . HOH I 6 .   ? 7.498   12.731  -1.883  1.00 32.60 ? 403  HOH A O   1 
HETATM 1576 O  O   . HOH I 6 .   ? 7.177   9.906   9.375   1.00 30.84 ? 404  HOH A O   1 
HETATM 1577 O  O   . HOH I 6 .   ? -1.803  16.271  8.273   1.00 27.21 ? 405  HOH A O   1 
HETATM 1578 O  O   . HOH I 6 .   ? 6.598   14.023  -20.086 1.00 26.51 ? 406  HOH A O   1 
HETATM 1579 O  O   . HOH I 6 .   ? -9.705  -0.889  -14.665 1.00 34.10 ? 407  HOH A O   1 
HETATM 1580 O  O   . HOH I 6 .   ? 4.296   -5.226  -2.158  1.00 32.52 ? 409  HOH A O   1 
HETATM 1581 O  O   . HOH I 6 .   ? 6.723   -1.286  3.258   1.00 26.28 ? 410  HOH A O   1 
HETATM 1582 O  O   . HOH I 6 .   ? 9.233   -2.378  -14.583 1.00 30.05 ? 411  HOH A O   1 
HETATM 1583 O  O   . HOH I 6 .   ? 24.449  2.788   -7.638  1.00 34.01 ? 412  HOH A O   1 
HETATM 1584 O  O   . HOH I 6 .   ? -8.336  -13.100 -3.663  1.00 32.35 ? 413  HOH A O   1 
HETATM 1585 O  O   . HOH I 6 .   ? 12.861  1.693   6.308   1.00 28.79 ? 414  HOH A O   1 
HETATM 1586 O  O   . HOH I 6 .   ? 18.680  -8.606  -16.351 1.00 35.50 ? 415  HOH A O   1 
HETATM 1587 O  O   . HOH I 6 .   ? 20.626  9.578   -4.718  1.00 28.43 ? 416  HOH A O   1 
HETATM 1588 O  O   . HOH I 6 .   ? 18.096  3.045   -0.906  1.00 36.81 ? 417  HOH A O   1 
HETATM 1589 O  O   . HOH I 6 .   ? 8.452   6.000   -27.844 1.00 46.52 ? 418  HOH A O   1 
HETATM 1590 O  O   . HOH I 6 .   ? 15.290  7.104   4.034   1.00 35.72 ? 419  HOH A O   1 
HETATM 1591 O  O   . HOH I 6 .   ? 8.115   -7.526  7.614   1.00 32.33 ? 420  HOH A O   1 
HETATM 1592 O  O   . HOH I 6 .   ? 21.282  -0.307  -4.376  1.00 33.67 ? 421  HOH A O   1 
HETATM 1593 O  O   . HOH I 6 .   ? -13.466 0.005   -13.168 1.00 26.36 ? 422  HOH A O   1 
HETATM 1594 O  O   . HOH I 6 .   ? 6.301   13.290  -22.685 1.00 34.43 ? 423  HOH A O   1 
HETATM 1595 O  O   . HOH I 6 .   ? 21.748  -3.001  -18.408 1.00 31.09 ? 424  HOH A O   1 
HETATM 1596 O  O   . HOH I 6 .   ? 2.847   1.303   17.402  1.00 32.08 ? 425  HOH A O   1 
HETATM 1597 O  O   . HOH I 6 .   ? -6.069  13.500  14.488  1.00 37.64 ? 426  HOH A O   1 
HETATM 1598 O  O   . HOH I 6 .   ? -21.798 4.177   -1.765  1.00 46.79 ? 428  HOH A O   1 
HETATM 1599 O  O   . HOH I 6 .   ? 16.101  -1.719  3.065   1.00 30.69 ? 429  HOH A O   1 
# 
